data_3WCL
#
_entry.id   3WCL
#
_cell.length_a   85.254
_cell.length_b   153.296
_cell.length_c   90.931
_cell.angle_alpha   90.00
_cell.angle_beta   91.47
_cell.angle_gamma   90.00
#
_symmetry.space_group_name_H-M   'P 1 21 1'
#
loop_
_entity.id
_entity.type
_entity.pdbx_description
1 polymer 'Squalene synthase'
2 non-polymer 'hydrogen [(1R)-2-(3-pentadecyl-1H-imidazol-3-ium-1-yl)-1-phosphonoethyl]phosphonate'
3 water water
#
_entity_poly.entity_id   1
_entity_poly.type   'polypeptide(L)'
_entity_poly.pdbx_seq_one_letter_code
;MGSSHHHHHHSSGLVPRGSHMDQDSLSSSLKTCYKYLNQTSRSFAAVIQALDGEMRNAVCIFYLVLRALDTLEDDMTISV
EKKVPLLHNFHSFLYQPDWRFMESKEKDRQVLEDFPTISLEFRNLAEKYQTVIADICRRMGIGMAEFLDKHVTSEQEWDK
YCHYVAGLVGIGLSRLFSASEFEDPLVGEDTERANSMGLFLQKTNIIRDYLEDQQGGREFWPQEVWSRYVKKLGDFALPE
NIDLAVQCLNELITNALHHIPDVITYLSRLRNQSVFNFCAIPQVMAIATLAACYNNQQVFKGAVLIRLGQAVTLMMDATN
MPAVKAIIYQYMEEIYHRIPDSNPSSSKTRQIISTIRTQN
;
_entity_poly.pdbx_strand_id   A,B,C,D,E,F
#
# COMPACT_ATOMS: atom_id res chain seq x y z
N LEU A 26 9.52 -25.74 -19.51
CA LEU A 26 9.55 -25.54 -20.99
C LEU A 26 9.12 -26.81 -21.75
N SER A 27 8.11 -27.50 -21.23
CA SER A 27 7.63 -28.73 -21.87
C SER A 27 7.02 -28.45 -23.23
N SER A 28 6.99 -29.47 -24.09
CA SER A 28 6.42 -29.32 -25.41
C SER A 28 4.90 -29.24 -25.31
N SER A 29 4.33 -29.91 -24.31
CA SER A 29 2.89 -29.90 -24.11
C SER A 29 2.41 -28.53 -23.66
N LEU A 30 3.16 -27.87 -22.78
CA LEU A 30 2.78 -26.54 -22.30
C LEU A 30 2.92 -25.55 -23.46
N LYS A 31 3.92 -25.80 -24.30
CA LYS A 31 4.19 -24.97 -25.46
C LYS A 31 2.96 -25.03 -26.34
N THR A 32 2.46 -26.25 -26.53
CA THR A 32 1.30 -26.51 -27.36
C THR A 32 0.05 -25.82 -26.80
N CYS A 33 -0.07 -25.80 -25.48
CA CYS A 33 -1.20 -25.16 -24.83
C CYS A 33 -1.25 -23.66 -25.12
N TYR A 34 -0.10 -22.99 -25.07
CA TYR A 34 -0.05 -21.56 -25.35
C TYR A 34 -0.25 -21.34 -26.83
N LYS A 35 0.04 -22.36 -27.62
CA LYS A 35 -0.17 -22.26 -29.04
C LYS A 35 -1.69 -22.31 -29.26
N TYR A 36 -2.38 -23.22 -28.57
CA TYR A 36 -3.83 -23.30 -28.71
C TYR A 36 -4.48 -22.04 -28.14
N LEU A 37 -3.95 -21.54 -27.02
CA LEU A 37 -4.50 -20.34 -26.41
C LEU A 37 -4.59 -19.19 -27.44
N ASN A 38 -3.52 -19.00 -28.21
CA ASN A 38 -3.47 -17.95 -29.20
C ASN A 38 -4.34 -18.22 -30.43
N GLN A 39 -4.59 -19.50 -30.70
CA GLN A 39 -5.41 -19.90 -31.83
C GLN A 39 -6.87 -19.62 -31.54
N THR A 40 -7.28 -19.91 -30.31
CA THR A 40 -8.67 -19.75 -29.88
C THR A 40 -9.00 -18.40 -29.27
N SER A 41 -8.04 -17.79 -28.57
CA SER A 41 -8.28 -16.51 -27.93
C SER A 41 -7.60 -15.34 -28.64
N ARG A 42 -8.22 -14.87 -29.72
CA ARG A 42 -7.65 -13.78 -30.47
C ARG A 42 -7.35 -12.54 -29.62
N SER A 43 -8.17 -12.29 -28.58
CA SER A 43 -7.97 -11.10 -27.76
C SER A 43 -7.70 -11.22 -26.26
N PHE A 44 -7.77 -12.42 -25.67
CA PHE A 44 -7.51 -12.58 -24.24
C PHE A 44 -6.10 -13.12 -23.99
N ALA A 45 -5.54 -13.80 -24.99
CA ALA A 45 -4.22 -14.42 -24.89
C ALA A 45 -3.13 -13.54 -24.29
N ALA A 46 -3.01 -12.30 -24.79
CA ALA A 46 -1.98 -11.39 -24.32
C ALA A 46 -2.07 -11.09 -22.82
N VAL A 47 -3.24 -10.69 -22.34
CA VAL A 47 -3.37 -10.38 -20.92
C VAL A 47 -3.20 -11.62 -20.04
N ILE A 48 -3.59 -12.79 -20.55
CA ILE A 48 -3.42 -14.02 -19.79
C ILE A 48 -1.93 -14.31 -19.61
N GLN A 49 -1.20 -14.27 -20.72
CA GLN A 49 0.23 -14.52 -20.71
C GLN A 49 0.99 -13.48 -19.88
N ALA A 50 0.32 -12.38 -19.53
CA ALA A 50 0.95 -11.32 -18.75
C ALA A 50 0.71 -11.47 -17.24
N LEU A 51 -0.05 -12.49 -16.85
CA LEU A 51 -0.34 -12.71 -15.44
C LEU A 51 0.93 -13.13 -14.68
N ASP A 52 1.06 -12.69 -13.43
CA ASP A 52 2.22 -13.04 -12.63
C ASP A 52 2.23 -14.50 -12.20
N GLY A 53 3.44 -15.01 -11.96
CA GLY A 53 3.64 -16.38 -11.48
C GLY A 53 2.76 -17.52 -11.95
N GLU A 54 2.28 -18.31 -11.00
CA GLU A 54 1.45 -19.49 -11.27
C GLU A 54 0.12 -19.20 -11.95
N MET A 55 -0.38 -17.97 -11.80
CA MET A 55 -1.67 -17.63 -12.40
C MET A 55 -1.63 -17.82 -13.91
N ARG A 56 -0.49 -17.48 -14.50
CA ARG A 56 -0.30 -17.57 -15.94
C ARG A 56 -0.78 -18.93 -16.48
N ASN A 57 -0.10 -20.01 -16.09
CA ASN A 57 -0.48 -21.34 -16.55
C ASN A 57 -1.88 -21.73 -16.11
N ALA A 58 -2.21 -21.47 -14.85
CA ALA A 58 -3.54 -21.82 -14.34
C ALA A 58 -4.65 -21.28 -15.23
N VAL A 59 -4.61 -19.96 -15.49
CA VAL A 59 -5.62 -19.33 -16.31
C VAL A 59 -5.55 -19.83 -17.76
N CYS A 60 -4.35 -19.99 -18.30
CA CYS A 60 -4.24 -20.49 -19.66
C CYS A 60 -4.98 -21.82 -19.82
N ILE A 61 -4.71 -22.75 -18.91
CA ILE A 61 -5.34 -24.07 -18.95
C ILE A 61 -6.85 -23.99 -18.71
N PHE A 62 -7.24 -23.12 -17.79
CA PHE A 62 -8.65 -22.94 -17.47
C PHE A 62 -9.39 -22.47 -18.72
N TYR A 63 -8.72 -21.62 -19.49
CA TYR A 63 -9.31 -21.09 -20.71
C TYR A 63 -9.47 -22.19 -21.75
N LEU A 64 -8.45 -23.02 -21.88
CA LEU A 64 -8.50 -24.10 -22.85
C LEU A 64 -9.59 -25.12 -22.53
N VAL A 65 -9.73 -25.50 -21.27
CA VAL A 65 -10.75 -26.48 -20.92
C VAL A 65 -12.13 -25.85 -21.10
N LEU A 66 -12.26 -24.57 -20.71
CA LEU A 66 -13.54 -23.90 -20.89
C LEU A 66 -13.87 -23.81 -22.38
N ARG A 67 -12.86 -23.55 -23.20
CA ARG A 67 -13.03 -23.42 -24.64
C ARG A 67 -13.49 -24.77 -25.23
N ALA A 68 -12.93 -25.86 -24.74
CA ALA A 68 -13.31 -27.17 -25.24
C ALA A 68 -14.75 -27.48 -24.82
N LEU A 69 -15.11 -27.13 -23.59
CA LEU A 69 -16.46 -27.37 -23.11
C LEU A 69 -17.47 -26.57 -23.94
N ASP A 70 -17.15 -25.32 -24.24
CA ASP A 70 -18.02 -24.46 -25.04
C ASP A 70 -18.18 -24.98 -26.46
N THR A 71 -17.12 -25.56 -27.01
CA THR A 71 -17.17 -26.08 -28.36
C THR A 71 -18.17 -27.24 -28.45
N LEU A 72 -18.19 -28.08 -27.41
CA LEU A 72 -19.13 -29.20 -27.36
C LEU A 72 -20.56 -28.67 -27.34
N GLU A 73 -20.82 -27.68 -26.47
CA GLU A 73 -22.15 -27.10 -26.36
C GLU A 73 -22.65 -26.53 -27.70
N ASP A 74 -21.79 -25.78 -28.38
CA ASP A 74 -22.10 -25.16 -29.66
C ASP A 74 -22.29 -26.10 -30.84
N ASP A 75 -21.64 -27.26 -30.81
CA ASP A 75 -21.73 -28.18 -31.92
C ASP A 75 -23.12 -28.80 -32.06
N MET A 76 -23.84 -28.36 -33.09
CA MET A 76 -25.18 -28.84 -33.33
C MET A 76 -25.24 -30.16 -34.10
N THR A 77 -24.09 -30.71 -34.47
CA THR A 77 -24.06 -32.00 -35.16
C THR A 77 -24.02 -33.08 -34.08
N ILE A 78 -23.87 -32.66 -32.82
CA ILE A 78 -23.86 -33.59 -31.71
C ILE A 78 -25.27 -33.56 -31.16
N SER A 79 -25.94 -34.71 -31.17
CA SER A 79 -27.32 -34.78 -30.69
C SER A 79 -27.39 -34.49 -29.20
N VAL A 80 -28.53 -33.97 -28.77
CA VAL A 80 -28.78 -33.65 -27.37
C VAL A 80 -28.53 -34.82 -26.41
N GLU A 81 -29.01 -36.01 -26.76
CA GLU A 81 -28.81 -37.17 -25.87
C GLU A 81 -27.35 -37.57 -25.77
N LYS A 82 -26.58 -37.28 -26.82
CA LYS A 82 -25.16 -37.58 -26.82
C LYS A 82 -24.43 -36.45 -26.12
N LYS A 83 -24.91 -35.23 -26.32
CA LYS A 83 -24.30 -34.06 -25.71
C LYS A 83 -24.44 -33.98 -24.20
N VAL A 84 -25.63 -34.26 -23.67
CA VAL A 84 -25.85 -34.17 -22.23
C VAL A 84 -24.79 -34.87 -21.38
N PRO A 85 -24.48 -36.15 -21.70
CA PRO A 85 -23.47 -36.91 -20.96
C PRO A 85 -22.10 -36.23 -21.06
N LEU A 86 -21.79 -35.73 -22.26
CA LEU A 86 -20.52 -35.06 -22.49
C LEU A 86 -20.39 -33.81 -21.64
N LEU A 87 -21.46 -33.04 -21.51
CA LEU A 87 -21.43 -31.82 -20.72
C LEU A 87 -21.40 -32.15 -19.22
N HIS A 88 -22.19 -33.14 -18.82
CA HIS A 88 -22.24 -33.57 -17.42
C HIS A 88 -20.92 -34.16 -16.94
N ASN A 89 -20.29 -34.95 -17.80
CA ASN A 89 -19.05 -35.63 -17.44
C ASN A 89 -17.75 -34.98 -17.89
N PHE A 90 -17.83 -33.80 -18.48
CA PHE A 90 -16.62 -33.14 -18.95
C PHE A 90 -15.56 -32.99 -17.84
N HIS A 91 -15.95 -32.54 -16.67
CA HIS A 91 -15.00 -32.36 -15.58
C HIS A 91 -14.19 -33.61 -15.26
N SER A 92 -14.80 -34.79 -15.41
CA SER A 92 -14.08 -36.03 -15.10
C SER A 92 -13.07 -36.41 -16.17
N PHE A 93 -13.26 -35.93 -17.40
CA PHE A 93 -12.32 -36.22 -18.48
C PHE A 93 -10.97 -35.60 -18.18
N LEU A 94 -10.98 -34.52 -17.41
CA LEU A 94 -9.74 -33.85 -17.04
C LEU A 94 -8.78 -34.84 -16.39
N TYR A 95 -9.33 -35.91 -15.85
CA TYR A 95 -8.53 -36.93 -15.20
C TYR A 95 -8.38 -38.22 -15.99
N GLN A 96 -8.81 -38.19 -17.25
CA GLN A 96 -8.71 -39.33 -18.15
C GLN A 96 -7.69 -38.98 -19.24
N PRO A 97 -6.40 -39.24 -18.95
CA PRO A 97 -5.25 -38.97 -19.84
C PRO A 97 -5.46 -39.17 -21.33
N ASP A 98 -6.20 -40.20 -21.71
CA ASP A 98 -6.40 -40.48 -23.13
C ASP A 98 -7.70 -39.94 -23.71
N TRP A 99 -8.60 -39.42 -22.88
CA TRP A 99 -9.85 -38.89 -23.40
C TRP A 99 -9.65 -37.77 -24.41
N ARG A 100 -10.45 -37.81 -25.48
CA ARG A 100 -10.42 -36.81 -26.52
C ARG A 100 -11.70 -36.98 -27.31
N PHE A 101 -12.05 -36.00 -28.14
CA PHE A 101 -13.28 -36.08 -28.93
C PHE A 101 -12.95 -35.80 -30.39
N MET A 102 -13.23 -36.76 -31.25
CA MET A 102 -12.91 -36.65 -32.67
C MET A 102 -14.05 -36.32 -33.64
N GLU A 103 -15.26 -36.08 -33.14
CA GLU A 103 -16.37 -35.79 -34.03
C GLU A 103 -16.79 -34.34 -34.12
N SER A 104 -16.12 -33.45 -33.41
CA SER A 104 -16.49 -32.05 -33.49
C SER A 104 -16.26 -31.54 -34.89
N LYS A 105 -17.11 -30.62 -35.34
CA LYS A 105 -16.99 -30.04 -36.66
C LYS A 105 -16.76 -28.54 -36.51
N GLU A 106 -16.83 -28.06 -35.26
CA GLU A 106 -16.64 -26.66 -34.94
C GLU A 106 -15.22 -26.19 -35.25
N LYS A 107 -15.07 -24.88 -35.36
CA LYS A 107 -13.80 -24.23 -35.67
C LYS A 107 -12.67 -24.46 -34.66
N ASP A 108 -13.00 -24.60 -33.38
CA ASP A 108 -11.97 -24.81 -32.35
C ASP A 108 -11.88 -26.26 -31.89
N ARG A 109 -12.17 -27.19 -32.79
CA ARG A 109 -12.12 -28.62 -32.45
C ARG A 109 -10.75 -29.14 -32.04
N GLN A 110 -9.70 -28.44 -32.41
CA GLN A 110 -8.34 -28.84 -32.09
C GLN A 110 -8.11 -29.10 -30.60
N VAL A 111 -8.72 -28.29 -29.72
CA VAL A 111 -8.54 -28.47 -28.28
C VAL A 111 -9.31 -29.70 -27.82
N LEU A 112 -10.26 -30.14 -28.64
CA LEU A 112 -11.01 -31.33 -28.30
C LEU A 112 -10.24 -32.55 -28.79
N GLU A 113 -9.74 -32.46 -30.02
CA GLU A 113 -9.00 -33.56 -30.63
C GLU A 113 -7.65 -33.82 -29.96
N ASP A 114 -7.07 -32.81 -29.34
CA ASP A 114 -5.81 -32.97 -28.63
C ASP A 114 -5.99 -32.58 -27.16
N PHE A 115 -7.14 -32.94 -26.62
CA PHE A 115 -7.44 -32.65 -25.22
C PHE A 115 -6.48 -33.34 -24.25
N PRO A 116 -5.89 -34.47 -24.63
CA PRO A 116 -4.97 -35.11 -23.68
C PRO A 116 -3.77 -34.21 -23.35
N THR A 117 -3.35 -33.41 -24.31
CA THR A 117 -2.22 -32.52 -24.10
C THR A 117 -2.62 -31.47 -23.08
N ILE A 118 -3.84 -30.98 -23.20
CA ILE A 118 -4.38 -29.98 -22.30
C ILE A 118 -4.66 -30.57 -20.92
N SER A 119 -5.24 -31.76 -20.87
CA SER A 119 -5.55 -32.38 -19.59
C SER A 119 -4.28 -32.74 -18.84
N LEU A 120 -3.22 -33.03 -19.60
CA LEU A 120 -1.94 -33.37 -19.00
C LEU A 120 -1.40 -32.16 -18.23
N GLU A 121 -1.38 -30.99 -18.88
CA GLU A 121 -0.90 -29.80 -18.20
C GLU A 121 -1.84 -29.44 -17.03
N PHE A 122 -3.12 -29.76 -17.18
CA PHE A 122 -4.08 -29.50 -16.12
C PHE A 122 -3.64 -30.23 -14.86
N ARG A 123 -3.28 -31.51 -15.04
CA ARG A 123 -2.86 -32.35 -13.94
C ARG A 123 -1.49 -31.95 -13.43
N ASN A 124 -0.84 -31.04 -14.15
CA ASN A 124 0.47 -30.54 -13.75
C ASN A 124 0.31 -29.30 -12.86
N LEU A 125 -0.87 -28.72 -12.87
CA LEU A 125 -1.13 -27.54 -12.06
C LEU A 125 -1.20 -27.93 -10.59
N ALA A 126 -0.91 -26.98 -9.71
CA ALA A 126 -1.00 -27.26 -8.28
C ALA A 126 -2.44 -27.67 -8.00
N GLU A 127 -2.60 -28.64 -7.09
CA GLU A 127 -3.91 -29.16 -6.70
C GLU A 127 -4.95 -28.06 -6.39
N LYS A 128 -4.51 -26.96 -5.78
CA LYS A 128 -5.45 -25.89 -5.46
C LYS A 128 -6.13 -25.29 -6.68
N TYR A 129 -5.43 -25.26 -7.81
CA TYR A 129 -6.01 -24.71 -9.04
C TYR A 129 -6.89 -25.78 -9.68
N GLN A 130 -6.41 -27.02 -9.67
CA GLN A 130 -7.16 -28.13 -10.24
C GLN A 130 -8.57 -28.21 -9.65
N THR A 131 -8.65 -28.17 -8.33
CA THR A 131 -9.92 -28.25 -7.62
C THR A 131 -10.91 -27.19 -8.09
N VAL A 132 -10.43 -25.97 -8.23
CA VAL A 132 -11.28 -24.88 -8.69
C VAL A 132 -11.74 -25.07 -10.13
N ILE A 133 -10.82 -25.46 -11.00
CA ILE A 133 -11.14 -25.66 -12.42
C ILE A 133 -12.14 -26.79 -12.63
N ALA A 134 -11.87 -27.94 -12.02
CA ALA A 134 -12.76 -29.09 -12.14
C ALA A 134 -14.15 -28.77 -11.59
N ASP A 135 -14.19 -28.07 -10.46
CA ASP A 135 -15.47 -27.69 -9.84
C ASP A 135 -16.30 -26.81 -10.78
N ILE A 136 -15.66 -25.81 -11.38
CA ILE A 136 -16.37 -24.93 -12.30
C ILE A 136 -16.87 -25.69 -13.53
N CYS A 137 -16.05 -26.59 -14.05
CA CYS A 137 -16.43 -27.38 -15.22
C CYS A 137 -17.62 -28.25 -14.89
N ARG A 138 -17.59 -28.85 -13.70
CA ARG A 138 -18.68 -29.71 -13.27
C ARG A 138 -19.97 -28.90 -13.28
N ARG A 139 -19.98 -27.79 -12.55
CA ARG A 139 -21.16 -26.95 -12.45
C ARG A 139 -21.60 -26.36 -13.80
N MET A 140 -20.65 -25.99 -14.65
CA MET A 140 -20.99 -25.42 -15.95
C MET A 140 -21.61 -26.47 -16.85
N GLY A 141 -21.11 -27.70 -16.74
CA GLY A 141 -21.62 -28.79 -17.54
C GLY A 141 -23.10 -28.99 -17.28
N ILE A 142 -23.47 -29.04 -16.00
CA ILE A 142 -24.86 -29.20 -15.62
C ILE A 142 -25.70 -28.02 -16.14
N GLY A 143 -25.16 -26.82 -15.98
CA GLY A 143 -25.88 -25.64 -16.45
C GLY A 143 -26.08 -25.62 -17.96
N MET A 144 -25.06 -26.00 -18.72
CA MET A 144 -25.17 -25.98 -20.17
C MET A 144 -26.17 -27.04 -20.65
N ALA A 145 -26.14 -28.21 -20.01
CA ALA A 145 -27.06 -29.29 -20.39
C ALA A 145 -28.51 -28.88 -20.14
N GLU A 146 -28.76 -28.22 -19.01
CA GLU A 146 -30.09 -27.76 -18.68
C GLU A 146 -30.74 -26.86 -19.73
N PHE A 147 -29.93 -25.99 -20.35
CA PHE A 147 -30.47 -25.07 -21.36
C PHE A 147 -30.39 -25.56 -22.81
N LEU A 148 -29.91 -26.78 -23.03
CA LEU A 148 -29.79 -27.30 -24.39
C LEU A 148 -31.13 -27.34 -25.13
N ASP A 149 -32.12 -27.94 -24.48
CA ASP A 149 -33.45 -28.11 -25.05
C ASP A 149 -34.34 -26.85 -25.06
N LYS A 150 -34.08 -25.93 -24.15
CA LYS A 150 -34.91 -24.73 -24.06
C LYS A 150 -34.25 -23.41 -24.45
N HIS A 151 -35.06 -22.41 -24.72
CA HIS A 151 -34.60 -21.07 -25.05
C HIS A 151 -34.81 -20.25 -23.78
N VAL A 152 -33.98 -19.23 -23.60
CA VAL A 152 -34.08 -18.35 -22.44
C VAL A 152 -35.41 -17.59 -22.50
N THR A 153 -36.19 -17.68 -21.43
CA THR A 153 -37.48 -17.00 -21.40
C THR A 153 -37.47 -15.66 -20.66
N SER A 154 -37.52 -15.71 -19.33
CA SER A 154 -37.53 -14.50 -18.52
C SER A 154 -36.14 -13.91 -18.32
N GLU A 155 -36.09 -12.69 -17.82
CA GLU A 155 -34.81 -12.06 -17.57
C GLU A 155 -34.10 -12.83 -16.46
N GLN A 156 -34.87 -13.40 -15.54
CA GLN A 156 -34.28 -14.17 -14.46
C GLN A 156 -33.56 -15.39 -15.00
N GLU A 157 -34.11 -15.96 -16.08
CA GLU A 157 -33.52 -17.11 -16.73
C GLU A 157 -32.32 -16.67 -17.55
N TRP A 158 -32.33 -15.42 -18.00
CA TRP A 158 -31.21 -14.90 -18.76
C TRP A 158 -30.03 -14.87 -17.79
N ASP A 159 -30.27 -14.33 -16.60
CA ASP A 159 -29.21 -14.26 -15.58
C ASP A 159 -28.71 -15.65 -15.25
N LYS A 160 -29.62 -16.62 -15.21
CA LYS A 160 -29.26 -17.99 -14.90
C LYS A 160 -28.35 -18.57 -15.97
N TYR A 161 -28.76 -18.43 -17.23
CA TYR A 161 -27.95 -18.94 -18.33
C TYR A 161 -26.61 -18.24 -18.41
N CYS A 162 -26.59 -16.93 -18.15
CA CYS A 162 -25.33 -16.19 -18.22
C CYS A 162 -24.45 -16.58 -17.04
N HIS A 163 -25.08 -16.95 -15.94
CA HIS A 163 -24.34 -17.38 -14.76
C HIS A 163 -23.58 -18.66 -15.09
N TYR A 164 -24.26 -19.60 -15.76
CA TYR A 164 -23.67 -20.90 -16.15
C TYR A 164 -22.51 -20.84 -17.14
N VAL A 165 -22.64 -20.02 -18.18
CA VAL A 165 -21.60 -19.94 -19.18
C VAL A 165 -20.56 -18.83 -18.98
N ALA A 166 -20.80 -17.90 -18.07
CA ALA A 166 -19.86 -16.79 -17.83
C ALA A 166 -19.68 -16.38 -16.36
N GLY A 167 -20.76 -16.35 -15.60
CA GLY A 167 -20.65 -15.97 -14.21
C GLY A 167 -19.76 -16.94 -13.46
N LEU A 168 -19.89 -18.23 -13.76
CA LEU A 168 -19.07 -19.25 -13.12
C LEU A 168 -17.61 -19.09 -13.50
N VAL A 169 -17.37 -18.49 -14.67
CA VAL A 169 -16.01 -18.27 -15.12
C VAL A 169 -15.40 -17.16 -14.28
N GLY A 170 -16.18 -16.12 -14.01
CA GLY A 170 -15.67 -15.01 -13.22
C GLY A 170 -15.36 -15.49 -11.81
N ILE A 171 -16.25 -16.34 -11.28
CA ILE A 171 -16.10 -16.90 -9.95
C ILE A 171 -14.86 -17.79 -9.92
N GLY A 172 -14.74 -18.64 -10.93
CA GLY A 172 -13.59 -19.53 -11.01
C GLY A 172 -12.28 -18.74 -11.07
N LEU A 173 -12.25 -17.70 -11.90
CA LEU A 173 -11.04 -16.90 -12.02
C LEU A 173 -10.69 -16.22 -10.69
N SER A 174 -11.72 -15.71 -10.01
CA SER A 174 -11.52 -15.04 -8.73
C SER A 174 -10.89 -16.00 -7.73
N ARG A 175 -11.33 -17.25 -7.73
CA ARG A 175 -10.79 -18.23 -6.80
C ARG A 175 -9.34 -18.55 -7.17
N LEU A 176 -9.03 -18.55 -8.47
CA LEU A 176 -7.66 -18.82 -8.90
C LEU A 176 -6.76 -17.68 -8.42
N PHE A 177 -7.26 -16.44 -8.51
CA PHE A 177 -6.48 -15.28 -8.07
C PHE A 177 -6.18 -15.42 -6.57
N SER A 178 -7.21 -15.69 -5.79
CA SER A 178 -7.02 -15.83 -4.35
C SER A 178 -6.16 -17.03 -3.99
N ALA A 179 -6.42 -18.17 -4.63
CA ALA A 179 -5.64 -19.37 -4.34
C ALA A 179 -4.16 -19.12 -4.54
N SER A 180 -3.82 -18.32 -5.56
CA SER A 180 -2.44 -17.99 -5.88
C SER A 180 -1.79 -17.04 -4.89
N GLU A 181 -2.60 -16.39 -4.06
CA GLU A 181 -2.09 -15.43 -3.08
C GLU A 181 -1.76 -14.06 -3.69
N PHE A 182 -1.86 -13.91 -5.01
CA PHE A 182 -1.58 -12.61 -5.62
C PHE A 182 -2.71 -11.64 -5.32
N GLU A 183 -3.89 -12.18 -5.09
CA GLU A 183 -5.03 -11.35 -4.73
C GLU A 183 -5.49 -11.79 -3.35
N ASP A 184 -6.14 -10.85 -2.66
CA ASP A 184 -6.66 -11.08 -1.33
C ASP A 184 -7.73 -12.18 -1.38
N PRO A 185 -7.84 -12.97 -0.30
CA PRO A 185 -8.86 -14.04 -0.30
C PRO A 185 -10.29 -13.48 -0.47
N LEU A 186 -10.49 -12.20 -0.14
CA LEU A 186 -11.81 -11.61 -0.27
C LEU A 186 -12.28 -11.64 -1.72
N VAL A 187 -11.32 -11.61 -2.66
CA VAL A 187 -11.65 -11.64 -4.08
C VAL A 187 -12.38 -12.94 -4.44
N GLY A 188 -11.77 -14.07 -4.11
CA GLY A 188 -12.40 -15.34 -4.41
C GLY A 188 -13.67 -15.55 -3.61
N GLU A 189 -13.75 -14.95 -2.43
CA GLU A 189 -14.93 -15.12 -1.58
C GLU A 189 -16.20 -14.40 -2.08
N ASP A 190 -16.03 -13.25 -2.72
CA ASP A 190 -17.15 -12.47 -3.22
C ASP A 190 -17.70 -13.04 -4.53
N THR A 191 -18.41 -14.16 -4.42
CA THR A 191 -18.98 -14.81 -5.59
C THR A 191 -20.02 -13.95 -6.33
N GLU A 192 -20.81 -13.19 -5.58
CA GLU A 192 -21.84 -12.33 -6.17
C GLU A 192 -21.32 -11.36 -7.24
N ARG A 193 -20.33 -10.56 -6.87
CA ARG A 193 -19.78 -9.60 -7.81
C ARG A 193 -18.92 -10.28 -8.86
N ALA A 194 -18.28 -11.39 -8.49
CA ALA A 194 -17.46 -12.10 -9.46
C ALA A 194 -18.42 -12.59 -10.55
N ASN A 195 -19.61 -13.01 -10.13
CA ASN A 195 -20.64 -13.49 -11.03
C ASN A 195 -21.08 -12.36 -11.95
N SER A 196 -21.32 -11.19 -11.37
CA SER A 196 -21.74 -10.03 -12.16
C SER A 196 -20.72 -9.71 -13.26
N MET A 197 -19.43 -9.90 -12.97
CA MET A 197 -18.39 -9.64 -13.96
C MET A 197 -18.67 -10.47 -15.21
N GLY A 198 -19.00 -11.75 -15.00
CA GLY A 198 -19.30 -12.64 -16.11
C GLY A 198 -20.61 -12.29 -16.80
N LEU A 199 -21.62 -11.97 -16.01
CA LEU A 199 -22.93 -11.61 -16.55
C LEU A 199 -22.86 -10.41 -17.50
N PHE A 200 -22.09 -9.38 -17.13
CA PHE A 200 -21.95 -8.19 -17.97
C PHE A 200 -21.30 -8.49 -19.33
N LEU A 201 -20.25 -9.30 -19.33
CA LEU A 201 -19.56 -9.63 -20.57
C LEU A 201 -20.44 -10.49 -21.48
N GLN A 202 -21.13 -11.47 -20.90
CA GLN A 202 -21.97 -12.36 -21.67
C GLN A 202 -23.21 -11.67 -22.24
N LYS A 203 -23.86 -10.84 -21.43
CA LYS A 203 -25.02 -10.12 -21.90
C LYS A 203 -24.60 -9.20 -23.04
N THR A 204 -23.45 -8.54 -22.87
CA THR A 204 -22.96 -7.66 -23.90
C THR A 204 -22.73 -8.43 -25.20
N ASN A 205 -22.00 -9.54 -25.11
CA ASN A 205 -21.74 -10.34 -26.29
C ASN A 205 -23.03 -10.86 -26.92
N ILE A 206 -23.99 -11.25 -26.08
CA ILE A 206 -25.28 -11.75 -26.58
C ILE A 206 -26.04 -10.62 -27.28
N ILE A 207 -25.92 -9.41 -26.75
CA ILE A 207 -26.57 -8.24 -27.35
C ILE A 207 -25.96 -8.02 -28.75
N ARG A 208 -24.65 -7.82 -28.77
CA ARG A 208 -23.90 -7.56 -29.99
C ARG A 208 -24.00 -8.64 -31.08
N ASP A 209 -24.04 -9.90 -30.67
CA ASP A 209 -24.09 -11.01 -31.62
C ASP A 209 -25.47 -11.47 -32.08
N TYR A 210 -26.48 -10.63 -31.89
CA TYR A 210 -27.84 -10.98 -32.32
C TYR A 210 -27.87 -11.58 -33.72
N LEU A 211 -27.42 -10.79 -34.69
CA LEU A 211 -27.42 -11.22 -36.08
C LEU A 211 -26.57 -12.47 -36.31
N GLU A 212 -25.34 -12.45 -35.81
CA GLU A 212 -24.44 -13.60 -35.97
C GLU A 212 -25.11 -14.86 -35.42
N ASP A 213 -25.84 -14.73 -34.32
CA ASP A 213 -26.52 -15.86 -33.70
C ASP A 213 -27.79 -16.26 -34.45
N GLN A 214 -28.43 -15.30 -35.10
CA GLN A 214 -29.66 -15.60 -35.86
C GLN A 214 -29.30 -16.57 -36.98
N GLN A 215 -28.26 -16.23 -37.72
CA GLN A 215 -27.79 -17.05 -38.82
C GLN A 215 -27.18 -18.36 -38.33
N GLY A 216 -27.05 -18.49 -37.02
CA GLY A 216 -26.49 -19.71 -36.46
C GLY A 216 -27.59 -20.60 -35.91
N GLY A 217 -28.81 -20.10 -35.95
CA GLY A 217 -29.95 -20.86 -35.46
C GLY A 217 -30.05 -20.89 -33.95
N ARG A 218 -29.25 -20.08 -33.26
CA ARG A 218 -29.28 -20.03 -31.80
C ARG A 218 -29.99 -18.75 -31.32
N GLU A 219 -30.82 -18.89 -30.29
CA GLU A 219 -31.53 -17.74 -29.74
C GLU A 219 -31.16 -17.52 -28.29
N PHE A 220 -30.63 -16.34 -27.99
CA PHE A 220 -30.21 -16.01 -26.64
C PHE A 220 -30.95 -14.83 -26.01
N TRP A 221 -31.51 -13.94 -26.85
CA TRP A 221 -32.27 -12.81 -26.33
C TRP A 221 -33.47 -13.38 -25.57
N PRO A 222 -33.75 -12.85 -24.36
CA PRO A 222 -34.88 -13.30 -23.52
C PRO A 222 -36.24 -13.19 -24.22
N GLN A 223 -36.91 -14.32 -24.34
CA GLN A 223 -38.22 -14.38 -25.00
C GLN A 223 -39.25 -13.43 -24.39
N GLU A 224 -39.35 -13.41 -23.07
CA GLU A 224 -40.31 -12.53 -22.40
C GLU A 224 -40.02 -11.06 -22.65
N VAL A 225 -38.90 -10.77 -23.30
CA VAL A 225 -38.55 -9.39 -23.60
C VAL A 225 -38.80 -9.07 -25.07
N TRP A 226 -38.30 -9.91 -25.98
CA TRP A 226 -38.51 -9.61 -27.39
C TRP A 226 -39.92 -9.90 -27.89
N SER A 227 -40.66 -10.76 -27.18
CA SER A 227 -42.02 -11.09 -27.58
C SER A 227 -42.97 -9.92 -27.35
N ARG A 228 -42.49 -8.89 -26.68
CA ARG A 228 -43.32 -7.71 -26.45
C ARG A 228 -43.17 -6.75 -27.61
N TYR A 229 -42.27 -7.09 -28.52
CA TYR A 229 -42.01 -6.27 -29.69
C TYR A 229 -42.36 -7.00 -30.99
N VAL A 230 -42.10 -8.30 -31.04
CA VAL A 230 -42.37 -9.07 -32.25
C VAL A 230 -42.83 -10.51 -31.96
N LYS A 231 -43.22 -11.24 -33.00
CA LYS A 231 -43.68 -12.62 -32.84
C LYS A 231 -42.54 -13.62 -32.88
N LYS A 232 -41.53 -13.32 -33.69
CA LYS A 232 -40.37 -14.18 -33.83
C LYS A 232 -39.11 -13.34 -33.68
N LEU A 233 -38.18 -13.79 -32.84
CA LEU A 233 -36.94 -13.06 -32.63
C LEU A 233 -36.32 -12.70 -33.97
N GLY A 234 -36.50 -13.58 -34.96
CA GLY A 234 -35.96 -13.34 -36.28
C GLY A 234 -36.54 -12.10 -36.92
N ASP A 235 -37.74 -11.70 -36.48
CA ASP A 235 -38.35 -10.52 -37.07
C ASP A 235 -37.47 -9.28 -36.96
N PHE A 236 -36.63 -9.23 -35.94
CA PHE A 236 -35.74 -8.07 -35.75
C PHE A 236 -34.76 -7.94 -36.92
N ALA A 237 -34.67 -8.99 -37.73
CA ALA A 237 -33.77 -9.00 -38.87
C ALA A 237 -34.43 -8.45 -40.11
N LEU A 238 -35.73 -8.20 -40.06
CA LEU A 238 -36.42 -7.69 -41.21
C LEU A 238 -36.45 -6.17 -41.14
N PRO A 239 -36.02 -5.51 -42.22
CA PRO A 239 -35.98 -4.05 -42.31
C PRO A 239 -37.19 -3.25 -41.83
N GLU A 240 -38.39 -3.81 -41.97
CA GLU A 240 -39.59 -3.11 -41.56
C GLU A 240 -39.85 -3.12 -40.05
N ASN A 241 -39.06 -3.88 -39.31
CA ASN A 241 -39.22 -3.95 -37.85
C ASN A 241 -38.06 -3.29 -37.13
N ILE A 242 -37.25 -2.56 -37.89
CA ILE A 242 -36.06 -1.89 -37.38
C ILE A 242 -36.27 -0.99 -36.16
N ASP A 243 -37.38 -0.28 -36.09
CA ASP A 243 -37.64 0.60 -34.96
C ASP A 243 -37.92 -0.23 -33.71
N LEU A 244 -38.71 -1.30 -33.87
CA LEU A 244 -39.04 -2.18 -32.76
C LEU A 244 -37.79 -2.90 -32.28
N ALA A 245 -36.89 -3.19 -33.22
CA ALA A 245 -35.65 -3.88 -32.89
C ALA A 245 -34.82 -3.01 -31.95
N VAL A 246 -34.60 -1.76 -32.36
CA VAL A 246 -33.82 -0.83 -31.57
C VAL A 246 -34.38 -0.64 -30.16
N GLN A 247 -35.71 -0.58 -30.03
CA GLN A 247 -36.30 -0.43 -28.70
C GLN A 247 -35.91 -1.61 -27.81
N CYS A 248 -36.08 -2.83 -28.32
CA CYS A 248 -35.74 -4.03 -27.57
C CYS A 248 -34.23 -4.03 -27.25
N LEU A 249 -33.43 -3.61 -28.22
CA LEU A 249 -31.99 -3.51 -28.07
C LEU A 249 -31.68 -2.61 -26.88
N ASN A 250 -32.26 -1.41 -26.89
CA ASN A 250 -32.02 -0.47 -25.80
C ASN A 250 -32.51 -0.99 -24.46
N GLU A 251 -33.52 -1.86 -24.47
CA GLU A 251 -34.03 -2.41 -23.23
C GLU A 251 -33.06 -3.44 -22.66
N LEU A 252 -32.51 -4.28 -23.54
CA LEU A 252 -31.58 -5.30 -23.09
C LEU A 252 -30.27 -4.65 -22.64
N ILE A 253 -29.87 -3.57 -23.31
CA ILE A 253 -28.64 -2.88 -22.92
C ILE A 253 -28.84 -2.25 -21.54
N THR A 254 -30.01 -1.68 -21.31
CA THR A 254 -30.32 -1.03 -20.04
C THR A 254 -30.21 -2.06 -18.92
N ASN A 255 -30.66 -3.27 -19.22
CA ASN A 255 -30.61 -4.39 -18.28
C ASN A 255 -29.13 -4.67 -17.94
N ALA A 256 -28.31 -4.84 -18.97
CA ALA A 256 -26.89 -5.13 -18.78
C ALA A 256 -26.14 -4.09 -17.96
N LEU A 257 -26.47 -2.82 -18.17
CA LEU A 257 -25.80 -1.72 -17.47
C LEU A 257 -25.93 -1.83 -15.95
N HIS A 258 -26.96 -2.54 -15.47
CA HIS A 258 -27.18 -2.69 -14.03
C HIS A 258 -26.07 -3.46 -13.31
N HIS A 259 -25.21 -4.15 -14.07
CA HIS A 259 -24.11 -4.89 -13.47
C HIS A 259 -22.87 -4.01 -13.27
N ILE A 260 -22.85 -2.83 -13.88
CA ILE A 260 -21.68 -1.95 -13.75
C ILE A 260 -21.27 -1.64 -12.29
N PRO A 261 -22.24 -1.31 -11.41
CA PRO A 261 -21.83 -1.02 -10.03
C PRO A 261 -21.01 -2.17 -9.44
N ASP A 262 -21.48 -3.41 -9.63
CA ASP A 262 -20.78 -4.57 -9.14
C ASP A 262 -19.40 -4.70 -9.78
N VAL A 263 -19.33 -4.43 -11.08
CA VAL A 263 -18.06 -4.49 -11.79
C VAL A 263 -17.05 -3.53 -11.16
N ILE A 264 -17.48 -2.30 -10.95
CA ILE A 264 -16.60 -1.30 -10.36
C ILE A 264 -16.17 -1.74 -8.96
N THR A 265 -17.11 -2.26 -8.18
CA THR A 265 -16.81 -2.73 -6.84
C THR A 265 -15.80 -3.88 -6.89
N TYR A 266 -16.00 -4.81 -7.83
CA TYR A 266 -15.10 -5.96 -7.98
C TYR A 266 -13.68 -5.52 -8.34
N LEU A 267 -13.57 -4.61 -9.32
CA LEU A 267 -12.28 -4.12 -9.77
C LEU A 267 -11.58 -3.30 -8.70
N SER A 268 -12.36 -2.59 -7.90
CA SER A 268 -11.78 -1.75 -6.86
C SER A 268 -11.06 -2.55 -5.78
N ARG A 269 -11.43 -3.81 -5.62
CA ARG A 269 -10.82 -4.67 -4.61
C ARG A 269 -9.47 -5.24 -5.03
N LEU A 270 -9.24 -5.36 -6.34
CA LEU A 270 -7.99 -5.92 -6.86
C LEU A 270 -6.74 -5.13 -6.46
N ARG A 271 -5.64 -5.85 -6.22
CA ARG A 271 -4.41 -5.21 -5.82
C ARG A 271 -3.20 -5.54 -6.69
N ASN A 272 -3.31 -6.60 -7.48
CA ASN A 272 -2.21 -7.01 -8.36
C ASN A 272 -2.43 -6.42 -9.75
N GLN A 273 -1.42 -5.71 -10.25
CA GLN A 273 -1.50 -5.06 -11.55
C GLN A 273 -1.78 -6.01 -12.73
N SER A 274 -1.14 -7.17 -12.76
CA SER A 274 -1.37 -8.09 -13.89
C SER A 274 -2.80 -8.58 -13.85
N VAL A 275 -3.31 -8.83 -12.65
CA VAL A 275 -4.67 -9.29 -12.47
C VAL A 275 -5.64 -8.16 -12.84
N PHE A 276 -5.32 -6.94 -12.39
CA PHE A 276 -6.16 -5.79 -12.67
C PHE A 276 -6.31 -5.58 -14.18
N ASN A 277 -5.20 -5.64 -14.91
CA ASN A 277 -5.25 -5.44 -16.35
C ASN A 277 -6.12 -6.52 -16.98
N PHE A 278 -5.91 -7.76 -16.55
CA PHE A 278 -6.66 -8.90 -17.08
C PHE A 278 -8.17 -8.76 -16.90
N CYS A 279 -8.58 -8.30 -15.73
CA CYS A 279 -10.00 -8.14 -15.41
C CYS A 279 -10.65 -6.85 -15.93
N ALA A 280 -9.94 -5.74 -15.77
CA ALA A 280 -10.45 -4.43 -16.18
C ALA A 280 -10.64 -4.23 -17.68
N ILE A 281 -9.63 -4.56 -18.46
CA ILE A 281 -9.70 -4.36 -19.88
C ILE A 281 -10.90 -4.99 -20.59
N PRO A 282 -11.18 -6.28 -20.32
CA PRO A 282 -12.35 -6.89 -20.99
C PRO A 282 -13.66 -6.16 -20.63
N GLN A 283 -13.78 -5.73 -19.37
CA GLN A 283 -14.99 -5.02 -18.92
C GLN A 283 -15.17 -3.69 -19.66
N VAL A 284 -14.08 -2.94 -19.78
CA VAL A 284 -14.11 -1.64 -20.46
C VAL A 284 -14.44 -1.83 -21.94
N MET A 285 -13.88 -2.89 -22.54
CA MET A 285 -14.17 -3.17 -23.94
C MET A 285 -15.65 -3.53 -24.08
N ALA A 286 -16.20 -4.23 -23.09
CA ALA A 286 -17.61 -4.60 -23.12
C ALA A 286 -18.46 -3.33 -23.00
N ILE A 287 -18.02 -2.39 -22.16
CA ILE A 287 -18.72 -1.13 -21.97
C ILE A 287 -18.67 -0.29 -23.25
N ALA A 288 -17.51 -0.24 -23.89
CA ALA A 288 -17.33 0.50 -25.14
C ALA A 288 -18.28 -0.10 -26.19
N THR A 289 -18.39 -1.43 -26.17
CA THR A 289 -19.27 -2.15 -27.11
C THR A 289 -20.74 -1.79 -26.90
N LEU A 290 -21.18 -1.74 -25.64
CA LEU A 290 -22.57 -1.39 -25.35
C LEU A 290 -22.86 0.04 -25.78
N ALA A 291 -21.92 0.92 -25.51
CA ALA A 291 -22.07 2.33 -25.87
C ALA A 291 -22.18 2.47 -27.38
N ALA A 292 -21.44 1.64 -28.11
CA ALA A 292 -21.47 1.69 -29.56
C ALA A 292 -22.77 1.13 -30.14
N CYS A 293 -23.29 0.09 -29.50
CA CYS A 293 -24.53 -0.56 -29.94
C CYS A 293 -25.80 0.15 -29.52
N TYR A 294 -25.75 0.94 -28.45
CA TYR A 294 -26.94 1.62 -27.97
C TYR A 294 -27.66 2.42 -29.05
N ASN A 295 -28.96 2.17 -29.18
CA ASN A 295 -29.80 2.86 -30.16
C ASN A 295 -29.18 2.84 -31.54
N ASN A 296 -28.44 1.77 -31.84
CA ASN A 296 -27.77 1.64 -33.12
C ASN A 296 -28.44 0.60 -34.03
N GLN A 297 -29.02 1.07 -35.14
CA GLN A 297 -29.71 0.20 -36.10
C GLN A 297 -28.76 -0.81 -36.71
N GLN A 298 -27.48 -0.47 -36.75
CA GLN A 298 -26.47 -1.35 -37.33
C GLN A 298 -26.41 -2.72 -36.69
N VAL A 299 -26.75 -2.81 -35.41
CA VAL A 299 -26.72 -4.10 -34.72
C VAL A 299 -27.47 -5.16 -35.52
N PHE A 300 -28.58 -4.75 -36.12
CA PHE A 300 -29.44 -5.64 -36.88
C PHE A 300 -29.11 -5.75 -38.37
N LYS A 301 -28.05 -5.08 -38.79
CA LYS A 301 -27.67 -5.12 -40.20
C LYS A 301 -26.27 -5.69 -40.39
N GLY A 302 -25.57 -5.89 -39.27
CA GLY A 302 -24.22 -6.42 -39.32
C GLY A 302 -23.43 -6.17 -38.05
N ALA A 303 -22.12 -5.96 -38.20
CA ALA A 303 -21.24 -5.69 -37.08
C ALA A 303 -21.25 -4.20 -36.79
N VAL A 304 -21.21 -3.86 -35.51
CA VAL A 304 -21.24 -2.46 -35.09
C VAL A 304 -19.85 -1.82 -35.05
N LEU A 305 -19.78 -0.61 -35.59
CA LEU A 305 -18.54 0.17 -35.63
C LEU A 305 -18.19 0.72 -34.24
N ILE A 306 -17.48 -0.08 -33.44
CA ILE A 306 -17.07 0.36 -32.11
C ILE A 306 -16.00 1.44 -32.27
N ARG A 307 -16.44 2.67 -32.48
CA ARG A 307 -15.53 3.80 -32.70
C ARG A 307 -14.98 4.56 -31.48
N LEU A 308 -14.05 5.48 -31.76
CA LEU A 308 -13.33 6.32 -30.78
C LEU A 308 -14.09 6.94 -29.59
N GLY A 309 -13.31 7.54 -28.70
CA GLY A 309 -13.82 8.20 -27.52
C GLY A 309 -13.32 9.64 -27.42
N GLN A 310 -13.79 10.34 -26.39
CA GLN A 310 -13.45 11.74 -26.13
C GLN A 310 -12.12 12.00 -25.40
N ALA A 311 -11.52 13.16 -25.71
CA ALA A 311 -10.23 13.57 -25.14
C ALA A 311 -10.15 13.69 -23.61
N VAL A 312 -10.01 12.55 -22.96
CA VAL A 312 -9.88 12.39 -21.51
C VAL A 312 -9.67 10.89 -21.40
N THR A 313 -10.22 10.18 -22.38
CA THR A 313 -10.11 8.73 -22.46
C THR A 313 -8.79 8.47 -23.16
N LEU A 314 -8.34 9.46 -23.92
CA LEU A 314 -7.09 9.37 -24.67
C LEU A 314 -5.93 10.07 -23.97
N MET A 315 -6.07 10.26 -22.66
CA MET A 315 -5.01 10.88 -21.87
C MET A 315 -4.83 10.01 -20.64
N MET A 316 -5.55 8.89 -20.64
CA MET A 316 -5.50 7.91 -19.57
C MET A 316 -6.05 6.58 -20.09
N ASP A 317 -5.29 5.51 -19.86
CA ASP A 317 -5.69 4.18 -20.31
C ASP A 317 -6.36 3.42 -19.15
N ALA A 318 -6.67 2.15 -19.35
CA ALA A 318 -7.38 1.37 -18.35
C ALA A 318 -6.54 0.52 -17.40
N THR A 319 -5.45 1.08 -16.85
CA THR A 319 -4.60 0.30 -15.97
C THR A 319 -4.54 0.71 -14.49
N ASN A 320 -5.39 1.65 -14.09
CA ASN A 320 -5.50 2.06 -12.69
C ASN A 320 -6.99 2.33 -12.42
N MET A 321 -7.47 1.98 -11.24
CA MET A 321 -8.88 2.12 -10.94
C MET A 321 -9.54 3.48 -11.20
N PRO A 322 -8.92 4.58 -10.71
CA PRO A 322 -9.55 5.89 -10.95
C PRO A 322 -9.75 6.15 -12.45
N ALA A 323 -8.77 5.77 -13.27
CA ALA A 323 -8.86 5.95 -14.72
C ALA A 323 -9.98 5.06 -15.31
N VAL A 324 -10.09 3.83 -14.82
CA VAL A 324 -11.13 2.92 -15.30
C VAL A 324 -12.51 3.51 -15.01
N LYS A 325 -12.66 4.12 -13.84
CA LYS A 325 -13.93 4.75 -13.48
C LYS A 325 -14.24 5.87 -14.48
N ALA A 326 -13.28 6.78 -14.66
CA ALA A 326 -13.45 7.92 -15.57
C ALA A 326 -13.82 7.45 -16.98
N ILE A 327 -13.14 6.43 -17.48
CA ILE A 327 -13.42 5.88 -18.81
C ILE A 327 -14.86 5.35 -18.84
N ILE A 328 -15.25 4.64 -17.80
CA ILE A 328 -16.60 4.11 -17.71
C ILE A 328 -17.64 5.24 -17.70
N TYR A 329 -17.38 6.28 -16.92
CA TYR A 329 -18.33 7.39 -16.86
C TYR A 329 -18.46 8.05 -18.22
N GLN A 330 -17.35 8.24 -18.91
CA GLN A 330 -17.41 8.86 -20.22
C GLN A 330 -18.30 8.03 -21.15
N TYR A 331 -18.11 6.72 -21.14
CA TYR A 331 -18.96 5.89 -21.98
C TYR A 331 -20.42 6.00 -21.57
N MET A 332 -20.67 6.12 -20.26
CA MET A 332 -22.03 6.26 -19.79
C MET A 332 -22.68 7.54 -20.30
N GLU A 333 -21.94 8.65 -20.32
CA GLU A 333 -22.53 9.89 -20.81
C GLU A 333 -22.76 9.76 -22.32
N GLU A 334 -21.97 8.92 -22.96
CA GLU A 334 -22.12 8.67 -24.39
C GLU A 334 -23.49 8.10 -24.67
N ILE A 335 -23.92 7.18 -23.82
CA ILE A 335 -25.23 6.55 -23.97
C ILE A 335 -26.29 7.55 -23.52
N TYR A 336 -26.06 8.17 -22.37
CA TYR A 336 -26.99 9.15 -21.81
C TYR A 336 -27.43 10.21 -22.82
N HIS A 337 -26.47 10.80 -23.51
CA HIS A 337 -26.74 11.85 -24.49
C HIS A 337 -27.54 11.38 -25.72
N ARG A 338 -27.56 10.06 -25.95
CA ARG A 338 -28.27 9.53 -27.11
C ARG A 338 -29.61 8.88 -26.78
N ILE A 339 -30.02 8.96 -25.52
CA ILE A 339 -31.29 8.38 -25.09
C ILE A 339 -32.53 9.08 -25.67
N PRO A 340 -33.30 8.41 -26.53
CA PRO A 340 -34.51 8.99 -27.13
C PRO A 340 -35.63 9.05 -26.09
N ASP A 341 -36.29 10.19 -26.01
CA ASP A 341 -37.38 10.37 -25.07
C ASP A 341 -38.49 9.35 -25.30
N SER A 342 -38.76 9.06 -26.56
CA SER A 342 -39.81 8.13 -26.93
C SER A 342 -39.51 6.67 -26.60
N ASN A 343 -38.21 6.34 -26.46
CA ASN A 343 -37.80 4.97 -26.16
C ASN A 343 -38.48 4.52 -24.90
N PRO A 344 -39.14 3.34 -24.97
CA PRO A 344 -39.86 2.72 -23.87
C PRO A 344 -39.03 2.55 -22.57
N SER A 345 -37.71 2.49 -22.73
CA SER A 345 -36.81 2.30 -21.58
C SER A 345 -36.04 3.58 -21.19
N SER A 346 -36.37 4.71 -21.80
CA SER A 346 -35.67 5.97 -21.54
C SER A 346 -35.44 6.31 -20.07
N SER A 347 -36.49 6.26 -19.25
CA SER A 347 -36.36 6.56 -17.83
C SER A 347 -35.43 5.59 -17.07
N LYS A 348 -35.57 4.29 -17.32
CA LYS A 348 -34.73 3.31 -16.63
C LYS A 348 -33.27 3.44 -17.05
N THR A 349 -33.05 3.80 -18.32
CA THR A 349 -31.70 3.96 -18.83
C THR A 349 -31.02 5.14 -18.14
N ARG A 350 -31.77 6.21 -17.93
CA ARG A 350 -31.21 7.38 -17.26
C ARG A 350 -30.99 7.03 -15.79
N GLN A 351 -31.92 6.25 -15.25
CA GLN A 351 -31.90 5.82 -13.87
C GLN A 351 -30.61 5.07 -13.51
N ILE A 352 -30.34 3.97 -14.22
CA ILE A 352 -29.15 3.20 -13.92
C ILE A 352 -27.87 4.02 -14.15
N ILE A 353 -27.87 4.84 -15.18
CA ILE A 353 -26.69 5.66 -15.44
C ILE A 353 -26.52 6.70 -14.31
N SER A 354 -27.64 7.22 -13.81
CA SER A 354 -27.60 8.20 -12.74
C SER A 354 -26.97 7.53 -11.53
N THR A 355 -27.39 6.30 -11.26
CA THR A 355 -26.89 5.51 -10.15
C THR A 355 -25.38 5.28 -10.30
N ILE A 356 -24.94 4.95 -11.51
CA ILE A 356 -23.52 4.74 -11.76
C ILE A 356 -22.73 6.04 -11.51
N ARG A 357 -23.24 7.16 -12.02
CA ARG A 357 -22.60 8.47 -11.86
C ARG A 357 -22.47 8.89 -10.41
N THR A 358 -23.54 8.71 -9.66
CA THR A 358 -23.61 9.11 -8.26
C THR A 358 -22.95 8.13 -7.30
N GLN A 359 -23.18 6.83 -7.54
CA GLN A 359 -22.62 5.79 -6.70
C GLN A 359 -23.06 5.97 -5.26
N LEU B 26 -28.95 6.57 -2.13
CA LEU B 26 -30.19 6.87 -1.41
C LEU B 26 -30.76 8.21 -1.88
N SER B 27 -30.06 9.27 -1.51
CA SER B 27 -30.41 10.66 -1.82
C SER B 27 -30.70 10.94 -3.29
N SER B 28 -31.95 11.26 -3.61
CA SER B 28 -32.29 11.58 -5.00
C SER B 28 -31.74 12.97 -5.32
N SER B 29 -31.45 13.76 -4.29
CA SER B 29 -30.93 15.10 -4.55
C SER B 29 -29.46 15.04 -4.97
N LEU B 30 -28.72 14.07 -4.45
CA LEU B 30 -27.32 13.94 -4.85
C LEU B 30 -27.24 13.51 -6.32
N LYS B 31 -28.14 12.64 -6.74
CA LYS B 31 -28.17 12.19 -8.13
C LYS B 31 -28.42 13.39 -9.03
N THR B 32 -29.36 14.25 -8.64
CA THR B 32 -29.63 15.45 -9.42
C THR B 32 -28.36 16.29 -9.53
N CYS B 33 -27.61 16.41 -8.43
CA CYS B 33 -26.36 17.16 -8.46
C CYS B 33 -25.39 16.59 -9.48
N TYR B 34 -25.25 15.26 -9.53
CA TYR B 34 -24.34 14.67 -10.50
C TYR B 34 -24.91 14.87 -11.91
N LYS B 35 -26.22 14.94 -12.03
CA LYS B 35 -26.81 15.18 -13.35
C LYS B 35 -26.34 16.58 -13.79
N TYR B 36 -26.44 17.55 -12.88
CA TYR B 36 -26.05 18.92 -13.18
C TYR B 36 -24.56 19.04 -13.51
N LEU B 37 -23.75 18.28 -12.78
CA LEU B 37 -22.32 18.26 -12.97
C LEU B 37 -21.98 17.89 -14.42
N ASN B 38 -22.70 16.91 -14.96
CA ASN B 38 -22.46 16.47 -16.32
C ASN B 38 -23.05 17.43 -17.37
N GLN B 39 -24.09 18.17 -16.99
CA GLN B 39 -24.69 19.13 -17.90
C GLN B 39 -23.79 20.35 -17.99
N THR B 40 -23.20 20.73 -16.86
CA THR B 40 -22.35 21.91 -16.78
C THR B 40 -20.85 21.70 -17.00
N SER B 41 -20.36 20.48 -16.82
CA SER B 41 -18.94 20.22 -17.01
C SER B 41 -18.71 19.55 -18.36
N ARG B 42 -18.00 20.24 -19.26
CA ARG B 42 -17.75 19.67 -20.58
C ARG B 42 -16.77 18.50 -20.52
N SER B 43 -15.92 18.46 -19.50
CA SER B 43 -14.94 17.38 -19.42
C SER B 43 -14.40 16.97 -18.03
N PHE B 44 -14.81 17.67 -16.98
CA PHE B 44 -14.36 17.37 -15.62
C PHE B 44 -15.23 16.33 -14.89
N ALA B 45 -16.48 16.16 -15.29
CA ALA B 45 -17.38 15.23 -14.60
C ALA B 45 -16.80 13.85 -14.33
N ALA B 46 -16.19 13.24 -15.34
CA ALA B 46 -15.62 11.91 -15.20
C ALA B 46 -14.51 11.84 -14.14
N VAL B 47 -13.55 12.76 -14.20
CA VAL B 47 -12.47 12.70 -13.23
C VAL B 47 -12.92 13.13 -11.84
N ILE B 48 -13.95 13.96 -11.75
CA ILE B 48 -14.45 14.37 -10.44
C ILE B 48 -15.16 13.15 -9.82
N GLN B 49 -15.99 12.49 -10.62
CA GLN B 49 -16.72 11.32 -10.17
C GLN B 49 -15.75 10.19 -9.81
N ALA B 50 -14.55 10.21 -10.39
CA ALA B 50 -13.57 9.18 -10.10
C ALA B 50 -12.77 9.43 -8.81
N LEU B 51 -12.99 10.56 -8.15
CA LEU B 51 -12.29 10.88 -6.90
C LEU B 51 -12.66 9.95 -5.75
N ASP B 52 -11.65 9.55 -4.96
CA ASP B 52 -11.89 8.65 -3.82
C ASP B 52 -12.78 9.22 -2.72
N GLY B 53 -13.56 8.31 -2.11
CA GLY B 53 -14.44 8.63 -0.99
C GLY B 53 -15.08 10.00 -0.85
N GLU B 54 -14.86 10.64 0.30
CA GLU B 54 -15.43 11.95 0.60
C GLU B 54 -15.17 13.06 -0.42
N MET B 55 -14.03 13.00 -1.10
CA MET B 55 -13.69 14.02 -2.09
C MET B 55 -14.67 14.11 -3.25
N ARG B 56 -15.24 12.97 -3.63
CA ARG B 56 -16.18 12.86 -4.74
C ARG B 56 -17.31 13.89 -4.61
N ASN B 57 -18.11 13.76 -3.55
CA ASN B 57 -19.22 14.68 -3.34
C ASN B 57 -18.76 16.11 -3.04
N ALA B 58 -17.71 16.26 -2.23
CA ALA B 58 -17.21 17.58 -1.89
C ALA B 58 -16.82 18.37 -3.13
N VAL B 59 -16.09 17.73 -4.03
CA VAL B 59 -15.66 18.41 -5.24
C VAL B 59 -16.82 18.62 -6.21
N CYS B 60 -17.74 17.65 -6.27
CA CYS B 60 -18.90 17.78 -7.15
C CYS B 60 -19.71 19.01 -6.74
N ILE B 61 -20.03 19.10 -5.47
CA ILE B 61 -20.81 20.22 -4.95
C ILE B 61 -20.04 21.53 -5.07
N PHE B 62 -18.74 21.49 -4.79
CA PHE B 62 -17.91 22.68 -4.89
C PHE B 62 -17.99 23.20 -6.32
N TYR B 63 -17.88 22.28 -7.27
CA TYR B 63 -17.95 22.63 -8.67
C TYR B 63 -19.29 23.26 -9.00
N LEU B 64 -20.37 22.69 -8.48
CA LEU B 64 -21.70 23.22 -8.76
C LEU B 64 -21.96 24.63 -8.20
N VAL B 65 -21.59 24.91 -6.96
CA VAL B 65 -21.84 26.23 -6.40
C VAL B 65 -20.99 27.27 -7.15
N LEU B 66 -19.77 26.89 -7.51
CA LEU B 66 -18.89 27.77 -8.25
C LEU B 66 -19.53 28.05 -9.61
N ARG B 67 -20.17 27.02 -10.18
CA ARG B 67 -20.81 27.20 -11.47
C ARG B 67 -21.97 28.18 -11.33
N ALA B 68 -22.74 28.06 -10.27
CA ALA B 68 -23.87 28.95 -10.05
C ALA B 68 -23.37 30.39 -9.90
N LEU B 69 -22.30 30.54 -9.13
CA LEU B 69 -21.71 31.85 -8.89
C LEU B 69 -21.18 32.43 -10.21
N ASP B 70 -20.56 31.57 -11.01
CA ASP B 70 -20.00 31.98 -12.29
C ASP B 70 -21.13 32.43 -13.20
N THR B 71 -22.25 31.73 -13.13
CA THR B 71 -23.40 32.07 -13.95
C THR B 71 -23.95 33.45 -13.60
N LEU B 72 -23.97 33.78 -12.31
CA LEU B 72 -24.44 35.09 -11.89
C LEU B 72 -23.55 36.19 -12.46
N GLU B 73 -22.23 36.02 -12.30
CA GLU B 73 -21.26 37.00 -12.79
C GLU B 73 -21.41 37.25 -14.28
N ASP B 74 -21.53 36.17 -15.04
CA ASP B 74 -21.66 36.25 -16.48
C ASP B 74 -22.97 36.84 -16.99
N ASP B 75 -24.03 36.78 -16.21
CA ASP B 75 -25.29 37.29 -16.68
C ASP B 75 -25.34 38.82 -16.82
N MET B 76 -25.38 39.29 -18.06
CA MET B 76 -25.41 40.73 -18.31
C MET B 76 -26.80 41.36 -18.23
N THR B 77 -27.83 40.54 -18.05
CA THR B 77 -29.18 41.07 -17.90
C THR B 77 -29.34 41.50 -16.45
N ILE B 78 -28.36 41.15 -15.62
CA ILE B 78 -28.36 41.50 -14.20
C ILE B 78 -27.51 42.76 -14.09
N SER B 79 -28.14 43.90 -13.79
CA SER B 79 -27.43 45.15 -13.66
C SER B 79 -26.37 45.01 -12.58
N VAL B 80 -25.28 45.75 -12.70
CA VAL B 80 -24.19 45.72 -11.72
C VAL B 80 -24.66 46.00 -10.28
N GLU B 81 -25.57 46.96 -10.12
CA GLU B 81 -26.08 47.33 -8.79
C GLU B 81 -26.84 46.18 -8.12
N LYS B 82 -27.59 45.43 -8.91
CA LYS B 82 -28.36 44.30 -8.42
C LYS B 82 -27.47 43.08 -8.25
N LYS B 83 -26.46 42.96 -9.10
CA LYS B 83 -25.57 41.81 -9.05
C LYS B 83 -24.56 41.77 -7.91
N VAL B 84 -23.96 42.91 -7.57
CA VAL B 84 -22.96 42.92 -6.50
C VAL B 84 -23.42 42.28 -5.20
N PRO B 85 -24.64 42.60 -4.73
CA PRO B 85 -25.11 41.99 -3.48
C PRO B 85 -25.29 40.47 -3.61
N LEU B 86 -25.60 40.01 -4.81
CA LEU B 86 -25.78 38.57 -5.01
C LEU B 86 -24.40 37.90 -4.94
N LEU B 87 -23.40 38.52 -5.55
CA LEU B 87 -22.05 37.94 -5.51
C LEU B 87 -21.54 37.97 -4.06
N HIS B 88 -21.68 39.11 -3.39
CA HIS B 88 -21.20 39.23 -2.02
C HIS B 88 -21.83 38.27 -1.02
N ASN B 89 -23.12 38.00 -1.19
CA ASN B 89 -23.83 37.14 -0.27
C ASN B 89 -24.02 35.70 -0.71
N PHE B 90 -23.50 35.36 -1.88
CA PHE B 90 -23.64 33.99 -2.38
C PHE B 90 -23.15 32.95 -1.38
N HIS B 91 -22.03 33.22 -0.72
CA HIS B 91 -21.49 32.27 0.25
C HIS B 91 -22.49 32.04 1.38
N SER B 92 -23.35 33.03 1.65
CA SER B 92 -24.34 32.89 2.71
C SER B 92 -25.61 32.21 2.20
N PHE B 93 -25.88 32.36 0.90
CA PHE B 93 -27.07 31.74 0.33
C PHE B 93 -26.95 30.23 0.51
N LEU B 94 -25.72 29.74 0.64
CA LEU B 94 -25.47 28.30 0.83
C LEU B 94 -26.18 27.81 2.08
N TYR B 95 -26.46 28.72 3.01
CA TYR B 95 -27.14 28.38 4.25
C TYR B 95 -28.58 28.84 4.28
N GLN B 96 -29.09 29.28 3.14
CA GLN B 96 -30.47 29.72 3.00
C GLN B 96 -31.12 28.60 2.16
N PRO B 97 -31.71 27.60 2.84
CA PRO B 97 -32.38 26.44 2.24
C PRO B 97 -33.25 26.70 1.02
N ASP B 98 -34.06 27.76 1.09
CA ASP B 98 -34.96 28.04 -0.01
C ASP B 98 -34.47 29.04 -1.05
N TRP B 99 -33.25 29.56 -0.90
CA TRP B 99 -32.76 30.52 -1.86
C TRP B 99 -32.55 29.94 -3.25
N ARG B 100 -32.87 30.73 -4.25
CA ARG B 100 -32.70 30.36 -5.64
C ARG B 100 -32.81 31.62 -6.49
N PHE B 101 -32.37 31.55 -7.73
CA PHE B 101 -32.43 32.69 -8.62
C PHE B 101 -33.18 32.26 -9.87
N MET B 102 -34.27 32.94 -10.16
CA MET B 102 -35.14 32.61 -11.29
C MET B 102 -35.12 33.58 -12.46
N GLU B 103 -34.23 34.55 -12.41
CA GLU B 103 -34.20 35.56 -13.46
C GLU B 103 -33.02 35.49 -14.41
N SER B 104 -32.32 34.36 -14.41
CA SER B 104 -31.17 34.20 -15.30
C SER B 104 -31.58 33.64 -16.66
N LYS B 105 -30.81 34.01 -17.69
CA LYS B 105 -31.06 33.54 -19.04
C LYS B 105 -29.85 32.80 -19.61
N GLU B 106 -28.82 32.62 -18.77
CA GLU B 106 -27.61 31.91 -19.18
C GLU B 106 -27.97 30.43 -19.34
N LYS B 107 -27.17 29.67 -20.08
CA LYS B 107 -27.52 28.26 -20.27
C LYS B 107 -27.44 27.37 -19.03
N ASP B 108 -26.59 27.72 -18.06
CA ASP B 108 -26.49 26.89 -16.86
C ASP B 108 -27.38 27.41 -15.72
N ARG B 109 -28.41 28.16 -16.07
CA ARG B 109 -29.32 28.74 -15.07
C ARG B 109 -30.04 27.73 -14.20
N GLN B 110 -30.08 26.47 -14.64
CA GLN B 110 -30.73 25.43 -13.88
C GLN B 110 -30.10 25.26 -12.48
N VAL B 111 -28.78 25.42 -12.36
CA VAL B 111 -28.17 25.28 -11.04
C VAL B 111 -28.57 26.43 -10.12
N LEU B 112 -28.98 27.56 -10.70
CA LEU B 112 -29.41 28.69 -9.90
C LEU B 112 -30.88 28.51 -9.54
N GLU B 113 -31.67 28.10 -10.51
CA GLU B 113 -33.10 27.91 -10.31
C GLU B 113 -33.42 26.76 -9.38
N ASP B 114 -32.55 25.76 -9.33
CA ASP B 114 -32.76 24.62 -8.45
C ASP B 114 -31.62 24.57 -7.45
N PHE B 115 -31.14 25.75 -7.06
CA PHE B 115 -30.04 25.85 -6.11
C PHE B 115 -30.34 25.18 -4.77
N PRO B 116 -31.60 25.19 -4.32
CA PRO B 116 -31.93 24.55 -3.04
C PRO B 116 -31.48 23.09 -2.99
N THR B 117 -31.59 22.39 -4.12
CA THR B 117 -31.19 20.98 -4.19
C THR B 117 -29.67 20.89 -3.99
N ILE B 118 -28.95 21.82 -4.58
CA ILE B 118 -27.49 21.84 -4.46
C ILE B 118 -27.02 22.28 -3.07
N SER B 119 -27.65 23.31 -2.50
CA SER B 119 -27.24 23.79 -1.19
C SER B 119 -27.59 22.80 -0.09
N LEU B 120 -28.59 21.96 -0.35
CA LEU B 120 -29.00 20.93 0.60
C LEU B 120 -27.86 19.92 0.72
N GLU B 121 -27.34 19.50 -0.44
CA GLU B 121 -26.23 18.56 -0.47
C GLU B 121 -24.95 19.21 0.05
N PHE B 122 -24.83 20.53 -0.11
CA PHE B 122 -23.69 21.25 0.41
C PHE B 122 -23.73 21.19 1.94
N ARG B 123 -24.91 21.33 2.52
CA ARG B 123 -25.04 21.31 3.97
C ARG B 123 -24.91 19.89 4.53
N ASN B 124 -24.90 18.90 3.65
CA ASN B 124 -24.74 17.50 4.07
C ASN B 124 -23.26 17.11 4.12
N LEU B 125 -22.40 17.91 3.51
CA LEU B 125 -20.97 17.63 3.53
C LEU B 125 -20.48 17.84 4.96
N ALA B 126 -19.42 17.15 5.36
CA ALA B 126 -18.88 17.35 6.70
C ALA B 126 -18.57 18.85 6.81
N GLU B 127 -18.71 19.40 8.00
CA GLU B 127 -18.46 20.82 8.19
C GLU B 127 -17.08 21.29 7.75
N LYS B 128 -16.06 20.44 7.92
CA LYS B 128 -14.73 20.89 7.51
C LYS B 128 -14.66 21.18 6.02
N TYR B 129 -15.54 20.58 5.23
CA TYR B 129 -15.53 20.86 3.79
C TYR B 129 -16.35 22.11 3.50
N GLN B 130 -17.48 22.27 4.19
CA GLN B 130 -18.33 23.44 4.01
C GLN B 130 -17.50 24.71 4.27
N THR B 131 -16.75 24.69 5.37
CA THR B 131 -15.93 25.83 5.76
C THR B 131 -15.04 26.27 4.61
N VAL B 132 -14.35 25.31 4.01
CA VAL B 132 -13.46 25.59 2.91
C VAL B 132 -14.20 26.13 1.70
N ILE B 133 -15.28 25.46 1.30
CA ILE B 133 -16.06 25.88 0.15
C ILE B 133 -16.69 27.27 0.35
N ALA B 134 -17.31 27.47 1.51
CA ALA B 134 -17.93 28.76 1.82
C ALA B 134 -16.90 29.89 1.79
N ASP B 135 -15.72 29.63 2.34
CA ASP B 135 -14.67 30.65 2.35
C ASP B 135 -14.24 31.03 0.93
N ILE B 136 -14.03 30.05 0.05
CA ILE B 136 -13.64 30.38 -1.31
C ILE B 136 -14.77 31.14 -2.01
N CYS B 137 -16.01 30.76 -1.75
CA CYS B 137 -17.16 31.45 -2.36
C CYS B 137 -17.25 32.90 -1.93
N ARG B 138 -17.00 33.16 -0.66
CA ARG B 138 -17.03 34.53 -0.14
C ARG B 138 -15.95 35.36 -0.83
N ARG B 139 -14.71 34.90 -0.74
CA ARG B 139 -13.58 35.61 -1.33
C ARG B 139 -13.73 35.79 -2.83
N MET B 140 -14.34 34.81 -3.49
CA MET B 140 -14.54 34.89 -4.94
C MET B 140 -15.61 35.93 -5.28
N GLY B 141 -16.64 36.02 -4.44
CA GLY B 141 -17.69 37.00 -4.67
C GLY B 141 -17.11 38.40 -4.61
N ILE B 142 -16.29 38.64 -3.59
CA ILE B 142 -15.64 39.93 -3.40
C ILE B 142 -14.87 40.30 -4.66
N GLY B 143 -14.02 39.37 -5.11
CA GLY B 143 -13.22 39.59 -6.30
C GLY B 143 -14.01 39.80 -7.58
N MET B 144 -15.02 38.99 -7.82
CA MET B 144 -15.81 39.13 -9.04
C MET B 144 -16.51 40.48 -9.07
N ALA B 145 -17.04 40.89 -7.92
CA ALA B 145 -17.72 42.18 -7.82
C ALA B 145 -16.74 43.29 -8.14
N GLU B 146 -15.56 43.21 -7.54
CA GLU B 146 -14.52 44.21 -7.77
C GLU B 146 -14.18 44.40 -9.25
N PHE B 147 -14.33 43.35 -10.05
CA PHE B 147 -14.01 43.45 -11.47
C PHE B 147 -15.19 43.66 -12.40
N LEU B 148 -16.38 43.87 -11.85
CA LEU B 148 -17.55 44.09 -12.68
C LEU B 148 -17.55 45.42 -13.43
N ASP B 149 -16.93 46.43 -12.84
CA ASP B 149 -16.90 47.76 -13.45
C ASP B 149 -15.54 48.20 -14.00
N LYS B 150 -14.66 47.24 -14.26
CA LYS B 150 -13.33 47.54 -14.79
C LYS B 150 -12.77 46.36 -15.57
N HIS B 151 -12.09 46.63 -16.68
CA HIS B 151 -11.48 45.57 -17.46
C HIS B 151 -10.13 45.26 -16.83
N VAL B 152 -9.42 44.28 -17.36
CA VAL B 152 -8.11 43.93 -16.84
C VAL B 152 -7.09 44.81 -17.53
N THR B 153 -6.29 45.54 -16.76
CA THR B 153 -5.28 46.42 -17.33
C THR B 153 -3.86 45.85 -17.29
N SER B 154 -3.19 45.96 -16.14
CA SER B 154 -1.84 45.46 -16.00
C SER B 154 -1.80 43.93 -15.95
N GLU B 155 -0.60 43.38 -16.07
CA GLU B 155 -0.42 41.94 -16.01
C GLU B 155 -0.64 41.51 -14.57
N GLN B 156 -0.28 42.38 -13.64
CA GLN B 156 -0.45 42.11 -12.21
C GLN B 156 -1.95 42.07 -11.89
N GLU B 157 -2.74 42.82 -12.66
CA GLU B 157 -4.18 42.86 -12.48
C GLU B 157 -4.79 41.61 -13.08
N TRP B 158 -4.17 41.11 -14.15
CA TRP B 158 -4.63 39.90 -14.82
C TRP B 158 -4.44 38.73 -13.85
N ASP B 159 -3.36 38.74 -13.09
CA ASP B 159 -3.11 37.67 -12.13
C ASP B 159 -4.13 37.81 -11.00
N LYS B 160 -4.45 39.05 -10.68
CA LYS B 160 -5.42 39.37 -9.63
C LYS B 160 -6.77 38.76 -9.99
N TYR B 161 -7.23 39.04 -11.19
CA TYR B 161 -8.50 38.52 -11.67
C TYR B 161 -8.47 37.00 -11.73
N CYS B 162 -7.42 36.44 -12.32
CA CYS B 162 -7.29 34.99 -12.43
C CYS B 162 -7.29 34.33 -11.05
N HIS B 163 -6.67 34.99 -10.08
CA HIS B 163 -6.66 34.47 -8.72
C HIS B 163 -8.10 34.39 -8.23
N TYR B 164 -8.86 35.46 -8.43
CA TYR B 164 -10.25 35.52 -7.99
C TYR B 164 -11.19 34.47 -8.57
N VAL B 165 -11.07 34.20 -9.87
CA VAL B 165 -11.95 33.24 -10.52
C VAL B 165 -11.39 31.83 -10.71
N ALA B 166 -10.09 31.66 -10.56
CA ALA B 166 -9.47 30.34 -10.74
C ALA B 166 -8.46 29.99 -9.67
N GLY B 167 -7.59 30.94 -9.35
CA GLY B 167 -6.57 30.72 -8.35
C GLY B 167 -7.17 30.20 -7.07
N LEU B 168 -8.25 30.84 -6.62
CA LEU B 168 -8.90 30.43 -5.39
C LEU B 168 -9.49 29.02 -5.49
N VAL B 169 -9.95 28.62 -6.68
CA VAL B 169 -10.50 27.29 -6.85
C VAL B 169 -9.41 26.24 -6.59
N GLY B 170 -8.20 26.49 -7.09
CA GLY B 170 -7.10 25.58 -6.87
C GLY B 170 -6.75 25.55 -5.39
N ILE B 171 -6.84 26.70 -4.73
CA ILE B 171 -6.55 26.77 -3.31
C ILE B 171 -7.65 26.03 -2.54
N GLY B 172 -8.89 26.23 -2.95
CA GLY B 172 -10.00 25.55 -2.30
C GLY B 172 -9.87 24.05 -2.41
N LEU B 173 -9.67 23.56 -3.63
CA LEU B 173 -9.51 22.14 -3.88
C LEU B 173 -8.36 21.57 -3.04
N SER B 174 -7.25 22.31 -2.98
CA SER B 174 -6.07 21.89 -2.22
C SER B 174 -6.39 21.68 -0.74
N ARG B 175 -7.14 22.62 -0.15
CA ARG B 175 -7.49 22.53 1.25
C ARG B 175 -8.42 21.34 1.48
N LEU B 176 -9.26 21.02 0.49
CA LEU B 176 -10.16 19.90 0.62
C LEU B 176 -9.35 18.61 0.59
N PHE B 177 -8.37 18.54 -0.31
CA PHE B 177 -7.54 17.35 -0.42
C PHE B 177 -6.85 17.06 0.92
N SER B 178 -6.28 18.08 1.54
CA SER B 178 -5.60 17.94 2.84
C SER B 178 -6.55 17.62 3.98
N ALA B 179 -7.72 18.27 3.99
CA ALA B 179 -8.70 18.05 5.04
C ALA B 179 -9.27 16.64 4.94
N SER B 180 -9.29 16.09 3.73
CA SER B 180 -9.79 14.74 3.52
C SER B 180 -8.73 13.73 3.94
N GLU B 181 -7.49 14.20 4.04
CA GLU B 181 -6.35 13.38 4.44
C GLU B 181 -5.82 12.46 3.33
N PHE B 182 -6.38 12.61 2.14
CA PHE B 182 -5.93 11.82 0.99
C PHE B 182 -4.61 12.37 0.48
N GLU B 183 -4.35 13.64 0.76
CA GLU B 183 -3.09 14.26 0.35
C GLU B 183 -2.41 14.87 1.57
N ASP B 184 -1.12 15.12 1.45
CA ASP B 184 -0.33 15.68 2.54
C ASP B 184 -0.81 17.09 2.96
N PRO B 185 -0.65 17.41 4.26
CA PRO B 185 -1.07 18.72 4.77
C PRO B 185 -0.41 19.86 3.99
N LEU B 186 0.75 19.59 3.41
CA LEU B 186 1.49 20.60 2.64
C LEU B 186 0.76 21.04 1.39
N VAL B 187 -0.06 20.16 0.83
CA VAL B 187 -0.81 20.46 -0.39
C VAL B 187 -1.74 21.66 -0.15
N GLY B 188 -2.55 21.58 0.90
CA GLY B 188 -3.44 22.68 1.19
C GLY B 188 -2.77 23.93 1.76
N GLU B 189 -1.56 23.79 2.29
CA GLU B 189 -0.83 24.92 2.86
C GLU B 189 -0.13 25.81 1.85
N ASP B 190 0.46 25.20 0.83
CA ASP B 190 1.17 25.98 -0.18
C ASP B 190 0.16 26.65 -1.11
N THR B 191 -0.42 27.74 -0.64
CA THR B 191 -1.41 28.46 -1.43
C THR B 191 -0.86 29.02 -2.75
N GLU B 192 0.43 29.32 -2.80
CA GLU B 192 1.02 29.84 -4.03
C GLU B 192 1.01 28.84 -5.18
N ARG B 193 1.46 27.61 -4.93
CA ARG B 193 1.47 26.59 -5.96
C ARG B 193 0.03 26.28 -6.37
N ALA B 194 -0.86 26.20 -5.39
CA ALA B 194 -2.28 25.92 -5.67
C ALA B 194 -2.83 27.04 -6.54
N ASN B 195 -2.48 28.29 -6.21
CA ASN B 195 -2.94 29.44 -6.98
C ASN B 195 -2.45 29.33 -8.42
N SER B 196 -1.20 28.94 -8.58
CA SER B 196 -0.61 28.80 -9.91
C SER B 196 -1.35 27.80 -10.79
N MET B 197 -1.86 26.73 -10.19
CA MET B 197 -2.60 25.72 -10.94
C MET B 197 -3.83 26.42 -11.58
N GLY B 198 -4.50 27.24 -10.79
CA GLY B 198 -5.66 27.96 -11.30
C GLY B 198 -5.30 29.01 -12.32
N LEU B 199 -4.24 29.78 -12.04
CA LEU B 199 -3.79 30.81 -12.97
C LEU B 199 -3.43 30.26 -14.33
N PHE B 200 -2.77 29.09 -14.36
CA PHE B 200 -2.36 28.50 -15.62
C PHE B 200 -3.56 28.15 -16.49
N LEU B 201 -4.54 27.50 -15.90
CA LEU B 201 -5.75 27.09 -16.60
C LEU B 201 -6.56 28.30 -17.07
N GLN B 202 -6.71 29.29 -16.20
CA GLN B 202 -7.52 30.45 -16.53
C GLN B 202 -6.91 31.27 -17.66
N LYS B 203 -5.61 31.51 -17.61
CA LYS B 203 -4.95 32.26 -18.67
C LYS B 203 -5.04 31.49 -19.98
N THR B 204 -4.82 30.18 -19.91
CA THR B 204 -4.90 29.36 -21.11
C THR B 204 -6.25 29.51 -21.78
N ASN B 205 -7.33 29.47 -20.99
CA ASN B 205 -8.65 29.60 -21.57
C ASN B 205 -8.90 31.00 -22.13
N ILE B 206 -8.45 32.02 -21.40
CA ILE B 206 -8.60 33.40 -21.85
C ILE B 206 -7.89 33.60 -23.18
N ILE B 207 -6.71 32.99 -23.33
CA ILE B 207 -5.93 33.09 -24.56
C ILE B 207 -6.75 32.45 -25.68
N ARG B 208 -7.19 31.21 -25.44
CA ARG B 208 -7.96 30.42 -26.39
C ARG B 208 -9.29 31.04 -26.82
N ASP B 209 -10.04 31.58 -25.86
CA ASP B 209 -11.35 32.16 -26.14
C ASP B 209 -11.37 33.65 -26.48
N TYR B 210 -10.31 34.16 -27.12
CA TYR B 210 -10.29 35.58 -27.47
C TYR B 210 -11.47 35.96 -28.35
N LEU B 211 -11.61 35.25 -29.46
CA LEU B 211 -12.67 35.52 -30.42
C LEU B 211 -14.06 35.37 -29.81
N GLU B 212 -14.29 34.26 -29.13
CA GLU B 212 -15.59 34.00 -28.51
C GLU B 212 -15.98 35.12 -27.54
N ASP B 213 -15.01 35.66 -26.82
CA ASP B 213 -15.28 36.75 -25.88
C ASP B 213 -15.49 38.07 -26.61
N GLN B 214 -15.01 38.13 -27.85
CA GLN B 214 -15.15 39.35 -28.66
C GLN B 214 -16.58 39.58 -29.11
N GLN B 215 -17.28 38.49 -29.38
CA GLN B 215 -18.66 38.56 -29.84
C GLN B 215 -19.58 38.67 -28.63
N GLY B 216 -19.16 38.12 -27.51
CA GLY B 216 -19.96 38.20 -26.31
C GLY B 216 -19.90 39.61 -25.75
N GLY B 217 -18.82 40.32 -26.07
CA GLY B 217 -18.67 41.69 -25.61
C GLY B 217 -17.91 41.86 -24.30
N ARG B 218 -17.06 40.89 -23.98
CA ARG B 218 -16.27 40.94 -22.75
C ARG B 218 -14.78 40.86 -23.08
N GLU B 219 -14.00 41.74 -22.44
CA GLU B 219 -12.56 41.80 -22.66
C GLU B 219 -11.77 41.28 -21.47
N PHE B 220 -10.89 40.31 -21.72
CA PHE B 220 -10.07 39.73 -20.65
C PHE B 220 -8.57 39.88 -20.84
N TRP B 221 -8.12 39.97 -22.09
CA TRP B 221 -6.70 40.15 -22.37
C TRP B 221 -6.27 41.45 -21.69
N PRO B 222 -5.18 41.42 -20.92
CA PRO B 222 -4.72 42.63 -20.23
C PRO B 222 -4.51 43.80 -21.19
N GLN B 223 -5.12 44.94 -20.87
CA GLN B 223 -5.04 46.13 -21.70
C GLN B 223 -3.61 46.61 -21.93
N GLU B 224 -2.80 46.62 -20.89
CA GLU B 224 -1.42 47.06 -21.03
C GLU B 224 -0.62 46.23 -22.04
N VAL B 225 -1.09 45.02 -22.33
CA VAL B 225 -0.39 44.17 -23.28
C VAL B 225 -0.88 44.38 -24.71
N TRP B 226 -2.19 44.33 -24.93
CA TRP B 226 -2.69 44.52 -26.29
C TRP B 226 -2.66 45.99 -26.73
N SER B 227 -2.74 46.91 -25.77
CA SER B 227 -2.75 48.33 -26.10
C SER B 227 -1.48 48.75 -26.84
N ARG B 228 -0.49 47.87 -26.86
CA ARG B 228 0.77 48.16 -27.55
C ARG B 228 0.80 47.56 -28.94
N TYR B 229 -0.26 46.86 -29.31
CA TYR B 229 -0.34 46.24 -30.62
C TYR B 229 -1.51 46.83 -31.40
N VAL B 230 -2.48 47.35 -30.68
CA VAL B 230 -3.65 47.95 -31.29
C VAL B 230 -4.27 48.99 -30.36
N LYS B 231 -5.29 49.67 -30.86
CA LYS B 231 -5.98 50.70 -30.09
C LYS B 231 -7.24 50.12 -29.48
N LYS B 232 -7.77 49.09 -30.11
CA LYS B 232 -8.99 48.41 -29.66
C LYS B 232 -8.75 46.91 -29.69
N LEU B 233 -8.90 46.25 -28.54
CA LEU B 233 -8.71 44.81 -28.47
C LEU B 233 -9.44 44.08 -29.59
N GLY B 234 -10.57 44.64 -30.01
CA GLY B 234 -11.34 44.03 -31.08
C GLY B 234 -10.64 44.08 -32.43
N ASP B 235 -9.59 44.90 -32.52
CA ASP B 235 -8.84 45.03 -33.76
C ASP B 235 -8.22 43.71 -34.24
N PHE B 236 -7.80 42.88 -33.30
CA PHE B 236 -7.19 41.59 -33.64
C PHE B 236 -8.17 40.76 -34.46
N ALA B 237 -9.43 41.15 -34.45
CA ALA B 237 -10.45 40.43 -35.21
C ALA B 237 -10.29 40.83 -36.67
N LEU B 238 -9.80 42.05 -36.90
CA LEU B 238 -9.59 42.54 -38.25
C LEU B 238 -8.45 41.76 -38.89
N PRO B 239 -8.74 41.03 -39.97
CA PRO B 239 -7.80 40.20 -40.72
C PRO B 239 -6.57 40.93 -41.24
N GLU B 240 -6.51 42.25 -41.02
CA GLU B 240 -5.37 43.02 -41.49
C GLU B 240 -4.34 43.20 -40.39
N ASN B 241 -4.79 43.04 -39.14
CA ASN B 241 -3.91 43.17 -37.97
C ASN B 241 -3.46 41.77 -37.51
N ILE B 242 -3.84 40.76 -38.28
CA ILE B 242 -3.51 39.37 -37.96
C ILE B 242 -2.11 39.14 -37.42
N ASP B 243 -1.12 39.75 -38.05
CA ASP B 243 0.26 39.59 -37.59
C ASP B 243 0.46 40.22 -36.22
N LEU B 244 -0.13 41.38 -36.02
CA LEU B 244 -0.01 42.07 -34.74
C LEU B 244 -0.67 41.23 -33.65
N ALA B 245 -1.77 40.59 -34.00
CA ALA B 245 -2.51 39.76 -33.06
C ALA B 245 -1.65 38.59 -32.57
N VAL B 246 -1.10 37.84 -33.51
CA VAL B 246 -0.26 36.67 -33.20
C VAL B 246 0.93 37.03 -32.32
N GLN B 247 1.43 38.25 -32.45
CA GLN B 247 2.57 38.68 -31.63
C GLN B 247 2.13 38.83 -30.18
N CYS B 248 0.99 39.48 -29.99
CA CYS B 248 0.42 39.69 -28.67
C CYS B 248 0.08 38.32 -28.09
N LEU B 249 -0.45 37.46 -28.95
CA LEU B 249 -0.81 36.11 -28.59
C LEU B 249 0.40 35.42 -27.98
N ASN B 250 1.53 35.49 -28.69
CA ASN B 250 2.74 34.84 -28.22
C ASN B 250 3.24 35.41 -26.90
N GLU B 251 3.05 36.71 -26.68
CA GLU B 251 3.50 37.33 -25.44
C GLU B 251 2.70 36.86 -24.23
N LEU B 252 1.39 36.72 -24.40
CA LEU B 252 0.54 36.28 -23.32
C LEU B 252 0.82 34.80 -23.05
N ILE B 253 0.95 34.01 -24.11
CA ILE B 253 1.24 32.59 -23.98
C ILE B 253 2.55 32.47 -23.21
N THR B 254 3.50 33.34 -23.53
CA THR B 254 4.80 33.35 -22.86
C THR B 254 4.60 33.65 -21.39
N ASN B 255 3.64 34.52 -21.11
CA ASN B 255 3.30 34.92 -19.75
C ASN B 255 2.80 33.70 -18.98
N ALA B 256 1.84 33.00 -19.57
CA ALA B 256 1.24 31.82 -18.97
C ALA B 256 2.26 30.72 -18.66
N LEU B 257 3.18 30.48 -19.59
CA LEU B 257 4.21 29.45 -19.42
C LEU B 257 4.98 29.57 -18.11
N HIS B 258 4.98 30.75 -17.51
CA HIS B 258 5.71 30.95 -16.27
C HIS B 258 5.10 30.22 -15.08
N HIS B 259 3.87 29.73 -15.23
CA HIS B 259 3.23 29.01 -14.13
C HIS B 259 3.61 27.54 -14.10
N ILE B 260 3.99 27.01 -15.26
CA ILE B 260 4.36 25.60 -15.37
C ILE B 260 5.30 25.03 -14.29
N PRO B 261 6.39 25.74 -13.97
CA PRO B 261 7.25 25.14 -12.94
C PRO B 261 6.52 24.92 -11.60
N ASP B 262 5.52 25.77 -11.32
CA ASP B 262 4.71 25.64 -10.10
C ASP B 262 3.74 24.46 -10.27
N VAL B 263 3.24 24.27 -11.49
CA VAL B 263 2.33 23.15 -11.76
C VAL B 263 3.06 21.84 -11.53
N ILE B 264 4.31 21.77 -12.01
CA ILE B 264 5.12 20.57 -11.84
C ILE B 264 5.33 20.32 -10.34
N THR B 265 5.72 21.36 -9.63
CA THR B 265 5.96 21.23 -8.21
C THR B 265 4.70 20.74 -7.50
N TYR B 266 3.55 21.31 -7.88
CA TYR B 266 2.29 20.93 -7.28
C TYR B 266 1.95 19.46 -7.51
N LEU B 267 1.95 19.05 -8.78
CA LEU B 267 1.63 17.66 -9.14
C LEU B 267 2.60 16.65 -8.53
N SER B 268 3.86 17.04 -8.37
CA SER B 268 4.86 16.14 -7.82
C SER B 268 4.65 15.82 -6.34
N ARG B 269 3.79 16.57 -5.66
CA ARG B 269 3.50 16.32 -4.24
C ARG B 269 2.28 15.43 -4.03
N LEU B 270 1.54 15.17 -5.09
CA LEU B 270 0.33 14.36 -4.98
C LEU B 270 0.68 12.89 -4.79
N ARG B 271 -0.12 12.19 -3.97
CA ARG B 271 0.12 10.77 -3.70
C ARG B 271 -1.11 9.88 -3.92
N ASN B 272 -2.29 10.49 -3.98
CA ASN B 272 -3.51 9.73 -4.22
C ASN B 272 -3.72 9.71 -5.74
N GLN B 273 -3.88 8.51 -6.29
CA GLN B 273 -4.06 8.36 -7.72
C GLN B 273 -5.28 9.06 -8.31
N SER B 274 -6.41 9.00 -7.64
CA SER B 274 -7.63 9.63 -8.16
C SER B 274 -7.47 11.16 -8.17
N VAL B 275 -6.79 11.69 -7.16
CA VAL B 275 -6.58 13.14 -7.07
C VAL B 275 -5.59 13.54 -8.16
N PHE B 276 -4.54 12.73 -8.33
CA PHE B 276 -3.54 12.99 -9.34
C PHE B 276 -4.16 13.04 -10.73
N ASN B 277 -5.01 12.07 -11.05
CA ASN B 277 -5.65 12.05 -12.36
C ASN B 277 -6.43 13.34 -12.52
N PHE B 278 -7.22 13.67 -11.49
CA PHE B 278 -8.04 14.87 -11.48
C PHE B 278 -7.24 16.17 -11.69
N CYS B 279 -6.10 16.31 -11.01
CA CYS B 279 -5.28 17.51 -11.11
C CYS B 279 -4.41 17.61 -12.36
N ALA B 280 -3.85 16.47 -12.78
CA ALA B 280 -2.96 16.43 -13.92
C ALA B 280 -3.61 16.62 -15.28
N ILE B 281 -4.65 15.86 -15.56
CA ILE B 281 -5.31 15.93 -16.85
C ILE B 281 -5.69 17.35 -17.29
N PRO B 282 -6.30 18.14 -16.40
CA PRO B 282 -6.66 19.50 -16.86
C PRO B 282 -5.44 20.34 -17.20
N GLN B 283 -4.36 20.19 -16.43
CA GLN B 283 -3.13 20.94 -16.68
C GLN B 283 -2.51 20.55 -18.03
N VAL B 284 -2.53 19.25 -18.33
CA VAL B 284 -1.97 18.73 -19.56
C VAL B 284 -2.81 19.21 -20.75
N MET B 285 -4.12 19.20 -20.60
CA MET B 285 -4.99 19.66 -21.66
C MET B 285 -4.75 21.14 -21.92
N ALA B 286 -4.46 21.89 -20.86
CA ALA B 286 -4.19 23.32 -20.96
C ALA B 286 -2.89 23.58 -21.71
N ILE B 287 -1.87 22.77 -21.42
CA ILE B 287 -0.58 22.90 -22.07
C ILE B 287 -0.67 22.58 -23.56
N ALA B 288 -1.41 21.53 -23.88
CA ALA B 288 -1.59 21.12 -25.27
C ALA B 288 -2.26 22.27 -26.03
N THR B 289 -3.20 22.93 -25.35
CA THR B 289 -3.93 24.03 -25.93
C THR B 289 -3.00 25.21 -26.22
N LEU B 290 -2.10 25.52 -25.28
CA LEU B 290 -1.16 26.61 -25.48
C LEU B 290 -0.23 26.33 -26.65
N ALA B 291 0.18 25.07 -26.79
CA ALA B 291 1.07 24.69 -27.87
C ALA B 291 0.35 24.83 -29.21
N ALA B 292 -0.91 24.42 -29.22
CA ALA B 292 -1.72 24.49 -30.44
C ALA B 292 -1.94 25.94 -30.85
N CYS B 293 -2.10 26.82 -29.87
CA CYS B 293 -2.34 28.24 -30.13
C CYS B 293 -1.10 29.06 -30.42
N TYR B 294 0.06 28.58 -29.97
CA TYR B 294 1.28 29.33 -30.20
C TYR B 294 1.53 29.67 -31.66
N ASN B 295 1.86 30.93 -31.90
CA ASN B 295 2.14 31.43 -33.24
C ASN B 295 1.11 30.88 -34.22
N ASN B 296 -0.13 30.71 -33.73
CA ASN B 296 -1.22 30.20 -34.55
C ASN B 296 -2.20 31.31 -34.89
N GLN B 297 -2.47 31.51 -36.17
CA GLN B 297 -3.38 32.56 -36.62
C GLN B 297 -4.85 32.21 -36.52
N GLN B 298 -5.14 30.92 -36.41
CA GLN B 298 -6.52 30.47 -36.33
C GLN B 298 -7.19 30.93 -35.04
N VAL B 299 -6.39 31.31 -34.05
CA VAL B 299 -6.92 31.77 -32.77
C VAL B 299 -7.83 32.98 -32.96
N PHE B 300 -7.59 33.72 -34.03
CA PHE B 300 -8.36 34.92 -34.31
C PHE B 300 -9.35 34.75 -35.46
N LYS B 301 -9.38 33.56 -36.05
CA LYS B 301 -10.30 33.29 -37.16
C LYS B 301 -11.32 32.20 -36.85
N GLY B 302 -11.10 31.46 -35.77
CA GLY B 302 -12.04 30.41 -35.43
C GLY B 302 -11.58 29.43 -34.36
N ALA B 303 -12.02 28.19 -34.50
CA ALA B 303 -11.68 27.14 -33.56
C ALA B 303 -10.29 26.55 -33.80
N VAL B 304 -9.50 26.47 -32.73
CA VAL B 304 -8.16 25.93 -32.81
C VAL B 304 -8.22 24.43 -32.53
N LEU B 305 -7.79 23.62 -33.49
CA LEU B 305 -7.82 22.17 -33.32
C LEU B 305 -6.56 21.66 -32.64
N ILE B 306 -6.75 20.98 -31.51
CA ILE B 306 -5.63 20.42 -30.76
C ILE B 306 -4.93 19.36 -31.60
N ARG B 307 -3.66 19.58 -31.92
CA ARG B 307 -2.91 18.62 -32.72
C ARG B 307 -2.29 17.53 -31.85
N LEU B 308 -2.35 16.30 -32.35
CA LEU B 308 -1.82 15.13 -31.66
C LEU B 308 -0.38 15.34 -31.22
N GLY B 309 0.06 14.53 -30.26
CA GLY B 309 1.42 14.63 -29.77
C GLY B 309 2.37 13.69 -30.48
N GLN B 310 3.65 13.80 -30.11
CA GLN B 310 4.71 12.98 -30.68
C GLN B 310 4.40 11.50 -30.42
N ALA B 311 5.25 10.61 -30.92
CA ALA B 311 5.04 9.19 -30.75
C ALA B 311 5.14 8.76 -29.28
N VAL B 312 6.05 9.35 -28.54
CA VAL B 312 6.25 9.02 -27.13
C VAL B 312 5.07 9.37 -26.21
N THR B 313 4.52 10.57 -26.36
CA THR B 313 3.38 10.98 -25.54
C THR B 313 2.19 10.04 -25.70
N LEU B 314 1.93 9.62 -26.94
CA LEU B 314 0.81 8.73 -27.20
C LEU B 314 1.05 7.36 -26.55
N MET B 315 2.29 7.10 -26.18
CA MET B 315 2.65 5.83 -25.54
C MET B 315 2.36 5.85 -24.05
N MET B 316 2.12 7.06 -23.53
CA MET B 316 1.83 7.24 -22.12
C MET B 316 0.71 8.23 -21.83
N ASP B 317 -0.07 7.94 -20.79
CA ASP B 317 -1.17 8.81 -20.39
C ASP B 317 -0.72 9.60 -19.17
N ALA B 318 -1.42 10.70 -18.88
CA ALA B 318 -1.05 11.55 -17.75
C ALA B 318 -1.47 11.02 -16.37
N THR B 319 -1.03 9.81 -16.02
CA THR B 319 -1.41 9.24 -14.72
C THR B 319 -0.27 8.89 -13.76
N ASN B 320 0.96 9.21 -14.13
CA ASN B 320 2.09 9.02 -13.25
C ASN B 320 2.95 10.26 -13.50
N MET B 321 3.54 10.78 -12.44
CA MET B 321 4.34 12.00 -12.49
C MET B 321 5.44 12.05 -13.57
N PRO B 322 6.26 11.00 -13.68
CA PRO B 322 7.31 11.03 -14.71
C PRO B 322 6.73 11.17 -16.12
N ALA B 323 5.60 10.51 -16.36
CA ALA B 323 4.97 10.58 -17.67
C ALA B 323 4.40 11.98 -17.92
N VAL B 324 3.87 12.61 -16.88
CA VAL B 324 3.33 13.95 -17.02
C VAL B 324 4.46 14.93 -17.34
N LYS B 325 5.61 14.74 -16.73
CA LYS B 325 6.75 15.60 -16.99
C LYS B 325 7.15 15.50 -18.48
N ALA B 326 7.30 14.26 -18.95
CA ALA B 326 7.66 13.96 -20.32
C ALA B 326 6.69 14.61 -21.31
N ILE B 327 5.40 14.43 -21.07
CA ILE B 327 4.37 15.00 -21.93
C ILE B 327 4.49 16.53 -21.95
N ILE B 328 4.76 17.09 -20.79
CA ILE B 328 4.90 18.53 -20.66
C ILE B 328 6.12 19.01 -21.43
N TYR B 329 7.22 18.28 -21.31
CA TYR B 329 8.43 18.67 -22.01
C TYR B 329 8.24 18.58 -23.51
N GLN B 330 7.53 17.55 -23.96
CA GLN B 330 7.28 17.41 -25.40
C GLN B 330 6.53 18.62 -25.92
N TYR B 331 5.51 19.06 -25.19
CA TYR B 331 4.75 20.23 -25.63
C TYR B 331 5.61 21.49 -25.59
N MET B 332 6.59 21.53 -24.70
CA MET B 332 7.46 22.69 -24.60
C MET B 332 8.33 22.78 -25.86
N GLU B 333 8.98 21.67 -26.22
CA GLU B 333 9.84 21.62 -27.39
C GLU B 333 9.02 21.91 -28.65
N GLU B 334 7.74 21.59 -28.62
CA GLU B 334 6.87 21.84 -29.77
C GLU B 334 6.62 23.33 -29.97
N ILE B 335 6.74 24.08 -28.89
CA ILE B 335 6.54 25.52 -28.95
C ILE B 335 7.89 26.16 -29.25
N TYR B 336 8.95 25.57 -28.70
CA TYR B 336 10.30 26.06 -28.84
C TYR B 336 10.83 26.10 -30.29
N HIS B 337 10.71 25.01 -31.02
CA HIS B 337 11.21 24.98 -32.40
C HIS B 337 10.27 25.74 -33.33
N ARG B 338 9.33 26.47 -32.74
CA ARG B 338 8.35 27.22 -33.51
C ARG B 338 8.44 28.71 -33.20
N ILE B 339 9.40 29.08 -32.37
CA ILE B 339 9.58 30.47 -31.99
C ILE B 339 10.25 31.27 -33.10
N PRO B 340 9.54 32.26 -33.66
CA PRO B 340 10.14 33.08 -34.73
C PRO B 340 11.12 34.04 -34.06
N ASP B 341 12.31 34.20 -34.64
CA ASP B 341 13.31 35.11 -34.09
C ASP B 341 12.75 36.53 -34.19
N SER B 342 11.89 36.73 -35.17
CA SER B 342 11.30 38.03 -35.41
C SER B 342 10.20 38.37 -34.44
N ASN B 343 9.85 37.43 -33.56
CA ASN B 343 8.80 37.66 -32.57
C ASN B 343 9.39 38.50 -31.47
N PRO B 344 8.69 39.57 -31.07
CA PRO B 344 9.22 40.40 -30.00
C PRO B 344 9.44 39.69 -28.64
N SER B 345 8.77 38.56 -28.44
CA SER B 345 8.89 37.81 -27.17
C SER B 345 9.83 36.62 -27.32
N SER B 346 10.15 36.27 -28.56
CA SER B 346 11.02 35.13 -28.87
C SER B 346 12.09 34.84 -27.83
N SER B 347 12.77 35.88 -27.36
CA SER B 347 13.81 35.72 -26.36
C SER B 347 13.27 35.31 -25.00
N LYS B 348 12.17 35.94 -24.57
CA LYS B 348 11.55 35.63 -23.29
C LYS B 348 10.97 34.22 -23.27
N THR B 349 10.42 33.79 -24.40
CA THR B 349 9.82 32.47 -24.53
C THR B 349 10.87 31.38 -24.32
N ARG B 350 12.03 31.53 -24.98
CA ARG B 350 13.10 30.54 -24.85
C ARG B 350 13.59 30.52 -23.42
N GLN B 351 13.67 31.70 -22.81
CA GLN B 351 14.12 31.82 -21.43
C GLN B 351 13.29 30.98 -20.45
N ILE B 352 11.98 31.16 -20.47
CA ILE B 352 11.12 30.41 -19.57
C ILE B 352 11.09 28.92 -19.91
N ILE B 353 11.13 28.60 -21.20
CA ILE B 353 11.13 27.21 -21.63
C ILE B 353 12.43 26.54 -21.20
N SER B 354 13.52 27.30 -21.20
CA SER B 354 14.82 26.79 -20.80
C SER B 354 14.82 26.56 -19.28
N THR B 355 14.13 27.43 -18.56
CA THR B 355 14.04 27.31 -17.11
C THR B 355 13.20 26.10 -16.72
N ILE B 356 12.22 25.79 -17.57
CA ILE B 356 11.33 24.65 -17.34
C ILE B 356 12.06 23.33 -17.57
N ARG B 357 12.92 23.31 -18.59
CA ARG B 357 13.71 22.13 -18.94
C ARG B 357 14.81 21.79 -17.96
N THR B 358 15.51 22.80 -17.50
CA THR B 358 16.62 22.59 -16.57
C THR B 358 16.12 22.47 -15.13
N GLN B 359 14.83 22.23 -14.98
CA GLN B 359 14.18 22.08 -13.68
C GLN B 359 13.78 23.44 -13.12
N LEU C 26 20.91 25.38 -13.18
CA LEU C 26 21.30 26.63 -12.54
C LEU C 26 22.35 27.34 -13.39
N SER C 27 23.44 26.64 -13.72
CA SER C 27 24.52 27.19 -14.54
C SER C 27 24.04 27.31 -15.98
N SER C 28 24.62 28.28 -16.70
CA SER C 28 24.24 28.49 -18.09
C SER C 28 24.75 27.36 -18.97
N SER C 29 25.78 26.66 -18.51
CA SER C 29 26.32 25.54 -19.29
C SER C 29 25.37 24.35 -19.23
N LEU C 30 24.76 24.11 -18.08
CA LEU C 30 23.82 23.00 -17.97
C LEU C 30 22.57 23.24 -18.82
N LYS C 31 22.07 24.48 -18.85
CA LYS C 31 20.89 24.76 -19.66
C LYS C 31 21.23 24.65 -21.14
N THR C 32 22.45 25.06 -21.49
CA THR C 32 22.91 24.97 -22.87
C THR C 32 22.89 23.50 -23.27
N CYS C 33 23.26 22.64 -22.32
CA CYS C 33 23.26 21.21 -22.58
C CYS C 33 21.84 20.72 -22.86
N TYR C 34 20.89 21.18 -22.07
CA TYR C 34 19.50 20.77 -22.27
C TYR C 34 18.97 21.38 -23.57
N LYS C 35 19.52 22.51 -23.99
CA LYS C 35 19.10 23.10 -25.25
C LYS C 35 19.56 22.14 -26.35
N TYR C 36 20.81 21.68 -26.26
CA TYR C 36 21.34 20.75 -27.25
C TYR C 36 20.59 19.43 -27.24
N LEU C 37 20.28 18.93 -26.05
CA LEU C 37 19.56 17.66 -25.94
C LEU C 37 18.26 17.73 -26.73
N ASN C 38 17.50 18.81 -26.54
CA ASN C 38 16.23 18.99 -27.25
C ASN C 38 16.39 19.19 -28.76
N GLN C 39 17.51 19.76 -29.20
CA GLN C 39 17.73 19.97 -30.63
C GLN C 39 18.20 18.69 -31.28
N THR C 40 19.09 17.96 -30.60
CA THR C 40 19.66 16.74 -31.14
C THR C 40 18.98 15.45 -30.70
N SER C 41 18.04 15.53 -29.78
CA SER C 41 17.34 14.33 -29.31
C SER C 41 15.84 14.48 -29.38
N ARG C 42 15.28 14.30 -30.58
CA ARG C 42 13.85 14.42 -30.76
C ARG C 42 13.08 13.28 -30.06
N SER C 43 13.65 12.09 -30.08
CA SER C 43 13.00 10.91 -29.50
C SER C 43 13.20 10.64 -28.00
N PHE C 44 14.31 11.09 -27.42
CA PHE C 44 14.57 10.81 -26.01
C PHE C 44 14.58 12.01 -25.07
N ALA C 45 14.60 13.22 -25.62
CA ALA C 45 14.67 14.43 -24.80
C ALA C 45 13.70 14.46 -23.61
N ALA C 46 12.41 14.34 -23.90
CA ALA C 46 11.37 14.37 -22.87
C ALA C 46 11.52 13.32 -21.76
N VAL C 47 11.71 12.05 -22.13
CA VAL C 47 11.85 11.00 -21.13
C VAL C 47 13.14 11.11 -20.32
N ILE C 48 14.17 11.67 -20.93
CA ILE C 48 15.45 11.87 -20.23
C ILE C 48 15.27 12.96 -19.17
N GLN C 49 14.60 14.03 -19.55
CA GLN C 49 14.36 15.13 -18.64
C GLN C 49 13.38 14.74 -17.56
N ALA C 50 12.65 13.66 -17.77
CA ALA C 50 11.68 13.19 -16.78
C ALA C 50 12.32 12.24 -15.76
N LEU C 51 13.57 11.87 -15.99
CA LEU C 51 14.27 10.96 -15.09
C LEU C 51 14.52 11.53 -13.70
N ASP C 52 14.38 10.68 -12.68
CA ASP C 52 14.60 11.09 -11.29
C ASP C 52 16.03 11.47 -10.91
N GLY C 53 16.13 12.35 -9.93
CA GLY C 53 17.40 12.80 -9.38
C GLY C 53 18.61 12.96 -10.28
N GLU C 54 19.71 12.34 -9.86
CA GLU C 54 20.98 12.44 -10.58
C GLU C 54 21.02 11.80 -11.97
N MET C 55 20.12 10.86 -12.23
CA MET C 55 20.10 10.19 -13.53
C MET C 55 19.84 11.21 -14.64
N ARG C 56 19.05 12.22 -14.31
CA ARG C 56 18.67 13.26 -15.25
C ARG C 56 19.86 13.87 -15.97
N ASN C 57 20.74 14.54 -15.22
CA ASN C 57 21.91 15.17 -15.80
C ASN C 57 22.86 14.13 -16.38
N ALA C 58 23.06 13.05 -15.63
CA ALA C 58 23.96 11.98 -16.07
C ALA C 58 23.60 11.46 -17.47
N VAL C 59 22.34 11.10 -17.67
CA VAL C 59 21.90 10.58 -18.97
C VAL C 59 21.87 11.66 -20.05
N CYS C 60 21.56 12.90 -19.65
CA CYS C 60 21.53 14.02 -20.59
C CYS C 60 22.93 14.20 -21.21
N ILE C 61 23.94 14.24 -20.35
CA ILE C 61 25.32 14.40 -20.79
C ILE C 61 25.79 13.20 -21.60
N PHE C 62 25.52 12.01 -21.08
CA PHE C 62 25.91 10.79 -21.77
C PHE C 62 25.36 10.83 -23.20
N TYR C 63 24.10 11.23 -23.33
CA TYR C 63 23.49 11.30 -24.65
C TYR C 63 24.15 12.35 -25.54
N LEU C 64 24.56 13.47 -24.94
CA LEU C 64 25.21 14.55 -25.70
C LEU C 64 26.59 14.12 -26.21
N VAL C 65 27.39 13.46 -25.37
CA VAL C 65 28.70 13.00 -25.80
C VAL C 65 28.56 11.91 -26.86
N LEU C 66 27.60 11.02 -26.72
CA LEU C 66 27.41 9.99 -27.73
C LEU C 66 26.96 10.65 -29.04
N ARG C 67 26.16 11.70 -28.92
CA ARG C 67 25.68 12.42 -30.08
C ARG C 67 26.86 13.02 -30.84
N ALA C 68 27.79 13.63 -30.12
CA ALA C 68 28.98 14.22 -30.74
C ALA C 68 29.77 13.11 -31.44
N LEU C 69 30.05 12.04 -30.72
CA LEU C 69 30.80 10.91 -31.27
C LEU C 69 30.15 10.42 -32.56
N ASP C 70 28.83 10.30 -32.52
CA ASP C 70 28.03 9.84 -33.65
C ASP C 70 28.21 10.80 -34.83
N THR C 71 28.21 12.09 -34.53
CA THR C 71 28.35 13.13 -35.54
C THR C 71 29.69 13.07 -36.26
N LEU C 72 30.74 12.76 -35.53
CA LEU C 72 32.08 12.64 -36.10
C LEU C 72 32.16 11.44 -37.02
N GLU C 73 31.71 10.29 -36.52
CA GLU C 73 31.70 9.05 -37.27
C GLU C 73 30.92 9.22 -38.57
N ASP C 74 29.80 9.95 -38.48
CA ASP C 74 28.90 10.22 -39.59
C ASP C 74 29.46 11.12 -40.68
N ASP C 75 30.13 12.19 -40.24
CA ASP C 75 30.68 13.20 -41.14
C ASP C 75 31.66 12.66 -42.17
N MET C 76 31.21 12.56 -43.41
CA MET C 76 32.06 12.04 -44.48
C MET C 76 33.07 13.01 -45.06
N THR C 77 33.07 14.27 -44.61
CA THR C 77 34.05 15.23 -45.13
C THR C 77 35.30 15.16 -44.26
N ILE C 78 35.24 14.34 -43.22
CA ILE C 78 36.38 14.16 -42.34
C ILE C 78 37.09 12.93 -42.89
N SER C 79 38.36 13.07 -43.25
CA SER C 79 39.12 11.96 -43.79
C SER C 79 39.30 10.83 -42.76
N VAL C 80 39.47 9.62 -43.26
CA VAL C 80 39.68 8.46 -42.39
C VAL C 80 40.92 8.73 -41.55
N GLU C 81 41.92 9.35 -42.16
CA GLU C 81 43.15 9.68 -41.47
C GLU C 81 42.87 10.50 -40.23
N LYS C 82 41.95 11.45 -40.32
CA LYS C 82 41.59 12.28 -39.18
C LYS C 82 40.56 11.66 -38.27
N LYS C 83 39.62 10.90 -38.86
CA LYS C 83 38.55 10.29 -38.10
C LYS C 83 38.98 9.20 -37.11
N VAL C 84 39.84 8.28 -37.55
CA VAL C 84 40.31 7.22 -36.68
C VAL C 84 40.84 7.77 -35.36
N PRO C 85 41.78 8.73 -35.41
CA PRO C 85 42.29 9.28 -34.15
C PRO C 85 41.18 9.94 -33.33
N LEU C 86 40.23 10.58 -34.01
CA LEU C 86 39.12 11.24 -33.33
C LEU C 86 38.24 10.24 -32.58
N LEU C 87 37.90 9.13 -33.22
CA LEU C 87 37.05 8.12 -32.58
C LEU C 87 37.77 7.42 -31.41
N HIS C 88 39.05 7.08 -31.59
CA HIS C 88 39.81 6.41 -30.53
C HIS C 88 40.07 7.27 -29.31
N ASN C 89 40.25 8.57 -29.53
CA ASN C 89 40.57 9.47 -28.42
C ASN C 89 39.41 10.31 -27.91
N PHE C 90 38.24 10.15 -28.51
CA PHE C 90 37.08 10.93 -28.09
C PHE C 90 36.89 10.96 -26.58
N HIS C 91 36.94 9.80 -25.95
CA HIS C 91 36.76 9.68 -24.50
C HIS C 91 37.74 10.55 -23.70
N SER C 92 38.93 10.77 -24.24
CA SER C 92 39.91 11.59 -23.54
C SER C 92 39.59 13.08 -23.65
N PHE C 93 38.87 13.47 -24.71
CA PHE C 93 38.51 14.86 -24.91
C PHE C 93 37.60 15.31 -23.77
N LEU C 94 36.91 14.34 -23.17
CA LEU C 94 36.02 14.61 -22.05
C LEU C 94 36.80 15.22 -20.89
N TYR C 95 38.10 14.95 -20.84
CA TYR C 95 38.94 15.45 -19.75
C TYR C 95 39.72 16.73 -20.10
N GLN C 96 39.78 17.05 -21.38
CA GLN C 96 40.51 18.22 -21.85
C GLN C 96 39.55 19.40 -21.98
N PRO C 97 39.54 20.29 -20.98
CA PRO C 97 38.70 21.48 -20.91
C PRO C 97 38.51 22.34 -22.15
N ASP C 98 39.52 22.42 -23.00
CA ASP C 98 39.42 23.25 -24.19
C ASP C 98 39.22 22.53 -25.51
N TRP C 99 39.20 21.20 -25.49
CA TRP C 99 39.04 20.48 -26.73
C TRP C 99 37.69 20.72 -27.40
N ARG C 100 37.73 20.92 -28.71
CA ARG C 100 36.55 21.14 -29.54
C ARG C 100 36.90 20.81 -30.99
N PHE C 101 35.89 20.72 -31.84
CA PHE C 101 36.09 20.42 -33.25
C PHE C 101 35.25 21.41 -34.04
N MET C 102 35.89 22.17 -34.92
CA MET C 102 35.21 23.19 -35.71
C MET C 102 35.06 22.88 -37.19
N GLU C 103 35.42 21.67 -37.62
CA GLU C 103 35.33 21.31 -39.04
C GLU C 103 34.20 20.40 -39.46
N SER C 104 33.27 20.09 -38.55
CA SER C 104 32.16 19.24 -38.92
C SER C 104 31.18 20.00 -39.80
N LYS C 105 30.56 19.29 -40.73
CA LYS C 105 29.60 19.90 -41.64
C LYS C 105 28.22 19.28 -41.42
N GLU C 106 28.07 18.59 -40.30
CA GLU C 106 26.82 17.93 -39.94
C GLU C 106 25.88 18.89 -39.21
N LYS C 107 24.59 18.59 -39.25
CA LYS C 107 23.60 19.44 -38.62
C LYS C 107 23.83 19.61 -37.11
N ASP C 108 24.23 18.53 -36.45
CA ASP C 108 24.45 18.59 -35.00
C ASP C 108 25.84 19.06 -34.59
N ARG C 109 26.61 19.59 -35.54
CA ARG C 109 27.95 20.06 -35.25
C ARG C 109 28.08 20.96 -34.02
N GLN C 110 26.98 21.62 -33.66
CA GLN C 110 27.00 22.52 -32.50
C GLN C 110 27.52 21.85 -31.23
N VAL C 111 27.24 20.56 -31.07
CA VAL C 111 27.71 19.83 -29.87
C VAL C 111 29.22 19.59 -29.91
N LEU C 112 29.79 19.64 -31.11
CA LEU C 112 31.22 19.45 -31.26
C LEU C 112 31.92 20.80 -31.10
N GLU C 113 31.38 21.84 -31.74
CA GLU C 113 31.96 23.18 -31.68
C GLU C 113 31.93 23.76 -30.28
N ASP C 114 30.90 23.42 -29.51
CA ASP C 114 30.77 23.92 -28.15
C ASP C 114 30.95 22.77 -27.15
N PHE C 115 31.76 21.80 -27.55
CA PHE C 115 32.01 20.64 -26.71
C PHE C 115 32.53 21.02 -25.31
N PRO C 116 33.33 22.10 -25.20
CA PRO C 116 33.85 22.48 -23.87
C PRO C 116 32.74 22.59 -22.83
N THR C 117 31.61 23.17 -23.22
CA THR C 117 30.49 23.32 -22.31
C THR C 117 29.96 21.97 -21.86
N ILE C 118 29.89 21.03 -22.80
CA ILE C 118 29.41 19.69 -22.51
C ILE C 118 30.41 18.92 -21.65
N SER C 119 31.70 19.03 -21.97
CA SER C 119 32.71 18.31 -21.22
C SER C 119 32.83 18.85 -19.81
N LEU C 120 32.52 20.13 -19.64
CA LEU C 120 32.58 20.74 -18.32
C LEU C 120 31.53 20.10 -17.42
N GLU C 121 30.31 19.99 -17.94
CA GLU C 121 29.23 19.36 -17.19
C GLU C 121 29.52 17.90 -16.93
N PHE C 122 30.22 17.25 -17.86
CA PHE C 122 30.59 15.85 -17.69
C PHE C 122 31.46 15.77 -16.44
N ARG C 123 32.41 16.68 -16.32
CA ARG C 123 33.31 16.68 -15.17
C ARG C 123 32.63 17.09 -13.86
N ASN C 124 31.45 17.70 -13.94
CA ASN C 124 30.72 18.09 -12.74
C ASN C 124 29.87 16.93 -12.19
N LEU C 125 29.70 15.91 -13.00
CA LEU C 125 28.92 14.74 -12.60
C LEU C 125 29.70 13.97 -11.53
N ALA C 126 28.99 13.27 -10.66
CA ALA C 126 29.66 12.48 -9.63
C ALA C 126 30.66 11.58 -10.35
N GLU C 127 31.83 11.38 -9.76
CA GLU C 127 32.86 10.57 -10.38
C GLU C 127 32.35 9.23 -10.91
N LYS C 128 31.52 8.54 -10.13
CA LYS C 128 31.02 7.22 -10.55
C LYS C 128 30.34 7.26 -11.92
N TYR C 129 29.63 8.33 -12.21
CA TYR C 129 28.95 8.46 -13.49
C TYR C 129 29.95 8.66 -14.62
N GLN C 130 31.01 9.41 -14.34
CA GLN C 130 32.03 9.68 -15.34
C GLN C 130 32.72 8.39 -15.77
N THR C 131 33.00 7.53 -14.81
CA THR C 131 33.65 6.25 -15.09
C THR C 131 32.86 5.52 -16.18
N VAL C 132 31.53 5.52 -16.03
CA VAL C 132 30.67 4.83 -16.99
C VAL C 132 30.61 5.47 -18.38
N ILE C 133 30.36 6.78 -18.42
CA ILE C 133 30.27 7.48 -19.70
C ILE C 133 31.55 7.39 -20.50
N ALA C 134 32.67 7.67 -19.86
CA ALA C 134 33.97 7.62 -20.51
C ALA C 134 34.28 6.21 -21.02
N ASP C 135 34.06 5.21 -20.17
CA ASP C 135 34.33 3.83 -20.56
C ASP C 135 33.55 3.45 -21.82
N ILE C 136 32.30 3.89 -21.89
CA ILE C 136 31.46 3.58 -23.05
C ILE C 136 31.96 4.32 -24.29
N CYS C 137 32.26 5.61 -24.14
CA CYS C 137 32.78 6.40 -25.28
C CYS C 137 34.05 5.78 -25.83
N ARG C 138 34.93 5.35 -24.93
CA ARG C 138 36.20 4.72 -25.31
C ARG C 138 35.96 3.46 -26.15
N ARG C 139 35.22 2.51 -25.59
CA ARG C 139 34.93 1.27 -26.30
C ARG C 139 34.12 1.51 -27.58
N MET C 140 33.25 2.52 -27.56
CA MET C 140 32.43 2.82 -28.73
C MET C 140 33.28 3.42 -29.84
N GLY C 141 34.21 4.29 -29.48
CA GLY C 141 35.09 4.89 -30.47
C GLY C 141 35.89 3.84 -31.21
N ILE C 142 36.46 2.91 -30.45
CA ILE C 142 37.26 1.82 -31.02
C ILE C 142 36.40 0.96 -31.95
N GLY C 143 35.16 0.71 -31.55
CA GLY C 143 34.27 -0.10 -32.37
C GLY C 143 33.90 0.59 -33.68
N MET C 144 33.59 1.88 -33.62
CA MET C 144 33.21 2.63 -34.81
C MET C 144 34.39 2.74 -35.79
N ALA C 145 35.59 2.94 -35.25
CA ALA C 145 36.80 3.06 -36.06
C ALA C 145 37.05 1.77 -36.83
N GLU C 146 36.79 0.65 -36.18
CA GLU C 146 36.97 -0.67 -36.76
C GLU C 146 36.05 -0.93 -37.96
N PHE C 147 34.88 -0.30 -37.95
CA PHE C 147 33.92 -0.51 -39.02
C PHE C 147 33.91 0.58 -40.08
N LEU C 148 34.90 1.47 -40.03
CA LEU C 148 34.97 2.54 -41.01
C LEU C 148 35.27 2.00 -42.40
N ASP C 149 36.17 1.03 -42.49
CA ASP C 149 36.56 0.46 -43.78
C ASP C 149 35.95 -0.90 -44.08
N LYS C 150 34.72 -1.14 -43.64
CA LYS C 150 34.08 -2.42 -43.92
C LYS C 150 32.58 -2.38 -43.70
N HIS C 151 31.88 -3.32 -44.34
CA HIS C 151 30.44 -3.46 -44.21
C HIS C 151 30.21 -4.60 -43.24
N VAL C 152 28.96 -4.96 -43.01
CA VAL C 152 28.65 -6.06 -42.11
C VAL C 152 28.51 -7.34 -42.91
N THR C 153 29.30 -8.35 -42.58
CA THR C 153 29.25 -9.60 -43.30
C THR C 153 28.37 -10.66 -42.65
N SER C 154 28.88 -11.34 -41.63
CA SER C 154 28.11 -12.38 -40.96
C SER C 154 27.08 -11.80 -40.00
N GLU C 155 26.19 -12.65 -39.51
CA GLU C 155 25.19 -12.23 -38.56
C GLU C 155 25.94 -11.94 -37.26
N GLN C 156 27.08 -12.61 -37.09
CA GLN C 156 27.90 -12.44 -35.91
C GLN C 156 28.49 -11.03 -35.94
N GLU C 157 28.85 -10.57 -37.14
CA GLU C 157 29.40 -9.22 -37.30
C GLU C 157 28.27 -8.21 -37.17
N TRP C 158 27.03 -8.65 -37.39
CA TRP C 158 25.89 -7.76 -37.27
C TRP C 158 25.72 -7.46 -35.79
N ASP C 159 25.82 -8.49 -34.95
CA ASP C 159 25.71 -8.33 -33.50
C ASP C 159 26.83 -7.43 -33.00
N LYS C 160 28.05 -7.73 -33.43
CA LYS C 160 29.24 -6.97 -33.06
C LYS C 160 29.02 -5.49 -33.36
N TYR C 161 28.64 -5.17 -34.59
CA TYR C 161 28.39 -3.79 -34.98
C TYR C 161 27.29 -3.15 -34.14
N CYS C 162 26.18 -3.85 -33.96
CA CYS C 162 25.06 -3.32 -33.19
C CYS C 162 25.44 -3.11 -31.72
N HIS C 163 26.39 -3.91 -31.24
CA HIS C 163 26.86 -3.77 -29.86
C HIS C 163 27.62 -2.45 -29.73
N TYR C 164 28.46 -2.16 -30.73
CA TYR C 164 29.25 -0.93 -30.74
C TYR C 164 28.47 0.36 -30.76
N VAL C 165 27.38 0.40 -31.51
CA VAL C 165 26.58 1.61 -31.62
C VAL C 165 25.28 1.64 -30.80
N ALA C 166 24.86 0.50 -30.27
CA ALA C 166 23.61 0.46 -29.51
C ALA C 166 23.71 -0.37 -28.24
N GLY C 167 24.25 -1.58 -28.36
CA GLY C 167 24.40 -2.43 -27.21
C GLY C 167 25.11 -1.73 -26.06
N LEU C 168 26.26 -1.14 -26.36
CA LEU C 168 27.05 -0.42 -25.36
C LEU C 168 26.26 0.72 -24.74
N VAL C 169 25.35 1.31 -25.51
CA VAL C 169 24.55 2.41 -24.98
C VAL C 169 23.63 1.84 -23.89
N GLY C 170 23.07 0.67 -24.15
CA GLY C 170 22.19 0.02 -23.20
C GLY C 170 22.96 -0.32 -21.94
N ILE C 171 24.17 -0.82 -22.12
CA ILE C 171 25.05 -1.19 -21.01
C ILE C 171 25.43 0.04 -20.19
N GLY C 172 25.76 1.13 -20.87
CA GLY C 172 26.11 2.35 -20.17
C GLY C 172 24.93 2.87 -19.36
N LEU C 173 23.76 2.97 -19.99
CA LEU C 173 22.58 3.46 -19.30
C LEU C 173 22.27 2.62 -18.06
N SER C 174 22.36 1.30 -18.22
CA SER C 174 22.08 0.37 -17.15
C SER C 174 23.04 0.59 -15.98
N ARG C 175 24.31 0.83 -16.31
CA ARG C 175 25.31 1.05 -15.28
C ARG C 175 25.02 2.38 -14.56
N LEU C 176 24.49 3.36 -15.30
CA LEU C 176 24.15 4.64 -14.70
C LEU C 176 22.94 4.46 -13.77
N PHE C 177 21.98 3.64 -14.18
CA PHE C 177 20.82 3.42 -13.33
C PHE C 177 21.26 2.77 -12.00
N SER C 178 22.07 1.72 -12.08
CA SER C 178 22.55 1.02 -10.90
C SER C 178 23.48 1.88 -10.06
N ALA C 179 24.25 2.74 -10.71
CA ALA C 179 25.18 3.61 -10.00
C ALA C 179 24.39 4.64 -9.16
N SER C 180 23.29 5.11 -9.72
CA SER C 180 22.43 6.10 -9.06
C SER C 180 21.63 5.46 -7.92
N GLU C 181 21.61 4.14 -7.90
CA GLU C 181 20.89 3.39 -6.87
C GLU C 181 19.37 3.46 -7.02
N PHE C 182 18.88 4.02 -8.12
CA PHE C 182 17.45 4.09 -8.37
C PHE C 182 16.97 2.74 -8.89
N GLU C 183 17.94 1.90 -9.28
CA GLU C 183 17.68 0.55 -9.77
C GLU C 183 18.66 -0.34 -9.04
N ASP C 184 18.40 -1.65 -9.00
CA ASP C 184 19.31 -2.57 -8.32
C ASP C 184 20.59 -2.79 -9.10
N PRO C 185 21.65 -3.25 -8.41
CA PRO C 185 22.95 -3.50 -9.04
C PRO C 185 22.86 -4.47 -10.22
N LEU C 186 21.96 -5.44 -10.12
CA LEU C 186 21.81 -6.43 -11.18
C LEU C 186 21.63 -5.79 -12.56
N VAL C 187 20.90 -4.67 -12.61
CA VAL C 187 20.64 -4.00 -13.88
C VAL C 187 21.94 -3.63 -14.59
N GLY C 188 22.88 -3.06 -13.85
CA GLY C 188 24.15 -2.68 -14.45
C GLY C 188 25.10 -3.86 -14.62
N GLU C 189 24.88 -4.92 -13.85
CA GLU C 189 25.74 -6.10 -13.90
C GLU C 189 25.42 -7.05 -15.06
N ASP C 190 24.15 -7.18 -15.43
CA ASP C 190 23.78 -8.08 -16.52
C ASP C 190 23.95 -7.41 -17.88
N THR C 191 25.19 -7.26 -18.30
CA THR C 191 25.52 -6.61 -19.56
C THR C 191 24.92 -7.29 -20.78
N GLU C 192 24.70 -8.60 -20.71
CA GLU C 192 24.11 -9.32 -21.83
C GLU C 192 22.69 -8.85 -22.10
N ARG C 193 21.92 -8.70 -21.03
CA ARG C 193 20.53 -8.26 -21.14
C ARG C 193 20.47 -6.79 -21.57
N ALA C 194 21.36 -5.97 -21.01
CA ALA C 194 21.40 -4.56 -21.35
C ALA C 194 21.83 -4.42 -22.81
N ASN C 195 22.76 -5.27 -23.23
CA ASN C 195 23.26 -5.29 -24.61
C ASN C 195 22.09 -5.63 -25.54
N SER C 196 21.28 -6.60 -25.15
CA SER C 196 20.13 -7.04 -25.94
C SER C 196 19.13 -5.92 -26.17
N MET C 197 19.01 -5.01 -25.20
CA MET C 197 18.09 -3.89 -25.35
C MET C 197 18.56 -3.04 -26.53
N GLY C 198 19.88 -2.83 -26.60
CA GLY C 198 20.46 -2.05 -27.69
C GLY C 198 20.31 -2.75 -29.04
N LEU C 199 20.70 -4.01 -29.11
CA LEU C 199 20.61 -4.79 -30.34
C LEU C 199 19.21 -4.83 -30.93
N PHE C 200 18.20 -5.00 -30.08
CA PHE C 200 16.83 -5.04 -30.58
C PHE C 200 16.46 -3.74 -31.30
N LEU C 201 16.71 -2.61 -30.66
CA LEU C 201 16.42 -1.30 -31.25
C LEU C 201 17.20 -1.07 -32.54
N GLN C 202 18.50 -1.36 -32.50
CA GLN C 202 19.35 -1.15 -33.65
C GLN C 202 19.02 -2.04 -34.84
N LYS C 203 18.79 -3.32 -34.59
CA LYS C 203 18.43 -4.21 -35.69
C LYS C 203 17.10 -3.77 -36.28
N THR C 204 16.16 -3.36 -35.43
CA THR C 204 14.85 -2.90 -35.88
C THR C 204 15.02 -1.67 -36.78
N ASN C 205 15.84 -0.71 -36.36
CA ASN C 205 16.05 0.48 -37.16
C ASN C 205 16.72 0.12 -38.48
N ILE C 206 17.71 -0.75 -38.42
CA ILE C 206 18.43 -1.17 -39.62
C ILE C 206 17.51 -1.86 -40.62
N ILE C 207 16.62 -2.72 -40.13
CA ILE C 207 15.68 -3.41 -41.01
C ILE C 207 14.77 -2.36 -41.62
N ARG C 208 14.24 -1.49 -40.77
CA ARG C 208 13.34 -0.46 -41.21
C ARG C 208 13.91 0.49 -42.26
N ASP C 209 15.10 1.02 -42.01
CA ASP C 209 15.72 1.97 -42.92
C ASP C 209 16.48 1.42 -44.12
N TYR C 210 16.16 0.21 -44.58
CA TYR C 210 16.87 -0.34 -45.73
C TYR C 210 16.97 0.66 -46.88
N LEU C 211 15.83 1.02 -47.45
CA LEU C 211 15.76 1.93 -48.58
C LEU C 211 16.45 3.27 -48.34
N GLU C 212 16.17 3.90 -47.20
CA GLU C 212 16.79 5.19 -46.90
C GLU C 212 18.31 5.06 -46.92
N ASP C 213 18.83 4.02 -46.28
CA ASP C 213 20.28 3.79 -46.23
C ASP C 213 20.84 3.49 -47.60
N GLN C 214 19.98 3.06 -48.52
CA GLN C 214 20.43 2.75 -49.87
C GLN C 214 20.69 4.06 -50.61
N GLN C 215 19.81 5.03 -50.39
CA GLN C 215 19.94 6.34 -50.99
C GLN C 215 20.98 7.15 -50.22
N GLY C 216 21.81 6.44 -49.47
CA GLY C 216 22.84 7.09 -48.68
C GLY C 216 24.17 6.37 -48.73
N GLY C 217 24.27 5.38 -49.62
CA GLY C 217 25.52 4.64 -49.76
C GLY C 217 25.93 3.85 -48.52
N ARG C 218 24.97 3.62 -47.62
CA ARG C 218 25.23 2.87 -46.40
C ARG C 218 24.67 1.46 -46.44
N GLU C 219 25.46 0.49 -45.99
CA GLU C 219 25.03 -0.90 -45.96
C GLU C 219 25.17 -1.47 -44.55
N PHE C 220 24.09 -2.05 -44.05
CA PHE C 220 24.09 -2.63 -42.70
C PHE C 220 23.51 -4.04 -42.68
N TRP C 221 22.63 -4.35 -43.62
CA TRP C 221 22.06 -5.68 -43.68
C TRP C 221 23.25 -6.63 -43.87
N PRO C 222 23.33 -7.70 -43.07
CA PRO C 222 24.43 -8.65 -43.18
C PRO C 222 24.54 -9.34 -44.53
N GLN C 223 25.67 -9.12 -45.19
CA GLN C 223 25.92 -9.70 -46.50
C GLN C 223 25.80 -11.22 -46.49
N GLU C 224 26.25 -11.86 -45.42
CA GLU C 224 26.17 -13.31 -45.32
C GLU C 224 24.72 -13.74 -45.41
N VAL C 225 23.80 -12.80 -45.22
CA VAL C 225 22.37 -13.10 -45.27
C VAL C 225 21.72 -12.68 -46.59
N TRP C 226 21.90 -11.43 -47.00
CA TRP C 226 21.28 -10.97 -48.23
C TRP C 226 21.93 -11.51 -49.50
N SER C 227 23.15 -12.04 -49.40
CA SER C 227 23.82 -12.58 -50.57
C SER C 227 23.16 -13.90 -50.96
N ARG C 228 22.45 -14.51 -50.04
CA ARG C 228 21.77 -15.77 -50.32
C ARG C 228 20.48 -15.53 -51.08
N TYR C 229 20.15 -14.26 -51.32
CA TYR C 229 18.94 -13.89 -52.04
C TYR C 229 19.25 -13.18 -53.34
N VAL C 230 20.16 -12.19 -53.27
CA VAL C 230 20.54 -11.43 -54.46
C VAL C 230 22.05 -11.22 -54.56
N LYS C 231 22.49 -10.74 -55.72
CA LYS C 231 23.92 -10.49 -55.97
C LYS C 231 24.39 -9.24 -55.23
N LYS C 232 23.57 -8.19 -55.25
CA LYS C 232 23.87 -6.93 -54.58
C LYS C 232 22.72 -6.56 -53.64
N LEU C 233 23.03 -5.87 -52.55
CA LEU C 233 22.00 -5.46 -51.61
C LEU C 233 21.02 -4.51 -52.28
N GLY C 234 21.55 -3.68 -53.17
CA GLY C 234 20.72 -2.72 -53.88
C GLY C 234 19.62 -3.34 -54.70
N ASP C 235 19.84 -4.57 -55.17
CA ASP C 235 18.83 -5.24 -55.98
C ASP C 235 17.45 -5.32 -55.31
N PHE C 236 17.43 -5.46 -53.99
CA PHE C 236 16.16 -5.55 -53.26
C PHE C 236 15.23 -4.38 -53.57
N ALA C 237 15.81 -3.30 -54.10
CA ALA C 237 15.04 -2.11 -54.43
C ALA C 237 14.44 -2.22 -55.82
N LEU C 238 14.68 -3.34 -56.50
CA LEU C 238 14.18 -3.55 -57.84
C LEU C 238 12.92 -4.43 -57.85
N PRO C 239 11.81 -3.90 -58.35
CA PRO C 239 10.53 -4.61 -58.41
C PRO C 239 10.55 -6.10 -58.74
N GLU C 240 11.45 -6.55 -59.60
CA GLU C 240 11.51 -7.96 -59.97
C GLU C 240 12.15 -8.83 -58.87
N ASN C 241 12.63 -8.19 -57.81
CA ASN C 241 13.26 -8.90 -56.70
C ASN C 241 12.43 -8.83 -55.42
N ILE C 242 11.32 -8.09 -55.48
CA ILE C 242 10.45 -7.90 -54.33
C ILE C 242 10.23 -9.15 -53.48
N ASP C 243 10.04 -10.30 -54.13
CA ASP C 243 9.79 -11.54 -53.39
C ASP C 243 10.99 -12.01 -52.59
N LEU C 244 12.18 -11.90 -53.17
CA LEU C 244 13.39 -12.32 -52.48
C LEU C 244 13.69 -11.32 -51.36
N ALA C 245 13.41 -10.05 -51.62
CA ALA C 245 13.63 -8.99 -50.66
C ALA C 245 12.81 -9.23 -49.40
N VAL C 246 11.53 -9.59 -49.58
CA VAL C 246 10.63 -9.85 -48.47
C VAL C 246 11.05 -11.09 -47.70
N GLN C 247 11.56 -12.09 -48.41
CA GLN C 247 12.03 -13.29 -47.72
C GLN C 247 13.21 -12.91 -46.83
N CYS C 248 14.10 -12.08 -47.37
CA CYS C 248 15.26 -11.66 -46.62
C CYS C 248 14.79 -10.83 -45.42
N LEU C 249 13.90 -9.88 -45.69
CA LEU C 249 13.33 -9.04 -44.66
C LEU C 249 12.83 -9.91 -43.51
N ASN C 250 12.02 -10.92 -43.83
CA ASN C 250 11.49 -11.80 -42.81
C ASN C 250 12.56 -12.55 -42.03
N GLU C 251 13.61 -13.02 -42.71
CA GLU C 251 14.66 -13.75 -42.00
C GLU C 251 15.33 -12.85 -40.95
N LEU C 252 15.69 -11.64 -41.36
CA LEU C 252 16.34 -10.69 -40.45
C LEU C 252 15.43 -10.34 -39.27
N ILE C 253 14.15 -10.15 -39.55
CA ILE C 253 13.20 -9.81 -38.50
C ILE C 253 13.15 -10.94 -37.50
N THR C 254 13.14 -12.18 -38.01
CA THR C 254 13.11 -13.35 -37.15
C THR C 254 14.36 -13.33 -36.29
N ASN C 255 15.46 -12.85 -36.86
CA ASN C 255 16.74 -12.73 -36.15
C ASN C 255 16.55 -11.78 -34.97
N ALA C 256 15.98 -10.61 -35.25
CA ALA C 256 15.76 -9.59 -34.24
C ALA C 256 14.85 -10.04 -33.09
N LEU C 257 13.83 -10.83 -33.41
CA LEU C 257 12.89 -11.33 -32.42
C LEU C 257 13.55 -12.13 -31.29
N HIS C 258 14.70 -12.74 -31.57
CA HIS C 258 15.38 -13.52 -30.55
C HIS C 258 15.82 -12.72 -29.32
N HIS C 259 15.87 -11.40 -29.44
CA HIS C 259 16.27 -10.57 -28.31
C HIS C 259 15.13 -10.26 -27.34
N ILE C 260 13.90 -10.55 -27.75
CA ILE C 260 12.73 -10.28 -26.92
C ILE C 260 12.71 -10.90 -25.53
N PRO C 261 13.13 -12.16 -25.38
CA PRO C 261 13.12 -12.71 -24.02
C PRO C 261 13.98 -11.82 -23.11
N ASP C 262 15.16 -11.43 -23.59
CA ASP C 262 16.05 -10.56 -22.84
C ASP C 262 15.45 -9.18 -22.56
N VAL C 263 14.75 -8.63 -23.55
CA VAL C 263 14.10 -7.32 -23.39
C VAL C 263 13.08 -7.44 -22.26
N ILE C 264 12.34 -8.54 -22.24
CA ILE C 264 11.34 -8.77 -21.22
C ILE C 264 12.01 -8.96 -19.87
N THR C 265 13.06 -9.78 -19.83
CA THR C 265 13.77 -10.00 -18.58
C THR C 265 14.26 -8.65 -18.05
N TYR C 266 14.86 -7.85 -18.94
CA TYR C 266 15.41 -6.54 -18.56
C TYR C 266 14.35 -5.61 -17.97
N LEU C 267 13.29 -5.35 -18.72
CA LEU C 267 12.25 -4.46 -18.24
C LEU C 267 11.60 -4.95 -16.95
N SER C 268 11.42 -6.25 -16.80
CA SER C 268 10.78 -6.80 -15.61
C SER C 268 11.55 -6.59 -14.30
N ARG C 269 12.82 -6.23 -14.41
CA ARG C 269 13.66 -6.02 -13.22
C ARG C 269 13.69 -4.58 -12.75
N LEU C 270 13.17 -3.65 -13.55
CA LEU C 270 13.16 -2.24 -13.20
C LEU C 270 12.15 -1.95 -12.10
N ARG C 271 12.48 -1.01 -11.23
CA ARG C 271 11.60 -0.64 -10.13
C ARG C 271 11.26 0.84 -10.10
N ASN C 272 12.01 1.65 -10.85
CA ASN C 272 11.77 3.10 -10.88
C ASN C 272 10.91 3.47 -12.10
N GLN C 273 9.82 4.19 -11.84
CA GLN C 273 8.89 4.58 -12.91
C GLN C 273 9.51 5.47 -14.00
N SER C 274 10.34 6.43 -13.62
CA SER C 274 10.96 7.29 -14.63
C SER C 274 11.89 6.46 -15.52
N VAL C 275 12.61 5.53 -14.93
CA VAL C 275 13.50 4.66 -15.69
C VAL C 275 12.70 3.69 -16.57
N PHE C 276 11.58 3.20 -16.04
CA PHE C 276 10.72 2.27 -16.77
C PHE C 276 10.14 2.91 -18.03
N ASN C 277 9.64 4.13 -17.90
CA ASN C 277 9.08 4.85 -19.04
C ASN C 277 10.15 5.01 -20.12
N PHE C 278 11.34 5.39 -19.67
CA PHE C 278 12.48 5.61 -20.55
C PHE C 278 12.89 4.37 -21.34
N CYS C 279 12.96 3.24 -20.64
CA CYS C 279 13.38 1.97 -21.25
C CYS C 279 12.30 1.26 -22.05
N ALA C 280 11.09 1.22 -21.50
CA ALA C 280 10.00 0.51 -22.13
C ALA C 280 9.45 1.02 -23.46
N ILE C 281 9.16 2.32 -23.52
CA ILE C 281 8.60 2.92 -24.73
C ILE C 281 9.36 2.64 -26.03
N PRO C 282 10.68 2.85 -26.06
CA PRO C 282 11.41 2.58 -27.30
C PRO C 282 11.29 1.11 -27.72
N GLN C 283 11.31 0.21 -26.74
CA GLN C 283 11.20 -1.21 -27.05
C GLN C 283 9.86 -1.50 -27.68
N VAL C 284 8.80 -1.00 -27.06
CA VAL C 284 7.45 -1.22 -27.59
C VAL C 284 7.34 -0.68 -29.01
N MET C 285 7.89 0.52 -29.23
CA MET C 285 7.85 1.14 -30.55
C MET C 285 8.64 0.33 -31.57
N ALA C 286 9.67 -0.37 -31.11
CA ALA C 286 10.50 -1.18 -31.99
C ALA C 286 9.72 -2.44 -32.38
N ILE C 287 9.07 -3.03 -31.39
CA ILE C 287 8.27 -4.21 -31.63
C ILE C 287 7.15 -3.86 -32.61
N ALA C 288 6.55 -2.70 -32.42
CA ALA C 288 5.47 -2.27 -33.31
C ALA C 288 6.01 -2.15 -34.72
N THR C 289 7.21 -1.60 -34.85
CA THR C 289 7.83 -1.42 -36.15
C THR C 289 8.04 -2.75 -36.88
N LEU C 290 8.61 -3.72 -36.16
CA LEU C 290 8.84 -5.04 -36.75
C LEU C 290 7.53 -5.69 -37.14
N ALA C 291 6.52 -5.48 -36.31
CA ALA C 291 5.19 -6.04 -36.56
C ALA C 291 4.65 -5.44 -37.86
N ALA C 292 4.84 -4.14 -38.05
CA ALA C 292 4.36 -3.47 -39.24
C ALA C 292 5.21 -3.78 -40.47
N CYS C 293 6.48 -4.12 -40.26
CA CYS C 293 7.37 -4.42 -41.39
C CYS C 293 7.32 -5.86 -41.86
N TYR C 294 6.94 -6.77 -40.98
CA TYR C 294 6.92 -8.17 -41.32
C TYR C 294 6.14 -8.52 -42.59
N ASN C 295 6.81 -9.24 -43.48
CA ASN C 295 6.20 -9.67 -44.73
C ASN C 295 5.49 -8.51 -45.42
N ASN C 296 6.06 -7.31 -45.29
CA ASN C 296 5.48 -6.11 -45.88
C ASN C 296 6.32 -5.55 -47.04
N GLN C 297 5.80 -5.68 -48.26
CA GLN C 297 6.49 -5.20 -49.46
C GLN C 297 6.82 -3.72 -49.39
N GLN C 298 6.05 -2.97 -48.62
CA GLN C 298 6.24 -1.53 -48.49
C GLN C 298 7.59 -1.09 -47.95
N VAL C 299 8.32 -2.01 -47.33
CA VAL C 299 9.64 -1.68 -46.77
C VAL C 299 10.60 -1.28 -47.88
N PHE C 300 10.41 -1.86 -49.05
CA PHE C 300 11.27 -1.61 -50.20
C PHE C 300 10.77 -0.53 -51.17
N LYS C 301 9.64 0.07 -50.87
CA LYS C 301 9.10 1.12 -51.72
C LYS C 301 9.13 2.45 -50.98
N GLY C 302 9.28 2.39 -49.66
CA GLY C 302 9.32 3.60 -48.86
C GLY C 302 9.32 3.31 -47.36
N ALA C 303 8.90 4.29 -46.57
CA ALA C 303 8.84 4.12 -45.13
C ALA C 303 7.50 3.47 -44.77
N VAL C 304 7.56 2.44 -43.95
CA VAL C 304 6.35 1.70 -43.56
C VAL C 304 5.51 2.39 -42.49
N LEU C 305 4.20 2.36 -42.72
CA LEU C 305 3.23 2.95 -41.82
C LEU C 305 3.05 2.02 -40.63
N ILE C 306 3.31 2.53 -39.44
CA ILE C 306 3.19 1.74 -38.22
C ILE C 306 1.75 1.41 -37.88
N ARG C 307 1.33 0.18 -38.17
CA ARG C 307 -0.01 -0.27 -37.87
C ARG C 307 -0.32 0.07 -36.41
N LEU C 308 -1.60 0.18 -36.09
CA LEU C 308 -2.03 0.51 -34.74
C LEU C 308 -2.35 -0.74 -33.93
N GLY C 309 -2.05 -0.71 -32.63
CA GLY C 309 -2.34 -1.85 -31.78
C GLY C 309 -3.86 -2.00 -31.76
N GLN C 310 -4.37 -3.21 -31.63
CA GLN C 310 -5.82 -3.37 -31.64
C GLN C 310 -6.46 -4.18 -30.53
N ALA C 311 -7.44 -3.55 -29.88
CA ALA C 311 -8.20 -4.12 -28.78
C ALA C 311 -7.56 -3.82 -27.42
N VAL C 312 -6.83 -4.80 -26.89
CA VAL C 312 -6.17 -4.66 -25.60
C VAL C 312 -5.10 -3.57 -25.58
N THR C 313 -4.32 -3.48 -26.65
CA THR C 313 -3.26 -2.48 -26.76
C THR C 313 -3.77 -1.05 -26.77
N LEU C 314 -5.00 -0.86 -27.23
CA LEU C 314 -5.59 0.47 -27.29
C LEU C 314 -6.02 0.98 -25.92
N MET C 315 -6.29 0.06 -25.00
CA MET C 315 -6.72 0.44 -23.67
C MET C 315 -5.61 0.50 -22.63
N MET C 316 -4.37 0.29 -23.06
CA MET C 316 -3.27 0.34 -22.10
C MET C 316 -1.98 0.94 -22.67
N ASP C 317 -1.30 1.74 -21.85
CA ASP C 317 -0.05 2.38 -22.23
C ASP C 317 1.12 1.56 -21.71
N ALA C 318 2.33 1.86 -22.18
CA ALA C 318 3.49 1.12 -21.73
C ALA C 318 4.10 1.70 -20.47
N THR C 319 3.34 1.75 -19.39
CA THR C 319 3.87 2.32 -18.15
C THR C 319 3.94 1.37 -16.96
N ASN C 320 3.43 0.16 -17.13
CA ASN C 320 3.55 -0.85 -16.06
C ASN C 320 3.99 -2.12 -16.77
N MET C 321 4.77 -2.96 -16.09
CA MET C 321 5.28 -4.16 -16.72
C MET C 321 4.25 -5.13 -17.29
N PRO C 322 3.17 -5.44 -16.54
CA PRO C 322 2.17 -6.37 -17.08
C PRO C 322 1.60 -5.87 -18.41
N ALA C 323 1.31 -4.57 -18.49
CA ALA C 323 0.75 -4.02 -19.72
C ALA C 323 1.77 -4.14 -20.87
N VAL C 324 3.03 -3.85 -20.60
CA VAL C 324 4.07 -3.93 -21.62
C VAL C 324 4.19 -5.37 -22.15
N LYS C 325 4.10 -6.34 -21.26
CA LYS C 325 4.14 -7.74 -21.68
C LYS C 325 3.01 -7.98 -22.65
N ALA C 326 1.81 -7.56 -22.25
CA ALA C 326 0.61 -7.72 -23.07
C ALA C 326 0.77 -7.05 -24.44
N ILE C 327 1.31 -5.83 -24.44
CA ILE C 327 1.52 -5.11 -25.69
C ILE C 327 2.47 -5.92 -26.58
N ILE C 328 3.58 -6.35 -26.01
CA ILE C 328 4.57 -7.13 -26.74
C ILE C 328 3.98 -8.42 -27.28
N TYR C 329 3.31 -9.18 -26.43
CA TYR C 329 2.71 -10.44 -26.87
C TYR C 329 1.72 -10.20 -28.02
N GLN C 330 1.00 -9.09 -27.94
CA GLN C 330 0.01 -8.77 -28.98
C GLN C 330 0.69 -8.53 -30.32
N TYR C 331 1.74 -7.70 -30.32
CA TYR C 331 2.46 -7.44 -31.56
C TYR C 331 3.07 -8.73 -32.12
N MET C 332 3.47 -9.64 -31.23
CA MET C 332 4.04 -10.92 -31.67
C MET C 332 3.01 -11.72 -32.46
N GLU C 333 1.76 -11.74 -31.98
CA GLU C 333 0.72 -12.46 -32.68
C GLU C 333 0.39 -11.77 -34.01
N GLU C 334 0.55 -10.46 -34.07
CA GLU C 334 0.33 -9.72 -35.31
C GLU C 334 1.27 -10.31 -36.37
N ILE C 335 2.48 -10.67 -35.93
CA ILE C 335 3.45 -11.25 -36.84
C ILE C 335 3.10 -12.71 -37.14
N TYR C 336 2.81 -13.46 -36.08
CA TYR C 336 2.46 -14.87 -36.20
C TYR C 336 1.29 -15.09 -37.18
N HIS C 337 0.27 -14.21 -37.12
CA HIS C 337 -0.90 -14.34 -38.00
C HIS C 337 -0.57 -14.13 -39.46
N ARG C 338 0.54 -13.44 -39.72
CA ARG C 338 0.96 -13.11 -41.07
C ARG C 338 2.00 -14.04 -41.69
N ILE C 339 2.52 -14.97 -40.92
CA ILE C 339 3.53 -15.89 -41.44
C ILE C 339 3.01 -16.82 -42.53
N PRO C 340 3.43 -16.62 -43.80
CA PRO C 340 2.99 -17.46 -44.91
C PRO C 340 3.84 -18.73 -44.99
N ASP C 341 3.18 -19.87 -45.13
CA ASP C 341 3.88 -21.14 -45.18
C ASP C 341 4.99 -21.22 -46.21
N SER C 342 4.89 -20.45 -47.29
CA SER C 342 5.89 -20.49 -48.34
C SER C 342 7.18 -19.78 -47.98
N ASN C 343 7.11 -18.88 -46.99
CA ASN C 343 8.32 -18.17 -46.57
C ASN C 343 9.31 -19.16 -45.99
N PRO C 344 10.57 -19.09 -46.43
CA PRO C 344 11.62 -20.00 -45.97
C PRO C 344 11.93 -19.93 -44.47
N SER C 345 11.62 -18.80 -43.84
CA SER C 345 11.87 -18.67 -42.40
C SER C 345 10.63 -18.99 -41.57
N SER C 346 9.53 -19.30 -42.23
CA SER C 346 8.27 -19.58 -41.54
C SER C 346 8.40 -20.39 -40.25
N SER C 347 9.03 -21.56 -40.31
CA SER C 347 9.19 -22.38 -39.11
C SER C 347 10.00 -21.71 -38.01
N LYS C 348 11.10 -21.08 -38.38
CA LYS C 348 11.95 -20.41 -37.40
C LYS C 348 11.20 -19.25 -36.75
N THR C 349 10.39 -18.54 -37.52
CA THR C 349 9.62 -17.44 -36.99
C THR C 349 8.58 -17.93 -35.98
N ARG C 350 7.90 -19.03 -36.31
CA ARG C 350 6.92 -19.59 -35.39
C ARG C 350 7.59 -20.05 -34.09
N GLN C 351 8.74 -20.72 -34.24
CA GLN C 351 9.48 -21.26 -33.12
C GLN C 351 9.90 -20.22 -32.07
N ILE C 352 10.54 -19.15 -32.50
CA ILE C 352 10.97 -18.14 -31.53
C ILE C 352 9.77 -17.50 -30.87
N ILE C 353 8.73 -17.20 -31.66
CA ILE C 353 7.52 -16.61 -31.10
C ILE C 353 6.92 -17.57 -30.07
N SER C 354 6.83 -18.84 -30.45
CA SER C 354 6.27 -19.84 -29.55
C SER C 354 7.07 -19.86 -28.25
N THR C 355 8.37 -19.61 -28.34
CA THR C 355 9.24 -19.59 -27.17
C THR C 355 8.93 -18.37 -26.31
N ILE C 356 8.74 -17.22 -26.94
CA ILE C 356 8.42 -15.99 -26.21
C ILE C 356 7.13 -16.16 -25.42
N ARG C 357 6.13 -16.79 -26.02
CA ARG C 357 4.83 -17.01 -25.37
C ARG C 357 4.86 -17.90 -24.14
N THR C 358 5.63 -18.99 -24.20
CA THR C 358 5.68 -19.95 -23.12
C THR C 358 6.58 -19.56 -21.94
N GLN C 359 7.49 -18.61 -22.15
CA GLN C 359 8.37 -18.18 -21.07
C GLN C 359 7.62 -17.27 -20.11
N LEU D 26 -14.10 23.26 13.09
CA LEU D 26 -14.66 22.49 14.19
C LEU D 26 -15.91 23.15 14.79
N SER D 27 -16.82 22.33 15.31
CA SER D 27 -18.04 22.83 15.92
C SER D 27 -17.98 22.53 17.41
N SER D 28 -18.62 23.38 18.21
CA SER D 28 -18.63 23.19 19.65
C SER D 28 -19.44 21.95 20.04
N SER D 29 -20.49 21.67 19.26
CA SER D 29 -21.35 20.51 19.55
C SER D 29 -20.61 19.18 19.38
N LEU D 30 -19.79 19.09 18.33
CA LEU D 30 -19.04 17.87 18.09
C LEU D 30 -18.02 17.68 19.22
N LYS D 31 -17.39 18.78 19.62
CA LYS D 31 -16.40 18.73 20.70
C LYS D 31 -17.12 18.23 21.94
N THR D 32 -18.36 18.69 22.13
CA THR D 32 -19.15 18.28 23.29
C THR D 32 -19.46 16.79 23.22
N CYS D 33 -19.72 16.29 22.01
CA CYS D 33 -20.01 14.87 21.83
C CYS D 33 -18.82 14.03 22.28
N TYR D 34 -17.62 14.45 21.86
CA TYR D 34 -16.43 13.70 22.25
C TYR D 34 -16.20 13.81 23.75
N LYS D 35 -16.68 14.89 24.34
CA LYS D 35 -16.55 15.06 25.79
C LYS D 35 -17.40 13.97 26.44
N TYR D 36 -18.64 13.81 25.95
CA TYR D 36 -19.53 12.79 26.49
C TYR D 36 -19.01 11.39 26.21
N LEU D 37 -18.42 11.20 25.03
CA LEU D 37 -17.88 9.90 24.66
C LEU D 37 -16.87 9.48 25.73
N ASN D 38 -16.02 10.41 26.12
CA ASN D 38 -15.01 10.12 27.13
C ASN D 38 -15.59 9.97 28.53
N GLN D 39 -16.72 10.62 28.78
CA GLN D 39 -17.38 10.52 30.07
C GLN D 39 -18.02 9.16 30.25
N THR D 40 -18.75 8.72 29.23
CA THR D 40 -19.48 7.45 29.26
C THR D 40 -18.75 6.19 28.82
N SER D 41 -17.60 6.32 28.17
CA SER D 41 -16.87 5.13 27.73
C SER D 41 -15.45 5.06 28.27
N ARG D 42 -15.29 4.38 29.39
CA ARG D 42 -13.96 4.23 30.01
C ARG D 42 -12.94 3.68 29.02
N SER D 43 -13.30 2.57 28.37
CA SER D 43 -12.42 1.90 27.42
C SER D 43 -12.54 2.39 25.98
N PHE D 44 -13.59 1.96 25.30
CA PHE D 44 -13.82 2.32 23.89
C PHE D 44 -13.45 3.73 23.40
N ALA D 45 -13.57 4.74 24.25
CA ALA D 45 -13.29 6.11 23.80
C ALA D 45 -12.01 6.29 23.00
N ALA D 46 -10.91 5.76 23.53
CA ALA D 46 -9.61 5.88 22.88
C ALA D 46 -9.54 5.19 21.52
N VAL D 47 -9.99 3.95 21.42
CA VAL D 47 -9.92 3.26 20.14
C VAL D 47 -10.89 3.85 19.13
N ILE D 48 -11.99 4.43 19.62
CA ILE D 48 -12.95 5.05 18.72
C ILE D 48 -12.32 6.30 18.12
N GLN D 49 -11.66 7.09 18.96
CA GLN D 49 -11.02 8.31 18.51
C GLN D 49 -9.86 8.03 17.57
N ALA D 50 -9.35 6.80 17.62
CA ALA D 50 -8.24 6.39 16.75
C ALA D 50 -8.72 5.86 15.39
N LEU D 51 -10.03 5.79 15.16
CA LEU D 51 -10.55 5.30 13.88
C LEU D 51 -10.24 6.30 12.76
N ASP D 52 -9.88 5.80 11.57
CA ASP D 52 -9.58 6.68 10.44
C ASP D 52 -10.79 7.44 9.91
N GLY D 53 -10.51 8.64 9.41
CA GLY D 53 -11.53 9.50 8.82
C GLY D 53 -12.97 9.47 9.27
N GLU D 54 -13.87 9.24 8.30
CA GLU D 54 -15.31 9.22 8.55
C GLU D 54 -15.83 8.32 9.66
N MET D 55 -15.18 7.20 9.90
CA MET D 55 -15.64 6.27 10.93
C MET D 55 -15.57 6.87 12.33
N ARG D 56 -14.67 7.84 12.51
CA ARG D 56 -14.46 8.49 13.80
C ARG D 56 -15.76 9.10 14.35
N ASN D 57 -16.31 10.08 13.63
CA ASN D 57 -17.54 10.71 14.09
C ASN D 57 -18.73 9.75 14.02
N ALA D 58 -18.81 8.95 12.97
CA ALA D 58 -19.93 8.01 12.86
C ALA D 58 -20.02 7.07 14.07
N VAL D 59 -18.89 6.45 14.45
CA VAL D 59 -18.89 5.53 15.57
C VAL D 59 -19.06 6.27 16.90
N CYS D 60 -18.50 7.46 17.01
CA CYS D 60 -18.66 8.25 18.23
C CYS D 60 -20.14 8.55 18.47
N ILE D 61 -20.83 9.00 17.44
CA ILE D 61 -22.25 9.33 17.56
C ILE D 61 -23.08 8.07 17.79
N PHE D 62 -22.79 7.02 17.03
CA PHE D 62 -23.51 5.76 17.18
C PHE D 62 -23.40 5.29 18.63
N TYR D 63 -22.20 5.39 19.18
CA TYR D 63 -21.97 4.97 20.55
C TYR D 63 -22.77 5.82 21.55
N LEU D 64 -22.80 7.13 21.34
CA LEU D 64 -23.54 8.01 22.23
C LEU D 64 -25.05 7.77 22.22
N VAL D 65 -25.66 7.67 21.03
CA VAL D 65 -27.09 7.45 20.98
C VAL D 65 -27.42 6.11 21.61
N LEU D 66 -26.59 5.10 21.36
CA LEU D 66 -26.81 3.79 21.96
C LEU D 66 -26.69 3.90 23.48
N ARG D 67 -25.90 4.87 23.94
CA ARG D 67 -25.71 5.07 25.38
C ARG D 67 -26.99 5.66 25.95
N ALA D 68 -27.53 6.66 25.27
CA ALA D 68 -28.76 7.32 25.68
C ALA D 68 -29.90 6.32 25.72
N LEU D 69 -30.01 5.49 24.69
CA LEU D 69 -31.07 4.49 24.63
C LEU D 69 -30.91 3.55 25.83
N ASP D 70 -29.68 3.08 26.02
CA ASP D 70 -29.39 2.17 27.12
C ASP D 70 -29.74 2.80 28.46
N THR D 71 -29.48 4.10 28.61
CA THR D 71 -29.77 4.81 29.85
C THR D 71 -31.26 4.87 30.15
N LEU D 72 -32.09 4.90 29.11
CA LEU D 72 -33.53 4.94 29.30
C LEU D 72 -34.00 3.54 29.67
N GLU D 73 -33.44 2.54 29.01
CA GLU D 73 -33.79 1.15 29.25
C GLU D 73 -33.46 0.73 30.68
N ASP D 74 -32.43 1.34 31.25
CA ASP D 74 -32.00 1.03 32.62
C ASP D 74 -32.77 1.76 33.70
N ASP D 75 -33.23 2.97 33.39
CA ASP D 75 -33.97 3.79 34.34
C ASP D 75 -35.28 3.11 34.79
N MET D 76 -35.28 2.64 36.02
CA MET D 76 -36.43 1.94 36.58
C MET D 76 -37.50 2.87 37.15
N THR D 77 -37.23 4.17 37.16
CA THR D 77 -38.20 5.13 37.68
C THR D 77 -39.21 5.51 36.60
N ILE D 78 -38.87 5.24 35.35
CA ILE D 78 -39.77 5.56 34.24
C ILE D 78 -40.89 4.52 34.18
N SER D 79 -42.13 4.97 34.29
CA SER D 79 -43.26 4.05 34.22
C SER D 79 -43.29 3.41 32.84
N VAL D 80 -43.34 2.08 32.82
CA VAL D 80 -43.36 1.32 31.56
C VAL D 80 -44.38 1.90 30.57
N GLU D 81 -45.35 2.64 31.09
CA GLU D 81 -46.39 3.27 30.26
C GLU D 81 -45.75 4.44 29.53
N LYS D 82 -44.58 4.85 29.99
CA LYS D 82 -43.83 5.95 29.40
C LYS D 82 -42.60 5.38 28.73
N LYS D 83 -42.08 4.28 29.30
CA LYS D 83 -40.87 3.65 28.80
C LYS D 83 -40.95 2.96 27.44
N VAL D 84 -41.90 2.04 27.28
CA VAL D 84 -42.02 1.32 26.02
C VAL D 84 -42.07 2.25 24.80
N PRO D 85 -42.93 3.29 24.83
CA PRO D 85 -42.99 4.21 23.68
C PRO D 85 -41.67 4.95 23.50
N LEU D 86 -40.96 5.17 24.60
CA LEU D 86 -39.68 5.86 24.54
C LEU D 86 -38.63 4.98 23.86
N LEU D 87 -38.63 3.69 24.18
CA LEU D 87 -37.68 2.77 23.56
C LEU D 87 -38.09 2.53 22.10
N HIS D 88 -39.39 2.41 21.88
CA HIS D 88 -39.91 2.19 20.54
C HIS D 88 -39.65 3.36 19.61
N ASN D 89 -39.75 4.58 20.13
CA ASN D 89 -39.58 5.78 19.32
C ASN D 89 -38.25 6.49 19.43
N PHE D 90 -37.34 5.95 20.23
CA PHE D 90 -36.05 6.58 20.41
C PHE D 90 -35.38 6.92 19.08
N HIS D 91 -35.47 6.01 18.12
CA HIS D 91 -34.87 6.22 16.81
C HIS D 91 -35.39 7.48 16.12
N SER D 92 -36.65 7.81 16.36
CA SER D 92 -37.27 8.99 15.76
C SER D 92 -36.76 10.29 16.38
N PHE D 93 -36.31 10.21 17.63
CA PHE D 93 -35.79 11.40 18.31
C PHE D 93 -34.50 11.92 17.64
N LEU D 94 -33.79 11.03 16.94
CA LEU D 94 -32.55 11.42 16.26
C LEU D 94 -32.83 12.53 15.25
N TYR D 95 -34.06 12.60 14.76
CA TYR D 95 -34.43 13.61 13.78
C TYR D 95 -35.18 14.82 14.33
N GLN D 96 -35.48 14.79 15.62
CA GLN D 96 -36.18 15.89 16.27
C GLN D 96 -35.15 16.75 16.98
N PRO D 97 -34.80 17.90 16.39
CA PRO D 97 -33.82 18.83 16.93
C PRO D 97 -33.93 19.17 18.40
N ASP D 98 -35.16 19.37 18.88
CA ASP D 98 -35.39 19.77 20.27
C ASP D 98 -35.65 18.67 21.29
N TRP D 99 -35.75 17.42 20.85
CA TRP D 99 -36.01 16.34 21.79
C TRP D 99 -34.91 16.16 22.82
N ARG D 100 -35.31 15.80 24.02
CA ARG D 100 -34.39 15.55 25.14
C ARG D 100 -35.20 14.88 26.24
N PHE D 101 -34.53 14.37 27.26
CA PHE D 101 -35.21 13.71 28.38
C PHE D 101 -34.63 14.27 29.67
N MET D 102 -35.45 14.93 30.46
CA MET D 102 -35.00 15.55 31.71
C MET D 102 -35.28 14.79 33.01
N GLU D 103 -36.13 13.77 32.94
CA GLU D 103 -36.50 13.01 34.13
C GLU D 103 -35.63 11.78 34.48
N SER D 104 -34.35 11.80 34.12
CA SER D 104 -33.47 10.67 34.43
C SER D 104 -32.48 10.97 35.54
N LYS D 105 -32.23 9.98 36.40
CA LYS D 105 -31.29 10.15 37.50
C LYS D 105 -30.07 9.24 37.33
N GLU D 106 -30.05 8.47 36.24
CA GLU D 106 -28.93 7.57 35.93
C GLU D 106 -27.70 8.46 35.81
N LYS D 107 -26.50 7.87 35.88
CA LYS D 107 -25.29 8.68 35.80
C LYS D 107 -25.01 9.31 34.43
N ASP D 108 -25.41 8.63 33.36
CA ASP D 108 -25.18 9.15 32.02
C ASP D 108 -26.36 9.98 31.51
N ARG D 109 -27.17 10.48 32.44
CA ARG D 109 -28.33 11.27 32.08
C ARG D 109 -27.99 12.51 31.25
N GLN D 110 -26.72 12.90 31.27
CA GLN D 110 -26.26 14.07 30.53
C GLN D 110 -26.48 13.93 29.02
N VAL D 111 -26.31 12.72 28.49
CA VAL D 111 -26.51 12.49 27.06
C VAL D 111 -28.00 12.55 26.71
N LEU D 112 -28.85 12.33 27.71
CA LEU D 112 -30.29 12.40 27.48
C LEU D 112 -30.75 13.85 27.59
N GLU D 113 -30.24 14.56 28.59
CA GLU D 113 -30.62 15.96 28.81
C GLU D 113 -30.11 16.86 27.70
N ASP D 114 -28.97 16.50 27.12
CA ASP D 114 -28.43 17.31 26.04
C ASP D 114 -28.42 16.50 24.74
N PHE D 115 -29.48 15.73 24.52
CA PHE D 115 -29.58 14.93 23.31
C PHE D 115 -29.51 15.79 22.04
N PRO D 116 -30.12 16.99 22.05
CA PRO D 116 -30.08 17.86 20.88
C PRO D 116 -28.66 18.05 20.34
N THR D 117 -27.68 18.13 21.23
CA THR D 117 -26.30 18.30 20.82
C THR D 117 -25.86 17.06 20.04
N ILE D 118 -26.23 15.90 20.56
CA ILE D 118 -25.88 14.64 19.94
C ILE D 118 -26.64 14.39 18.64
N SER D 119 -27.95 14.65 18.65
CA SER D 119 -28.75 14.42 17.46
C SER D 119 -28.35 15.37 16.34
N LEU D 120 -27.94 16.58 16.71
CA LEU D 120 -27.49 17.56 15.74
C LEU D 120 -26.34 16.95 14.94
N GLU D 121 -25.34 16.44 15.65
CA GLU D 121 -24.18 15.82 15.00
C GLU D 121 -24.57 14.55 14.22
N PHE D 122 -25.61 13.85 14.67
CA PHE D 122 -26.08 12.66 13.97
C PHE D 122 -26.56 13.13 12.59
N ARG D 123 -27.31 14.23 12.59
CA ARG D 123 -27.84 14.76 11.34
C ARG D 123 -26.75 15.41 10.47
N ASN D 124 -25.52 15.47 11.00
CA ASN D 124 -24.41 16.04 10.25
C ASN D 124 -23.60 14.93 9.57
N LEU D 125 -23.82 13.69 9.99
CA LEU D 125 -23.12 12.55 9.39
C LEU D 125 -23.68 12.32 7.99
N ALA D 126 -22.93 11.64 7.15
CA ALA D 126 -23.40 11.34 5.79
C ALA D 126 -24.68 10.53 5.92
N GLU D 127 -25.61 10.72 4.98
CA GLU D 127 -26.88 10.01 5.02
C GLU D 127 -26.73 8.49 5.15
N LYS D 128 -25.76 7.92 4.45
CA LYS D 128 -25.54 6.47 4.50
C LYS D 128 -25.26 5.98 5.93
N TYR D 129 -24.67 6.81 6.79
CA TYR D 129 -24.41 6.39 8.17
C TYR D 129 -25.68 6.60 8.97
N GLN D 130 -26.39 7.69 8.68
CA GLN D 130 -27.62 7.99 9.39
C GLN D 130 -28.61 6.84 9.31
N THR D 131 -28.90 6.37 8.09
CA THR D 131 -29.85 5.28 7.94
C THR D 131 -29.45 4.04 8.72
N VAL D 132 -28.16 3.74 8.74
CA VAL D 132 -27.68 2.56 9.48
C VAL D 132 -27.98 2.74 10.98
N ILE D 133 -27.52 3.85 11.55
CA ILE D 133 -27.72 4.12 12.98
C ILE D 133 -29.20 4.14 13.37
N ALA D 134 -30.01 4.88 12.61
CA ALA D 134 -31.42 4.96 12.89
C ALA D 134 -32.06 3.57 12.81
N ASP D 135 -31.72 2.81 11.79
CA ASP D 135 -32.29 1.48 11.64
C ASP D 135 -31.97 0.58 12.83
N ILE D 136 -30.70 0.60 13.26
CA ILE D 136 -30.31 -0.24 14.39
C ILE D 136 -31.04 0.20 15.66
N CYS D 137 -31.12 1.50 15.91
CA CYS D 137 -31.82 2.02 17.10
C CYS D 137 -33.30 1.63 17.09
N ARG D 138 -33.91 1.64 15.91
CA ARG D 138 -35.32 1.27 15.83
C ARG D 138 -35.48 -0.18 16.24
N ARG D 139 -34.69 -1.06 15.64
CA ARG D 139 -34.79 -2.47 15.95
C ARG D 139 -34.38 -2.81 17.39
N MET D 140 -33.36 -2.15 17.90
CA MET D 140 -32.90 -2.40 19.27
C MET D 140 -33.99 -1.96 20.24
N GLY D 141 -34.64 -0.84 19.92
CA GLY D 141 -35.71 -0.33 20.76
C GLY D 141 -36.80 -1.36 20.93
N ILE D 142 -37.21 -1.94 19.80
CA ILE D 142 -38.25 -2.96 19.80
C ILE D 142 -37.86 -4.10 20.73
N GLY D 143 -36.65 -4.61 20.54
CA GLY D 143 -36.16 -5.71 21.34
C GLY D 143 -36.04 -5.44 22.83
N MET D 144 -35.58 -4.24 23.19
CA MET D 144 -35.41 -3.89 24.59
C MET D 144 -36.75 -3.84 25.29
N ALA D 145 -37.74 -3.26 24.61
CA ALA D 145 -39.08 -3.15 25.17
C ALA D 145 -39.66 -4.53 25.41
N GLU D 146 -39.50 -5.40 24.43
CA GLU D 146 -39.99 -6.77 24.51
C GLU D 146 -39.47 -7.50 25.75
N PHE D 147 -38.20 -7.31 26.09
CA PHE D 147 -37.62 -7.99 27.23
C PHE D 147 -37.73 -7.23 28.54
N LEU D 148 -38.50 -6.14 28.56
CA LEU D 148 -38.66 -5.35 29.78
C LEU D 148 -39.49 -6.05 30.85
N ASP D 149 -40.41 -6.91 30.42
CA ASP D 149 -41.30 -7.60 31.34
C ASP D 149 -40.94 -9.06 31.60
N LYS D 150 -39.74 -9.48 31.19
CA LYS D 150 -39.36 -10.87 31.39
C LYS D 150 -37.87 -11.11 31.50
N HIS D 151 -37.53 -12.33 31.93
CA HIS D 151 -36.15 -12.76 32.06
C HIS D 151 -35.94 -13.72 30.91
N VAL D 152 -34.71 -14.17 30.73
CA VAL D 152 -34.41 -15.10 29.66
C VAL D 152 -34.77 -16.52 30.06
N THR D 153 -35.62 -17.15 29.26
CA THR D 153 -36.02 -18.53 29.52
C THR D 153 -35.04 -19.47 28.83
N SER D 154 -35.30 -19.78 27.57
CA SER D 154 -34.46 -20.69 26.80
C SER D 154 -33.13 -20.07 26.35
N GLU D 155 -32.21 -20.93 25.93
CA GLU D 155 -30.92 -20.47 25.45
C GLU D 155 -31.17 -19.70 24.15
N GLN D 156 -32.23 -20.10 23.43
CA GLN D 156 -32.60 -19.45 22.19
C GLN D 156 -33.09 -18.03 22.46
N GLU D 157 -33.66 -17.81 23.65
CA GLU D 157 -34.13 -16.50 24.02
C GLU D 157 -32.92 -15.69 24.44
N TRP D 158 -31.89 -16.37 24.91
CA TRP D 158 -30.65 -15.72 25.35
C TRP D 158 -29.95 -15.13 24.12
N ASP D 159 -29.96 -15.88 23.02
CA ASP D 159 -29.35 -15.39 21.79
C ASP D 159 -30.18 -14.22 21.29
N LYS D 160 -31.50 -14.35 21.38
CA LYS D 160 -32.38 -13.29 20.93
C LYS D 160 -32.15 -12.01 21.72
N TYR D 161 -32.05 -12.15 23.03
CA TYR D 161 -31.82 -11.00 23.89
C TYR D 161 -30.48 -10.34 23.58
N CYS D 162 -29.41 -11.13 23.51
CA CYS D 162 -28.09 -10.61 23.20
C CYS D 162 -28.10 -9.97 21.81
N HIS D 163 -28.86 -10.54 20.88
CA HIS D 163 -28.95 -10.00 19.53
C HIS D 163 -29.42 -8.55 19.58
N TYR D 164 -30.49 -8.33 20.34
CA TYR D 164 -31.08 -7.00 20.49
C TYR D 164 -30.21 -5.95 21.17
N VAL D 165 -29.37 -6.37 22.12
CA VAL D 165 -28.56 -5.39 22.84
C VAL D 165 -27.07 -5.35 22.47
N ALA D 166 -26.60 -6.37 21.78
CA ALA D 166 -25.20 -6.41 21.39
C ALA D 166 -25.02 -6.80 19.92
N GLY D 167 -25.71 -7.85 19.50
CA GLY D 167 -25.61 -8.32 18.13
C GLY D 167 -25.87 -7.23 17.11
N LEU D 168 -26.94 -6.48 17.32
CA LEU D 168 -27.31 -5.39 16.43
C LEU D 168 -26.23 -4.32 16.37
N VAL D 169 -25.53 -4.10 17.48
CA VAL D 169 -24.45 -3.12 17.52
C VAL D 169 -23.32 -3.61 16.62
N GLY D 170 -23.05 -4.91 16.68
CA GLY D 170 -22.00 -5.48 15.84
C GLY D 170 -22.37 -5.36 14.37
N ILE D 171 -23.64 -5.61 14.06
CA ILE D 171 -24.14 -5.53 12.70
C ILE D 171 -24.12 -4.08 12.23
N GLY D 172 -24.49 -3.16 13.13
CA GLY D 172 -24.49 -1.74 12.79
C GLY D 172 -23.10 -1.21 12.46
N LEU D 173 -22.15 -1.49 13.34
CA LEU D 173 -20.78 -1.03 13.13
C LEU D 173 -20.22 -1.60 11.83
N SER D 174 -20.54 -2.87 11.56
CA SER D 174 -20.06 -3.52 10.36
C SER D 174 -20.62 -2.81 9.13
N ARG D 175 -21.88 -2.41 9.18
CA ARG D 175 -22.48 -1.69 8.05
C ARG D 175 -21.83 -0.31 7.90
N LEU D 176 -21.39 0.28 9.02
CA LEU D 176 -20.72 1.58 8.98
C LEU D 176 -19.32 1.40 8.38
N PHE D 177 -18.63 0.32 8.75
CA PHE D 177 -17.29 0.06 8.23
C PHE D 177 -17.34 -0.11 6.70
N SER D 178 -18.28 -0.91 6.21
CA SER D 178 -18.41 -1.12 4.77
C SER D 178 -18.81 0.16 4.05
N ALA D 179 -19.80 0.87 4.59
CA ALA D 179 -20.26 2.10 3.98
C ALA D 179 -19.14 3.12 3.86
N SER D 180 -18.21 3.09 4.80
CA SER D 180 -17.08 4.03 4.79
C SER D 180 -16.03 3.61 3.76
N GLU D 181 -16.14 2.38 3.27
CA GLU D 181 -15.20 1.83 2.28
C GLU D 181 -13.84 1.45 2.88
N PHE D 182 -13.68 1.68 4.17
CA PHE D 182 -12.42 1.32 4.83
C PHE D 182 -12.38 -0.21 4.96
N GLU D 183 -13.53 -0.85 4.94
CA GLU D 183 -13.59 -2.31 5.02
C GLU D 183 -14.38 -2.82 3.82
N ASP D 184 -14.19 -4.10 3.52
CA ASP D 184 -14.83 -4.76 2.40
C ASP D 184 -16.35 -4.82 2.51
N PRO D 185 -17.05 -4.83 1.36
CA PRO D 185 -18.52 -4.88 1.32
C PRO D 185 -19.07 -6.09 2.09
N LEU D 186 -18.31 -7.17 2.07
CA LEU D 186 -18.69 -8.41 2.75
C LEU D 186 -18.79 -8.25 4.28
N VAL D 187 -17.98 -7.37 4.86
CA VAL D 187 -18.04 -7.18 6.30
C VAL D 187 -19.45 -6.73 6.70
N GLY D 188 -20.00 -5.80 5.93
CA GLY D 188 -21.33 -5.31 6.23
C GLY D 188 -22.42 -6.31 5.89
N GLU D 189 -22.21 -7.11 4.85
CA GLU D 189 -23.20 -8.10 4.42
C GLU D 189 -23.32 -9.32 5.33
N ASP D 190 -22.19 -9.86 5.80
CA ASP D 190 -22.24 -11.05 6.64
C ASP D 190 -22.72 -10.73 8.05
N THR D 191 -24.03 -10.52 8.16
CA THR D 191 -24.66 -10.18 9.42
C THR D 191 -24.57 -11.28 10.48
N GLU D 192 -24.51 -12.54 10.07
CA GLU D 192 -24.40 -13.61 11.06
C GLU D 192 -23.11 -13.44 11.85
N ARG D 193 -22.01 -13.21 11.14
CA ARG D 193 -20.71 -13.03 11.79
C ARG D 193 -20.71 -11.75 12.63
N ALA D 194 -21.30 -10.69 12.10
CA ALA D 194 -21.36 -9.43 12.83
C ALA D 194 -22.11 -9.68 14.14
N ASN D 195 -23.23 -10.41 14.04
CA ASN D 195 -24.05 -10.73 15.19
C ASN D 195 -23.26 -11.48 16.26
N SER D 196 -22.49 -12.47 15.84
CA SER D 196 -21.68 -13.26 16.76
C SER D 196 -20.68 -12.42 17.53
N MET D 197 -20.17 -11.35 16.91
CA MET D 197 -19.22 -10.48 17.59
C MET D 197 -19.92 -9.96 18.84
N GLY D 198 -21.16 -9.50 18.67
CA GLY D 198 -21.93 -8.97 19.78
C GLY D 198 -22.35 -10.03 20.79
N LEU D 199 -22.87 -11.15 20.30
CA LEU D 199 -23.31 -12.21 21.20
C LEU D 199 -22.20 -12.65 22.14
N PHE D 200 -20.99 -12.77 21.61
CA PHE D 200 -19.86 -13.20 22.42
C PHE D 200 -19.48 -12.24 23.54
N LEU D 201 -19.45 -10.94 23.24
CA LEU D 201 -19.10 -9.97 24.26
C LEU D 201 -20.22 -9.90 25.32
N GLN D 202 -21.46 -9.89 24.87
CA GLN D 202 -22.59 -9.79 25.78
C GLN D 202 -22.72 -10.99 26.71
N LYS D 203 -22.64 -12.19 26.15
CA LYS D 203 -22.73 -13.40 26.97
C LYS D 203 -21.61 -13.38 27.99
N THR D 204 -20.42 -12.99 27.55
CA THR D 204 -19.26 -12.92 28.42
C THR D 204 -19.54 -12.02 29.62
N ASN D 205 -19.93 -10.77 29.35
CA ASN D 205 -20.23 -9.83 30.42
C ASN D 205 -21.33 -10.37 31.34
N ILE D 206 -22.36 -10.97 30.75
CA ILE D 206 -23.48 -11.52 31.52
C ILE D 206 -23.01 -12.60 32.49
N ILE D 207 -22.18 -13.52 31.99
CA ILE D 207 -21.67 -14.60 32.82
C ILE D 207 -20.83 -14.01 33.97
N ARG D 208 -19.96 -13.09 33.62
CA ARG D 208 -19.07 -12.45 34.60
C ARG D 208 -19.81 -11.57 35.60
N ASP D 209 -20.87 -10.91 35.17
CA ASP D 209 -21.63 -10.03 36.07
C ASP D 209 -22.78 -10.73 36.79
N TYR D 210 -22.65 -12.03 37.05
CA TYR D 210 -23.72 -12.74 37.72
C TYR D 210 -24.15 -12.08 39.03
N LEU D 211 -23.20 -11.92 39.95
CA LEU D 211 -23.50 -11.33 41.24
C LEU D 211 -23.99 -9.90 41.16
N GLU D 212 -23.27 -9.05 40.44
CA GLU D 212 -23.67 -7.65 40.29
C GLU D 212 -25.13 -7.55 39.85
N ASP D 213 -25.57 -8.49 39.03
CA ASP D 213 -26.95 -8.48 38.56
C ASP D 213 -27.87 -8.89 39.71
N GLN D 214 -27.44 -9.88 40.49
CA GLN D 214 -28.22 -10.35 41.62
C GLN D 214 -28.42 -9.24 42.64
N GLN D 215 -27.32 -8.56 42.98
CA GLN D 215 -27.38 -7.45 43.92
C GLN D 215 -27.88 -6.24 43.14
N GLY D 216 -28.81 -6.48 42.22
CA GLY D 216 -29.36 -5.41 41.41
C GLY D 216 -30.80 -5.67 40.99
N GLY D 217 -31.23 -6.93 41.10
CA GLY D 217 -32.60 -7.26 40.73
C GLY D 217 -32.78 -7.54 39.26
N ARG D 218 -31.68 -7.86 38.57
CA ARG D 218 -31.73 -8.16 37.16
C ARG D 218 -31.32 -9.62 36.91
N GLU D 219 -32.12 -10.32 36.13
CA GLU D 219 -31.87 -11.74 35.83
C GLU D 219 -31.58 -11.97 34.36
N PHE D 220 -30.32 -12.31 34.04
CA PHE D 220 -29.94 -12.54 32.65
C PHE D 220 -29.58 -13.97 32.28
N TRP D 221 -29.01 -14.72 33.21
CA TRP D 221 -28.65 -16.09 32.92
C TRP D 221 -29.90 -16.84 32.45
N PRO D 222 -29.77 -17.67 31.39
CA PRO D 222 -30.92 -18.41 30.88
C PRO D 222 -31.57 -19.31 31.93
N GLN D 223 -32.88 -19.15 32.10
CA GLN D 223 -33.63 -19.92 33.08
C GLN D 223 -33.60 -21.42 32.81
N GLU D 224 -33.92 -21.83 31.59
CA GLU D 224 -33.91 -23.24 31.24
C GLU D 224 -32.58 -23.90 31.54
N VAL D 225 -31.55 -23.09 31.75
CA VAL D 225 -30.23 -23.61 32.06
C VAL D 225 -29.97 -23.68 33.56
N TRP D 226 -30.10 -22.56 34.25
CA TRP D 226 -29.86 -22.55 35.69
C TRP D 226 -30.89 -23.32 36.50
N SER D 227 -32.12 -23.42 35.99
CA SER D 227 -33.18 -24.14 36.68
C SER D 227 -32.80 -25.61 36.88
N ARG D 228 -32.08 -26.18 35.91
CA ARG D 228 -31.65 -27.56 36.01
C ARG D 228 -30.63 -27.75 37.13
N TYR D 229 -30.26 -26.65 37.79
CA TYR D 229 -29.29 -26.71 38.87
C TYR D 229 -29.88 -26.34 40.21
N VAL D 230 -30.70 -25.29 40.24
CA VAL D 230 -31.33 -24.83 41.48
C VAL D 230 -32.74 -24.36 41.19
N LYS D 231 -33.45 -23.92 42.22
CA LYS D 231 -34.83 -23.46 42.06
C LYS D 231 -34.87 -21.97 41.71
N LYS D 232 -33.96 -21.22 42.31
CA LYS D 232 -33.88 -19.77 42.07
C LYS D 232 -32.47 -19.40 41.63
N LEU D 233 -32.38 -18.51 40.64
CA LEU D 233 -31.07 -18.09 40.15
C LEU D 233 -30.21 -17.55 41.29
N GLY D 234 -30.85 -16.91 42.26
CA GLY D 234 -30.11 -16.36 43.38
C GLY D 234 -29.44 -17.42 44.22
N ASP D 235 -29.89 -18.66 44.09
CA ASP D 235 -29.32 -19.74 44.87
C ASP D 235 -27.82 -19.96 44.63
N PHE D 236 -27.33 -19.60 43.44
CA PHE D 236 -25.91 -19.78 43.14
C PHE D 236 -25.03 -18.91 44.03
N ALA D 237 -25.67 -17.98 44.74
CA ALA D 237 -24.97 -17.08 45.63
C ALA D 237 -24.77 -17.71 46.99
N LEU D 238 -25.60 -18.70 47.33
CA LEU D 238 -25.54 -19.41 48.59
C LEU D 238 -24.44 -20.45 48.57
N PRO D 239 -23.43 -20.25 49.43
CA PRO D 239 -22.24 -21.10 49.58
C PRO D 239 -22.37 -22.62 49.44
N GLU D 240 -23.52 -23.18 49.76
CA GLU D 240 -23.71 -24.62 49.67
C GLU D 240 -24.10 -25.09 48.28
N ASN D 241 -24.31 -24.15 47.36
CA ASN D 241 -24.70 -24.50 46.00
C ASN D 241 -23.54 -24.29 45.00
N ILE D 242 -22.41 -23.85 45.53
CA ILE D 242 -21.22 -23.58 44.71
C ILE D 242 -20.86 -24.65 43.69
N ASP D 243 -21.03 -25.92 44.05
CA ASP D 243 -20.69 -26.99 43.14
C ASP D 243 -21.62 -27.00 41.92
N LEU D 244 -22.88 -26.64 42.15
CA LEU D 244 -23.85 -26.58 41.06
C LEU D 244 -23.68 -25.27 40.30
N ALA D 245 -23.37 -24.21 41.04
CA ALA D 245 -23.17 -22.90 40.46
C ALA D 245 -22.05 -22.98 39.44
N VAL D 246 -20.90 -23.48 39.87
CA VAL D 246 -19.75 -23.62 38.99
C VAL D 246 -20.09 -24.48 37.78
N GLN D 247 -20.90 -25.52 38.01
CA GLN D 247 -21.31 -26.40 36.92
C GLN D 247 -22.13 -25.66 35.88
N CYS D 248 -23.02 -24.79 36.35
CA CYS D 248 -23.87 -23.99 35.47
C CYS D 248 -22.99 -22.97 34.75
N LEU D 249 -22.02 -22.43 35.49
CA LEU D 249 -21.09 -21.45 34.98
C LEU D 249 -20.35 -22.01 33.78
N ASN D 250 -19.84 -23.22 33.92
CA ASN D 250 -19.09 -23.86 32.85
C ASN D 250 -19.96 -24.16 31.63
N GLU D 251 -21.25 -24.42 31.85
CA GLU D 251 -22.13 -24.72 30.73
C GLU D 251 -22.34 -23.45 29.91
N LEU D 252 -22.61 -22.35 30.60
CA LEU D 252 -22.82 -21.08 29.93
C LEU D 252 -21.57 -20.69 29.15
N ILE D 253 -20.41 -20.84 29.80
CA ILE D 253 -19.15 -20.51 29.17
C ILE D 253 -19.00 -21.35 27.90
N THR D 254 -19.23 -22.65 28.00
CA THR D 254 -19.13 -23.53 26.85
C THR D 254 -20.03 -23.03 25.72
N ASN D 255 -21.18 -22.47 26.10
CA ASN D 255 -22.13 -21.93 25.14
C ASN D 255 -21.54 -20.75 24.39
N ALA D 256 -20.90 -19.86 25.15
CA ALA D 256 -20.30 -18.66 24.57
C ALA D 256 -19.13 -18.99 23.65
N LEU D 257 -18.37 -20.03 23.99
CA LEU D 257 -17.23 -20.40 23.17
C LEU D 257 -17.63 -20.71 21.72
N HIS D 258 -18.87 -21.14 21.54
CA HIS D 258 -19.36 -21.47 20.20
C HIS D 258 -19.34 -20.30 19.22
N HIS D 259 -19.22 -19.09 19.75
CA HIS D 259 -19.21 -17.92 18.89
C HIS D 259 -17.79 -17.62 18.39
N ILE D 260 -16.79 -18.11 19.10
CA ILE D 260 -15.41 -17.85 18.72
C ILE D 260 -15.07 -18.13 17.24
N PRO D 261 -15.58 -19.25 16.69
CA PRO D 261 -15.25 -19.50 15.27
C PRO D 261 -15.68 -18.31 14.40
N ASP D 262 -16.88 -17.79 14.64
CA ASP D 262 -17.38 -16.65 13.88
C ASP D 262 -16.55 -15.39 14.15
N VAL D 263 -16.10 -15.24 15.39
CA VAL D 263 -15.29 -14.09 15.76
C VAL D 263 -13.97 -14.11 14.99
N ILE D 264 -13.39 -15.28 14.82
CA ILE D 264 -12.13 -15.39 14.09
C ILE D 264 -12.36 -15.09 12.60
N THR D 265 -13.46 -15.59 12.07
CA THR D 265 -13.80 -15.37 10.68
C THR D 265 -14.01 -13.88 10.47
N TYR D 266 -14.77 -13.25 11.35
CA TYR D 266 -15.05 -11.82 11.24
C TYR D 266 -13.78 -11.02 11.26
N LEU D 267 -12.98 -11.20 12.30
CA LEU D 267 -11.71 -10.48 12.43
C LEU D 267 -10.79 -10.70 11.24
N SER D 268 -10.84 -11.91 10.68
CA SER D 268 -9.99 -12.28 9.54
C SER D 268 -10.28 -11.51 8.25
N ARG D 269 -11.44 -10.87 8.18
CA ARG D 269 -11.81 -10.12 6.98
C ARG D 269 -11.35 -8.67 7.05
N LEU D 270 -11.07 -8.19 8.25
CA LEU D 270 -10.65 -6.81 8.44
C LEU D 270 -9.32 -6.47 7.76
N ARG D 271 -9.24 -5.28 7.20
CA ARG D 271 -8.01 -4.87 6.51
C ARG D 271 -7.51 -3.50 6.96
N ASN D 272 -8.32 -2.78 7.71
CA ASN D 272 -7.92 -1.46 8.19
C ASN D 272 -7.40 -1.57 9.62
N GLN D 273 -6.15 -1.17 9.84
CA GLN D 273 -5.54 -1.26 11.15
C GLN D 273 -6.34 -0.60 12.29
N SER D 274 -6.90 0.60 12.05
CA SER D 274 -7.65 1.26 13.10
C SER D 274 -8.93 0.46 13.45
N VAL D 275 -9.57 -0.10 12.45
CA VAL D 275 -10.77 -0.90 12.69
C VAL D 275 -10.40 -2.21 13.37
N PHE D 276 -9.29 -2.80 12.93
CA PHE D 276 -8.85 -4.07 13.51
C PHE D 276 -8.63 -3.90 15.00
N ASN D 277 -7.91 -2.84 15.38
CA ASN D 277 -7.64 -2.57 16.79
C ASN D 277 -8.94 -2.44 17.55
N PHE D 278 -9.86 -1.68 16.96
CA PHE D 278 -11.16 -1.41 17.55
C PHE D 278 -11.95 -2.71 17.78
N CYS D 279 -11.99 -3.57 16.77
CA CYS D 279 -12.73 -4.82 16.85
C CYS D 279 -12.06 -5.94 17.66
N ALA D 280 -10.77 -6.14 17.42
CA ALA D 280 -10.03 -7.22 18.07
C ALA D 280 -9.84 -7.13 19.58
N ILE D 281 -9.40 -5.97 20.07
CA ILE D 281 -9.14 -5.78 21.49
C ILE D 281 -10.27 -6.24 22.39
N PRO D 282 -11.50 -5.78 22.13
CA PRO D 282 -12.63 -6.20 22.98
C PRO D 282 -12.84 -7.70 22.99
N GLN D 283 -12.68 -8.33 21.83
CA GLN D 283 -12.86 -9.78 21.73
C GLN D 283 -11.81 -10.52 22.56
N VAL D 284 -10.57 -10.06 22.49
CA VAL D 284 -9.50 -10.70 23.25
C VAL D 284 -9.72 -10.53 24.75
N MET D 285 -10.15 -9.34 25.16
CA MET D 285 -10.41 -9.10 26.59
C MET D 285 -11.56 -9.98 27.05
N ALA D 286 -12.55 -10.18 26.18
CA ALA D 286 -13.69 -11.03 26.52
C ALA D 286 -13.22 -12.47 26.68
N ILE D 287 -12.50 -12.96 25.67
CA ILE D 287 -11.98 -14.33 25.70
C ILE D 287 -11.09 -14.57 26.92
N ALA D 288 -10.30 -13.56 27.28
CA ALA D 288 -9.44 -13.67 28.46
C ALA D 288 -10.32 -13.77 29.70
N THR D 289 -11.41 -13.02 29.70
CA THR D 289 -12.34 -13.03 30.81
C THR D 289 -12.96 -14.42 30.97
N LEU D 290 -13.39 -15.03 29.87
CA LEU D 290 -14.00 -16.35 29.93
C LEU D 290 -12.98 -17.36 30.44
N ALA D 291 -11.71 -17.08 30.23
CA ALA D 291 -10.64 -17.96 30.66
C ALA D 291 -10.46 -17.85 32.17
N ALA D 292 -10.55 -16.64 32.69
CA ALA D 292 -10.40 -16.39 34.11
C ALA D 292 -11.61 -16.88 34.90
N CYS D 293 -12.79 -16.78 34.31
CA CYS D 293 -14.02 -17.20 34.99
C CYS D 293 -14.28 -18.69 34.92
N TYR D 294 -13.76 -19.36 33.90
CA TYR D 294 -14.00 -20.79 33.74
C TYR D 294 -13.70 -21.61 34.98
N ASN D 295 -14.68 -22.41 35.39
CA ASN D 295 -14.54 -23.28 36.55
C ASN D 295 -13.98 -22.53 37.76
N ASN D 296 -14.27 -21.25 37.87
CA ASN D 296 -13.79 -20.43 38.98
C ASN D 296 -14.96 -20.01 39.87
N GLN D 297 -14.99 -20.52 41.10
CA GLN D 297 -16.06 -20.20 42.02
C GLN D 297 -16.07 -18.75 42.49
N GLN D 298 -14.98 -18.04 42.27
CA GLN D 298 -14.88 -16.65 42.70
C GLN D 298 -15.89 -15.78 41.96
N VAL D 299 -16.50 -16.35 40.93
CA VAL D 299 -17.49 -15.63 40.13
C VAL D 299 -18.73 -15.36 40.99
N PHE D 300 -18.94 -16.24 41.96
CA PHE D 300 -20.08 -16.13 42.85
C PHE D 300 -19.77 -15.45 44.18
N LYS D 301 -18.53 -15.02 44.34
CA LYS D 301 -18.11 -14.34 45.57
C LYS D 301 -17.83 -12.86 45.34
N GLY D 302 -17.07 -12.55 44.30
CA GLY D 302 -16.75 -11.15 44.01
C GLY D 302 -16.40 -10.90 42.55
N ALA D 303 -15.40 -10.06 42.34
CA ALA D 303 -14.96 -9.73 40.98
C ALA D 303 -13.76 -10.59 40.61
N VAL D 304 -13.76 -11.12 39.40
CA VAL D 304 -12.65 -11.95 38.93
C VAL D 304 -11.55 -11.08 38.38
N LEU D 305 -10.31 -11.49 38.59
CA LEU D 305 -9.16 -10.73 38.11
C LEU D 305 -8.58 -11.27 36.81
N ILE D 306 -8.73 -10.51 35.74
CA ILE D 306 -8.20 -10.90 34.44
C ILE D 306 -6.68 -10.80 34.52
N ARG D 307 -6.03 -11.92 34.75
CA ARG D 307 -4.57 -11.95 34.85
C ARG D 307 -3.91 -11.46 33.57
N LEU D 308 -2.68 -11.91 33.31
CA LEU D 308 -1.97 -11.49 32.10
C LEU D 308 -1.78 -12.66 31.13
N GLY D 309 -1.35 -12.36 29.92
CA GLY D 309 -1.15 -13.40 28.92
C GLY D 309 -0.11 -14.44 29.33
N GLN D 310 0.05 -15.45 28.49
CA GLN D 310 1.01 -16.51 28.75
C GLN D 310 2.37 -16.15 28.14
N ALA D 311 3.39 -16.94 28.44
CA ALA D 311 4.75 -16.70 27.94
C ALA D 311 4.78 -16.12 26.52
N VAL D 312 3.87 -16.57 25.66
CA VAL D 312 3.81 -16.09 24.28
C VAL D 312 2.86 -14.91 24.13
N THR D 313 1.71 -14.97 24.79
CA THR D 313 0.72 -13.90 24.72
C THR D 313 1.32 -12.57 25.17
N LEU D 314 2.34 -12.64 26.01
CA LEU D 314 3.02 -11.46 26.54
C LEU D 314 4.08 -10.93 25.58
N MET D 315 4.26 -11.62 24.46
CA MET D 315 5.24 -11.22 23.45
C MET D 315 4.55 -10.60 22.25
N MET D 316 3.23 -10.76 22.19
CA MET D 316 2.44 -10.24 21.09
C MET D 316 1.27 -9.39 21.58
N ASP D 317 0.91 -8.40 20.78
CA ASP D 317 -0.23 -7.57 21.10
C ASP D 317 -1.29 -7.98 20.07
N ALA D 318 -2.53 -7.55 20.25
CA ALA D 318 -3.59 -7.95 19.34
C ALA D 318 -3.74 -7.00 18.15
N THR D 319 -2.63 -6.71 17.46
CA THR D 319 -2.67 -5.78 16.34
C THR D 319 -2.54 -6.37 14.95
N ASN D 320 -2.38 -7.69 14.86
CA ASN D 320 -2.31 -8.37 13.57
C ASN D 320 -3.04 -9.70 13.77
N MET D 321 -3.78 -10.13 12.75
CA MET D 321 -4.57 -11.36 12.83
C MET D 321 -3.85 -12.63 13.29
N PRO D 322 -2.66 -12.91 12.75
CA PRO D 322 -1.99 -14.13 13.21
C PRO D 322 -1.77 -14.10 14.72
N ALA D 323 -1.36 -12.94 15.23
CA ALA D 323 -1.11 -12.78 16.66
C ALA D 323 -2.40 -12.98 17.44
N VAL D 324 -3.50 -12.45 16.91
CA VAL D 324 -4.78 -12.58 17.59
C VAL D 324 -5.19 -14.05 17.68
N LYS D 325 -4.95 -14.80 16.61
CA LYS D 325 -5.27 -16.22 16.59
C LYS D 325 -4.46 -16.92 17.68
N ALA D 326 -3.15 -16.67 17.69
CA ALA D 326 -2.25 -17.27 18.65
C ALA D 326 -2.75 -17.01 20.07
N ILE D 327 -3.14 -15.76 20.34
CA ILE D 327 -3.65 -15.36 21.64
C ILE D 327 -4.91 -16.12 22.00
N ILE D 328 -5.82 -16.22 21.05
CA ILE D 328 -7.08 -16.93 21.26
C ILE D 328 -6.82 -18.40 21.58
N TYR D 329 -5.89 -19.00 20.85
CA TYR D 329 -5.58 -20.41 21.07
C TYR D 329 -5.00 -20.66 22.45
N GLN D 330 -4.06 -19.83 22.87
CA GLN D 330 -3.45 -19.99 24.18
C GLN D 330 -4.49 -19.93 25.30
N TYR D 331 -5.51 -19.08 25.13
CA TYR D 331 -6.56 -18.98 26.13
C TYR D 331 -7.44 -20.21 26.08
N MET D 332 -7.68 -20.71 24.88
CA MET D 332 -8.50 -21.91 24.70
C MET D 332 -7.85 -23.08 25.43
N GLU D 333 -6.54 -23.23 25.23
CA GLU D 333 -5.78 -24.30 25.86
C GLU D 333 -5.80 -24.14 27.39
N GLU D 334 -5.88 -22.90 27.86
CA GLU D 334 -5.89 -22.63 29.28
C GLU D 334 -7.17 -23.21 29.89
N ILE D 335 -8.27 -23.08 29.17
CA ILE D 335 -9.55 -23.61 29.63
C ILE D 335 -9.50 -25.13 29.51
N TYR D 336 -9.06 -25.61 28.36
CA TYR D 336 -8.97 -27.04 28.10
C TYR D 336 -8.26 -27.79 29.24
N HIS D 337 -7.27 -27.13 29.86
CA HIS D 337 -6.53 -27.74 30.97
C HIS D 337 -7.32 -27.89 32.26
N ARG D 338 -8.01 -26.83 32.66
CA ARG D 338 -8.77 -26.85 33.89
C ARG D 338 -10.16 -27.46 33.77
N ILE D 339 -10.36 -28.28 32.75
CA ILE D 339 -11.66 -28.94 32.55
C ILE D 339 -11.81 -30.22 33.37
N PRO D 340 -12.69 -30.19 34.39
CA PRO D 340 -12.95 -31.36 35.26
C PRO D 340 -13.58 -32.51 34.48
N ASP D 341 -13.14 -33.73 34.74
CA ASP D 341 -13.70 -34.89 34.06
C ASP D 341 -15.10 -35.07 34.61
N SER D 342 -15.29 -34.60 35.83
CA SER D 342 -16.55 -34.70 36.52
C SER D 342 -17.62 -33.72 36.03
N ASN D 343 -17.20 -32.61 35.43
CA ASN D 343 -18.15 -31.60 34.94
C ASN D 343 -19.01 -32.09 33.79
N PRO D 344 -20.33 -31.92 33.92
CA PRO D 344 -21.33 -32.33 32.92
C PRO D 344 -21.14 -31.79 31.50
N SER D 345 -20.54 -30.61 31.41
CA SER D 345 -20.32 -29.96 30.12
C SER D 345 -18.92 -30.24 29.57
N SER D 346 -18.14 -31.02 30.31
CA SER D 346 -16.77 -31.33 29.91
C SER D 346 -16.62 -31.86 28.49
N SER D 347 -17.52 -32.75 28.09
CA SER D 347 -17.48 -33.32 26.74
C SER D 347 -17.70 -32.23 25.70
N LYS D 348 -18.74 -31.42 25.90
CA LYS D 348 -19.05 -30.34 24.97
C LYS D 348 -17.92 -29.33 24.95
N THR D 349 -17.47 -28.92 26.14
CA THR D 349 -16.40 -27.94 26.25
C THR D 349 -15.17 -28.36 25.44
N ARG D 350 -14.88 -29.66 25.42
CA ARG D 350 -13.73 -30.15 24.68
C ARG D 350 -14.01 -30.12 23.20
N GLN D 351 -15.24 -30.48 22.83
CA GLN D 351 -15.63 -30.50 21.42
C GLN D 351 -15.52 -29.12 20.78
N ILE D 352 -16.07 -28.11 21.43
CA ILE D 352 -16.03 -26.76 20.89
C ILE D 352 -14.58 -26.28 20.71
N ILE D 353 -13.76 -26.51 21.72
CA ILE D 353 -12.36 -26.11 21.66
C ILE D 353 -11.63 -26.87 20.56
N SER D 354 -11.95 -28.15 20.41
CA SER D 354 -11.33 -28.97 19.39
C SER D 354 -11.65 -28.38 18.02
N THR D 355 -12.87 -27.92 17.86
CA THR D 355 -13.31 -27.32 16.60
C THR D 355 -12.61 -25.99 16.34
N ILE D 356 -12.44 -25.19 17.39
CA ILE D 356 -11.80 -23.90 17.24
C ILE D 356 -10.33 -24.00 16.84
N ARG D 357 -9.59 -24.90 17.50
CA ARG D 357 -8.17 -25.07 17.23
C ARG D 357 -7.87 -25.82 15.93
N THR D 358 -8.87 -26.52 15.39
CA THR D 358 -8.69 -27.24 14.15
C THR D 358 -9.25 -26.42 12.99
N GLN D 359 -9.60 -25.17 13.30
CA GLN D 359 -10.17 -24.23 12.33
C GLN D 359 -11.69 -24.34 12.28
N LEU E 26 -12.75 -30.86 10.49
CA LEU E 26 -13.65 -31.90 10.01
C LEU E 26 -13.09 -33.29 10.26
N SER E 27 -11.90 -33.55 9.72
CA SER E 27 -11.25 -34.84 9.89
C SER E 27 -11.05 -35.21 11.35
N SER E 28 -11.58 -36.37 11.74
CA SER E 28 -11.46 -36.85 13.11
C SER E 28 -9.98 -36.99 13.46
N SER E 29 -9.22 -37.53 12.51
CA SER E 29 -7.80 -37.74 12.70
C SER E 29 -7.02 -36.42 12.72
N LEU E 30 -7.52 -35.43 12.00
CA LEU E 30 -6.84 -34.14 11.98
C LEU E 30 -7.08 -33.42 13.30
N LYS E 31 -8.25 -33.62 13.88
CA LYS E 31 -8.62 -33.01 15.16
C LYS E 31 -7.79 -33.64 16.28
N THR E 32 -7.63 -34.96 16.21
CA THR E 32 -6.83 -35.68 17.19
C THR E 32 -5.40 -35.18 17.09
N CYS E 33 -4.97 -34.91 15.86
CA CYS E 33 -3.62 -34.42 15.63
C CYS E 33 -3.37 -33.11 16.37
N TYR E 34 -4.27 -32.13 16.18
CA TYR E 34 -4.12 -30.85 16.85
C TYR E 34 -4.26 -31.00 18.37
N LYS E 35 -5.00 -32.03 18.79
CA LYS E 35 -5.18 -32.28 20.21
C LYS E 35 -3.82 -32.69 20.80
N TYR E 36 -3.08 -33.52 20.07
CA TYR E 36 -1.77 -33.95 20.52
C TYR E 36 -0.78 -32.80 20.44
N LEU E 37 -0.91 -31.99 19.40
CA LEU E 37 -0.02 -30.85 19.23
C LEU E 37 -0.10 -29.97 20.48
N ASN E 38 -1.31 -29.78 21.01
CA ASN E 38 -1.50 -28.97 22.20
C ASN E 38 -1.05 -29.65 23.50
N GLN E 39 -1.02 -30.99 23.50
CA GLN E 39 -0.60 -31.73 24.68
C GLN E 39 0.92 -31.83 24.74
N THR E 40 1.54 -31.90 23.57
CA THR E 40 3.00 -32.04 23.47
C THR E 40 3.77 -30.78 23.11
N SER E 41 3.10 -29.64 22.99
CA SER E 41 3.80 -28.42 22.62
C SER E 41 3.42 -27.21 23.47
N ARG E 42 4.12 -27.03 24.57
CA ARG E 42 3.88 -25.92 25.48
C ARG E 42 4.08 -24.55 24.81
N SER E 43 5.11 -24.44 23.97
CA SER E 43 5.43 -23.16 23.33
C SER E 43 5.30 -23.03 21.81
N PHE E 44 4.70 -24.00 21.15
CA PHE E 44 4.58 -23.89 19.69
C PHE E 44 3.18 -24.05 19.11
N ALA E 45 2.30 -24.73 19.84
CA ALA E 45 0.95 -24.98 19.37
C ALA E 45 0.23 -23.73 18.85
N ALA E 46 0.12 -22.70 19.67
CA ALA E 46 -0.58 -21.48 19.29
C ALA E 46 -0.04 -20.82 18.03
N VAL E 47 1.27 -20.60 17.97
CA VAL E 47 1.86 -19.98 16.79
C VAL E 47 1.79 -20.92 15.60
N ILE E 48 1.77 -22.22 15.84
CA ILE E 48 1.67 -23.16 14.74
C ILE E 48 0.25 -23.10 14.16
N GLN E 49 -0.75 -23.11 15.02
CA GLN E 49 -2.14 -23.07 14.59
C GLN E 49 -2.49 -21.73 13.91
N ALA E 50 -1.64 -20.72 14.09
CA ALA E 50 -1.90 -19.41 13.50
C ALA E 50 -1.22 -19.24 12.13
N LEU E 51 -0.58 -20.30 11.64
CA LEU E 51 0.09 -20.24 10.34
C LEU E 51 -0.94 -20.19 9.20
N ASP E 52 -0.61 -19.45 8.14
CA ASP E 52 -1.51 -19.34 6.98
C ASP E 52 -1.60 -20.62 6.13
N GLY E 53 -2.71 -20.73 5.41
CA GLY E 53 -2.95 -21.84 4.51
C GLY E 53 -2.49 -23.25 4.85
N GLU E 54 -1.77 -23.86 3.92
CA GLU E 54 -1.31 -25.22 4.14
C GLU E 54 -0.08 -25.40 5.04
N MET E 55 0.51 -24.29 5.48
CA MET E 55 1.65 -24.38 6.37
C MET E 55 1.17 -24.88 7.72
N ARG E 56 -0.09 -24.57 8.03
CA ARG E 56 -0.73 -24.96 9.29
C ARG E 56 -0.62 -26.47 9.56
N ASN E 57 -1.25 -27.27 8.71
CA ASN E 57 -1.23 -28.72 8.87
C ASN E 57 0.16 -29.30 8.63
N ALA E 58 0.87 -28.78 7.63
CA ALA E 58 2.20 -29.29 7.35
C ALA E 58 3.06 -29.21 8.61
N VAL E 59 3.16 -28.01 9.17
CA VAL E 59 3.95 -27.79 10.38
C VAL E 59 3.43 -28.61 11.56
N CYS E 60 2.10 -28.70 11.67
CA CYS E 60 1.51 -29.47 12.76
C CYS E 60 2.04 -30.90 12.71
N ILE E 61 1.88 -31.53 11.56
CA ILE E 61 2.33 -32.90 11.35
C ILE E 61 3.84 -33.02 11.56
N PHE E 62 4.60 -32.10 10.98
CA PHE E 62 6.06 -32.11 11.11
C PHE E 62 6.44 -32.12 12.59
N TYR E 63 5.78 -31.29 13.37
CA TYR E 63 6.07 -31.21 14.79
C TYR E 63 5.68 -32.50 15.51
N LEU E 64 4.56 -33.10 15.08
CA LEU E 64 4.09 -34.33 15.71
C LEU E 64 5.03 -35.51 15.47
N VAL E 65 5.49 -35.68 14.23
CA VAL E 65 6.38 -36.77 13.92
C VAL E 65 7.71 -36.57 14.64
N LEU E 66 8.18 -35.33 14.66
CA LEU E 66 9.44 -35.03 15.34
C LEU E 66 9.31 -35.34 16.82
N ARG E 67 8.15 -35.04 17.39
CA ARG E 67 7.92 -35.30 18.81
C ARG E 67 8.03 -36.79 19.05
N ALA E 68 7.44 -37.58 18.15
CA ALA E 68 7.47 -39.03 18.26
C ALA E 68 8.91 -39.55 18.19
N LEU E 69 9.67 -39.06 17.22
CA LEU E 69 11.06 -39.48 17.08
C LEU E 69 11.81 -39.12 18.36
N ASP E 70 11.50 -37.95 18.91
CA ASP E 70 12.13 -37.46 20.14
C ASP E 70 11.75 -38.33 21.33
N THR E 71 10.50 -38.78 21.36
CA THR E 71 10.03 -39.61 22.47
C THR E 71 10.74 -40.96 22.47
N LEU E 72 11.19 -41.40 21.30
CA LEU E 72 11.91 -42.66 21.20
C LEU E 72 13.34 -42.52 21.70
N GLU E 73 14.04 -41.49 21.23
CA GLU E 73 15.42 -41.25 21.65
C GLU E 73 15.55 -41.10 23.17
N ASP E 74 14.58 -40.44 23.78
CA ASP E 74 14.61 -40.20 25.21
C ASP E 74 14.20 -41.37 26.10
N ASP E 75 13.42 -42.30 25.57
CA ASP E 75 12.99 -43.43 26.38
C ASP E 75 14.18 -44.34 26.68
N MET E 76 14.54 -44.44 27.95
CA MET E 76 15.66 -45.27 28.36
C MET E 76 15.25 -46.71 28.64
N THR E 77 13.97 -47.01 28.44
CA THR E 77 13.48 -48.36 28.63
C THR E 77 13.76 -49.12 27.34
N ILE E 78 14.23 -48.38 26.34
CA ILE E 78 14.56 -48.94 25.03
C ILE E 78 16.05 -49.21 24.99
N SER E 79 16.44 -50.47 24.83
CA SER E 79 17.86 -50.81 24.77
C SER E 79 18.46 -50.12 23.55
N VAL E 80 19.72 -49.71 23.66
CA VAL E 80 20.40 -49.05 22.55
C VAL E 80 20.33 -49.84 21.25
N GLU E 81 20.53 -51.16 21.34
CA GLU E 81 20.50 -52.03 20.17
C GLU E 81 19.12 -52.08 19.51
N LYS E 82 18.09 -51.72 20.26
CA LYS E 82 16.73 -51.74 19.73
C LYS E 82 16.28 -50.35 19.29
N LYS E 83 16.93 -49.33 19.86
CA LYS E 83 16.62 -47.94 19.56
C LYS E 83 17.15 -47.51 18.19
N VAL E 84 18.40 -47.85 17.92
CA VAL E 84 19.04 -47.50 16.65
C VAL E 84 18.14 -47.83 15.45
N PRO E 85 17.59 -49.06 15.40
CA PRO E 85 16.73 -49.43 14.27
C PRO E 85 15.48 -48.55 14.19
N LEU E 86 14.87 -48.28 15.33
CA LEU E 86 13.68 -47.44 15.38
C LEU E 86 14.00 -46.05 14.83
N LEU E 87 15.11 -45.48 15.30
CA LEU E 87 15.52 -44.15 14.87
C LEU E 87 15.89 -44.11 13.39
N HIS E 88 16.67 -45.09 12.93
CA HIS E 88 17.08 -45.14 11.53
C HIS E 88 15.94 -45.32 10.55
N ASN E 89 14.94 -46.11 10.94
CA ASN E 89 13.80 -46.36 10.05
C ASN E 89 12.55 -45.57 10.42
N PHE E 90 12.69 -44.61 11.33
CA PHE E 90 11.54 -43.82 11.72
C PHE E 90 10.91 -43.20 10.49
N HIS E 91 11.74 -42.60 9.65
CA HIS E 91 11.26 -41.95 8.44
C HIS E 91 10.40 -42.88 7.58
N SER E 92 10.70 -44.17 7.62
CA SER E 92 9.94 -45.13 6.83
C SER E 92 8.58 -45.46 7.44
N PHE E 93 8.47 -45.34 8.76
CA PHE E 93 7.20 -45.64 9.42
C PHE E 93 6.08 -44.70 8.98
N LEU E 94 6.44 -43.57 8.41
CA LEU E 94 5.45 -42.61 7.95
C LEU E 94 4.61 -43.19 6.82
N TYR E 95 5.19 -44.10 6.06
CA TYR E 95 4.49 -44.72 4.94
C TYR E 95 3.93 -46.09 5.26
N GLN E 96 3.86 -46.43 6.55
CA GLN E 96 3.35 -47.71 7.00
C GLN E 96 2.11 -47.51 7.87
N PRO E 97 0.94 -47.34 7.22
CA PRO E 97 -0.38 -47.13 7.81
C PRO E 97 -0.65 -47.62 9.23
N ASP E 98 -0.15 -48.80 9.58
CA ASP E 98 -0.39 -49.32 10.92
C ASP E 98 0.80 -49.41 11.87
N TRP E 99 1.94 -48.85 11.48
CA TRP E 99 3.09 -48.89 12.38
C TRP E 99 2.74 -48.09 13.62
N ARG E 100 3.37 -48.44 14.74
CA ARG E 100 3.13 -47.76 16.00
C ARG E 100 4.11 -48.28 17.04
N PHE E 101 3.98 -47.80 18.28
CA PHE E 101 4.85 -48.25 19.36
C PHE E 101 4.01 -48.30 20.63
N MET E 102 4.07 -49.42 21.34
CA MET E 102 3.28 -49.57 22.55
C MET E 102 4.09 -49.77 23.83
N GLU E 103 5.40 -49.89 23.70
CA GLU E 103 6.24 -50.11 24.88
C GLU E 103 6.90 -48.87 25.47
N SER E 104 6.53 -47.70 24.99
CA SER E 104 7.11 -46.47 25.52
C SER E 104 6.48 -46.13 26.87
N LYS E 105 7.27 -45.57 27.77
CA LYS E 105 6.79 -45.21 29.09
C LYS E 105 6.82 -43.69 29.29
N GLU E 106 7.39 -42.98 28.31
CA GLU E 106 7.48 -41.53 28.36
C GLU E 106 6.09 -40.91 28.45
N LYS E 107 6.03 -39.61 28.74
CA LYS E 107 4.74 -38.93 28.88
C LYS E 107 4.01 -38.67 27.55
N ASP E 108 4.75 -38.34 26.50
CA ASP E 108 4.12 -38.08 25.21
C ASP E 108 3.94 -39.37 24.40
N ARG E 109 4.02 -40.50 25.08
CA ARG E 109 3.91 -41.82 24.45
C ARG E 109 2.71 -42.08 23.55
N GLN E 110 1.58 -41.41 23.78
CA GLN E 110 0.42 -41.68 22.95
C GLN E 110 0.53 -41.15 21.53
N VAL E 111 1.68 -40.56 21.18
CA VAL E 111 1.88 -40.07 19.83
C VAL E 111 2.49 -41.20 19.02
N LEU E 112 2.98 -42.22 19.73
CA LEU E 112 3.59 -43.38 19.10
C LEU E 112 2.54 -44.50 19.06
N GLU E 113 1.77 -44.63 20.14
CA GLU E 113 0.73 -45.65 20.22
C GLU E 113 -0.36 -45.35 19.19
N ASP E 114 -0.63 -44.06 18.98
CA ASP E 114 -1.64 -43.64 18.03
C ASP E 114 -0.97 -42.96 16.83
N PHE E 115 0.23 -43.43 16.49
CA PHE E 115 0.99 -42.88 15.38
C PHE E 115 0.31 -43.01 14.02
N PRO E 116 -0.44 -44.10 13.80
CA PRO E 116 -1.10 -44.23 12.48
C PRO E 116 -1.99 -43.04 12.17
N THR E 117 -2.59 -42.45 13.21
CA THR E 117 -3.45 -41.29 13.05
C THR E 117 -2.60 -40.17 12.45
N ILE E 118 -1.38 -40.04 12.97
CA ILE E 118 -0.44 -39.02 12.51
C ILE E 118 0.10 -39.34 11.13
N SER E 119 0.45 -40.60 10.89
CA SER E 119 0.96 -41.01 9.59
C SER E 119 -0.11 -40.83 8.52
N LEU E 120 -1.37 -40.99 8.92
CA LEU E 120 -2.48 -40.84 8.00
C LEU E 120 -2.58 -39.39 7.50
N GLU E 121 -2.49 -38.43 8.42
CA GLU E 121 -2.55 -37.03 8.04
C GLU E 121 -1.29 -36.64 7.27
N PHE E 122 -0.17 -37.22 7.68
CA PHE E 122 1.09 -36.94 7.00
C PHE E 122 0.93 -37.28 5.53
N ARG E 123 0.30 -38.43 5.25
CA ARG E 123 0.10 -38.86 3.88
C ARG E 123 -0.96 -38.02 3.17
N ASN E 124 -1.69 -37.23 3.94
CA ASN E 124 -2.72 -36.34 3.36
C ASN E 124 -2.06 -35.08 2.83
N LEU E 125 -0.89 -34.75 3.36
CA LEU E 125 -0.15 -33.56 2.94
C LEU E 125 0.30 -33.71 1.49
N ALA E 126 0.69 -32.59 0.89
CA ALA E 126 1.17 -32.60 -0.49
C ALA E 126 2.57 -33.22 -0.48
N GLU E 127 2.96 -33.82 -1.61
CA GLU E 127 4.27 -34.45 -1.72
C GLU E 127 5.43 -33.54 -1.35
N LYS E 128 5.45 -32.32 -1.89
CA LYS E 128 6.53 -31.39 -1.58
C LYS E 128 6.71 -31.24 -0.09
N TYR E 129 5.61 -31.31 0.67
CA TYR E 129 5.69 -31.20 2.12
C TYR E 129 6.17 -32.53 2.70
N GLN E 130 5.61 -33.62 2.20
CA GLN E 130 5.98 -34.97 2.65
C GLN E 130 7.48 -35.19 2.43
N THR E 131 7.97 -34.80 1.25
CA THR E 131 9.37 -34.95 0.89
C THR E 131 10.28 -34.36 1.95
N VAL E 132 10.01 -33.12 2.34
CA VAL E 132 10.82 -32.43 3.33
C VAL E 132 10.80 -33.10 4.69
N ILE E 133 9.61 -33.34 5.23
CA ILE E 133 9.50 -33.97 6.53
C ILE E 133 10.24 -35.30 6.59
N ALA E 134 9.97 -36.17 5.62
CA ALA E 134 10.61 -37.48 5.57
C ALA E 134 12.12 -37.36 5.51
N ASP E 135 12.60 -36.40 4.72
CA ASP E 135 14.03 -36.18 4.57
C ASP E 135 14.65 -35.83 5.93
N ILE E 136 14.08 -34.83 6.61
CA ILE E 136 14.58 -34.42 7.91
C ILE E 136 14.47 -35.54 8.93
N CYS E 137 13.34 -36.25 8.93
CA CYS E 137 13.15 -37.36 9.86
C CYS E 137 14.25 -38.39 9.65
N ARG E 138 14.60 -38.61 8.39
CA ARG E 138 15.65 -39.57 8.04
C ARG E 138 17.00 -39.07 8.58
N ARG E 139 17.39 -37.88 8.15
CA ARG E 139 18.67 -37.31 8.57
C ARG E 139 18.74 -37.13 10.08
N MET E 140 17.61 -36.85 10.72
CA MET E 140 17.62 -36.67 12.17
C MET E 140 17.81 -38.01 12.86
N GLY E 141 17.09 -39.02 12.41
CA GLY E 141 17.22 -40.34 12.99
C GLY E 141 18.67 -40.80 13.02
N ILE E 142 19.37 -40.57 11.90
CA ILE E 142 20.77 -40.95 11.78
C ILE E 142 21.61 -40.22 12.82
N GLY E 143 21.43 -38.91 12.91
CA GLY E 143 22.19 -38.11 13.86
C GLY E 143 21.96 -38.52 15.30
N MET E 144 20.69 -38.64 15.70
CA MET E 144 20.37 -39.03 17.06
C MET E 144 21.04 -40.36 17.38
N ALA E 145 20.83 -41.33 16.50
CA ALA E 145 21.39 -42.66 16.65
C ALA E 145 22.88 -42.58 16.97
N GLU E 146 23.56 -41.66 16.31
CA GLU E 146 25.00 -41.47 16.51
C GLU E 146 25.38 -41.02 17.92
N PHE E 147 24.66 -40.06 18.48
CA PHE E 147 24.99 -39.57 19.81
C PHE E 147 24.36 -40.40 20.93
N LEU E 148 23.93 -41.62 20.60
CA LEU E 148 23.32 -42.48 21.60
C LEU E 148 24.35 -43.03 22.60
N ASP E 149 25.57 -43.27 22.11
CA ASP E 149 26.62 -43.80 22.97
C ASP E 149 27.59 -42.75 23.49
N LYS E 150 27.88 -41.73 22.68
CA LYS E 150 28.81 -40.68 23.09
C LYS E 150 28.17 -39.45 23.72
N HIS E 151 29.02 -38.62 24.31
CA HIS E 151 28.61 -37.36 24.93
C HIS E 151 29.27 -36.27 24.10
N VAL E 152 28.83 -35.04 24.29
CA VAL E 152 29.41 -33.93 23.55
C VAL E 152 30.78 -33.59 24.11
N THR E 153 31.79 -33.64 23.24
CA THR E 153 33.14 -33.35 23.63
C THR E 153 33.51 -31.92 23.25
N SER E 154 33.91 -31.71 22.00
CA SER E 154 34.28 -30.38 21.56
C SER E 154 33.05 -29.49 21.32
N GLU E 155 33.27 -28.20 21.18
CA GLU E 155 32.18 -27.28 20.91
C GLU E 155 31.68 -27.60 19.51
N GLN E 156 32.59 -28.12 18.69
CA GLN E 156 32.30 -28.49 17.32
C GLN E 156 31.28 -29.63 17.30
N GLU E 157 31.40 -30.53 18.27
CA GLU E 157 30.48 -31.66 18.37
C GLU E 157 29.17 -31.18 18.99
N TRP E 158 29.23 -30.09 19.73
CA TRP E 158 28.03 -29.53 20.36
C TRP E 158 27.16 -28.99 19.23
N ASP E 159 27.80 -28.33 18.27
CA ASP E 159 27.09 -27.78 17.12
C ASP E 159 26.48 -28.92 16.31
N LYS E 160 27.29 -29.93 16.02
CA LYS E 160 26.83 -31.07 15.26
C LYS E 160 25.62 -31.70 15.96
N TYR E 161 25.72 -31.88 17.27
CA TYR E 161 24.61 -32.46 18.01
C TYR E 161 23.36 -31.59 17.89
N CYS E 162 23.52 -30.29 18.11
CA CYS E 162 22.40 -29.37 18.02
C CYS E 162 21.84 -29.37 16.60
N HIS E 163 22.74 -29.56 15.63
CA HIS E 163 22.34 -29.61 14.23
C HIS E 163 21.32 -30.73 14.01
N TYR E 164 21.64 -31.91 14.54
CA TYR E 164 20.77 -33.08 14.40
C TYR E 164 19.44 -33.01 15.13
N VAL E 165 19.39 -32.33 16.27
CA VAL E 165 18.16 -32.25 17.03
C VAL E 165 17.38 -30.94 16.91
N ALA E 166 17.98 -29.93 16.30
CA ALA E 166 17.31 -28.64 16.18
C ALA E 166 17.64 -27.93 14.88
N GLY E 167 18.92 -27.87 14.54
CA GLY E 167 19.32 -27.22 13.30
C GLY E 167 18.54 -27.75 12.12
N LEU E 168 18.35 -29.06 12.08
CA LEU E 168 17.62 -29.69 10.99
C LEU E 168 16.16 -29.28 10.98
N VAL E 169 15.62 -29.02 12.16
CA VAL E 169 14.23 -28.61 12.28
C VAL E 169 14.06 -27.24 11.63
N GLY E 170 15.03 -26.36 11.84
CA GLY E 170 14.98 -25.04 11.26
C GLY E 170 15.06 -25.14 9.75
N ILE E 171 15.88 -26.07 9.27
CA ILE E 171 16.05 -26.27 7.84
C ILE E 171 14.78 -26.84 7.24
N GLY E 172 14.22 -27.85 7.91
CA GLY E 172 12.99 -28.46 7.42
C GLY E 172 11.85 -27.46 7.33
N LEU E 173 11.71 -26.65 8.38
CA LEU E 173 10.66 -25.64 8.44
C LEU E 173 10.85 -24.60 7.34
N SER E 174 12.10 -24.17 7.18
CA SER E 174 12.42 -23.18 6.16
C SER E 174 12.09 -23.69 4.77
N ARG E 175 12.31 -24.99 4.55
CA ARG E 175 12.02 -25.59 3.26
C ARG E 175 10.51 -25.75 3.09
N LEU E 176 9.79 -25.82 4.20
CA LEU E 176 8.35 -25.94 4.15
C LEU E 176 7.76 -24.57 3.81
N PHE E 177 8.37 -23.51 4.35
CA PHE E 177 7.90 -22.16 4.10
C PHE E 177 8.08 -21.84 2.61
N SER E 178 9.22 -22.25 2.07
CA SER E 178 9.50 -21.98 0.66
C SER E 178 8.61 -22.79 -0.27
N ALA E 179 8.43 -24.07 0.03
CA ALA E 179 7.60 -24.94 -0.79
C ALA E 179 6.16 -24.42 -0.85
N SER E 180 5.64 -23.99 0.30
CA SER E 180 4.29 -23.45 0.41
C SER E 180 4.22 -22.14 -0.38
N GLU E 181 5.38 -21.56 -0.63
CA GLU E 181 5.51 -20.32 -1.37
C GLU E 181 5.05 -19.06 -0.61
N PHE E 182 4.75 -19.21 0.67
CA PHE E 182 4.36 -18.05 1.48
C PHE E 182 5.62 -17.23 1.77
N GLU E 183 6.77 -17.84 1.51
CA GLU E 183 8.08 -17.19 1.70
C GLU E 183 8.90 -17.47 0.45
N ASP E 184 9.93 -16.65 0.20
CA ASP E 184 10.77 -16.83 -0.97
C ASP E 184 11.66 -18.08 -0.92
N PRO E 185 12.21 -18.49 -2.07
CA PRO E 185 13.08 -19.67 -2.17
C PRO E 185 14.31 -19.57 -1.27
N LEU E 186 14.83 -18.36 -1.14
CA LEU E 186 16.02 -18.10 -0.33
C LEU E 186 15.90 -18.65 1.10
N VAL E 187 14.70 -18.60 1.66
CA VAL E 187 14.50 -19.10 3.02
C VAL E 187 14.91 -20.57 3.14
N GLY E 188 14.48 -21.39 2.19
CA GLY E 188 14.82 -22.80 2.23
C GLY E 188 16.23 -23.12 1.73
N GLU E 189 16.78 -22.24 0.88
CA GLU E 189 18.11 -22.45 0.32
C GLU E 189 19.23 -22.22 1.29
N ASP E 190 19.17 -21.10 2.01
CA ASP E 190 20.19 -20.76 2.98
C ASP E 190 20.06 -21.65 4.21
N THR E 191 20.57 -22.87 4.10
CA THR E 191 20.51 -23.85 5.19
C THR E 191 21.35 -23.41 6.37
N GLU E 192 22.34 -22.54 6.13
CA GLU E 192 23.20 -22.03 7.18
C GLU E 192 22.39 -21.23 8.21
N ARG E 193 21.72 -20.19 7.75
CA ARG E 193 20.91 -19.36 8.62
C ARG E 193 19.82 -20.18 9.28
N ALA E 194 19.17 -21.04 8.51
CA ALA E 194 18.12 -21.88 9.07
C ALA E 194 18.72 -22.74 10.17
N ASN E 195 19.94 -23.22 9.95
CA ASN E 195 20.63 -24.05 10.93
C ASN E 195 20.89 -23.27 12.22
N SER E 196 21.36 -22.03 12.07
CA SER E 196 21.63 -21.17 13.21
C SER E 196 20.38 -21.00 14.07
N MET E 197 19.24 -20.78 13.40
CA MET E 197 17.98 -20.62 14.12
C MET E 197 17.81 -21.76 15.10
N GLY E 198 18.10 -22.97 14.64
CA GLY E 198 17.96 -24.14 15.49
C GLY E 198 19.01 -24.22 16.59
N LEU E 199 20.26 -23.97 16.23
CA LEU E 199 21.34 -24.03 17.20
C LEU E 199 21.17 -23.05 18.35
N PHE E 200 20.67 -21.84 18.06
CA PHE E 200 20.47 -20.85 19.10
C PHE E 200 19.42 -21.32 20.11
N LEU E 201 18.34 -21.91 19.61
CA LEU E 201 17.28 -22.39 20.48
C LEU E 201 17.71 -23.59 21.33
N GLN E 202 18.35 -24.56 20.69
CA GLN E 202 18.78 -25.77 21.39
C GLN E 202 19.87 -25.47 22.41
N LYS E 203 20.84 -24.65 22.03
CA LYS E 203 21.91 -24.30 22.96
C LYS E 203 21.30 -23.58 24.16
N THR E 204 20.37 -22.66 23.90
CA THR E 204 19.72 -21.92 24.97
C THR E 204 19.00 -22.87 25.91
N ASN E 205 18.25 -23.82 25.36
CA ASN E 205 17.54 -24.79 26.19
C ASN E 205 18.50 -25.67 26.98
N ILE E 206 19.55 -26.14 26.33
CA ILE E 206 20.54 -26.98 26.98
C ILE E 206 21.19 -26.25 28.17
N ILE E 207 21.47 -24.96 27.97
CA ILE E 207 22.07 -24.13 29.01
C ILE E 207 21.08 -24.00 30.18
N ARG E 208 19.85 -23.62 29.85
CA ARG E 208 18.79 -23.43 30.84
C ARG E 208 18.44 -24.70 31.62
N ASP E 209 18.39 -25.83 30.93
CA ASP E 209 18.03 -27.10 31.54
C ASP E 209 19.17 -27.93 32.10
N TYR E 210 20.30 -27.30 32.38
CA TYR E 210 21.43 -28.03 32.92
C TYR E 210 21.06 -28.97 34.06
N LEU E 211 20.41 -28.42 35.09
CA LEU E 211 20.04 -29.17 36.27
C LEU E 211 19.09 -30.34 36.09
N GLU E 212 17.90 -30.10 35.52
CA GLU E 212 16.99 -31.22 35.36
C GLU E 212 17.61 -32.23 34.42
N ASP E 213 18.39 -31.77 33.45
CA ASP E 213 19.04 -32.72 32.55
C ASP E 213 19.97 -33.59 33.37
N GLN E 214 20.62 -33.00 34.37
CA GLN E 214 21.54 -33.71 35.24
C GLN E 214 20.81 -34.68 36.17
N GLN E 215 19.75 -34.19 36.81
CA GLN E 215 18.95 -35.01 37.70
C GLN E 215 18.22 -36.10 36.91
N GLY E 216 18.48 -36.13 35.61
CA GLY E 216 17.87 -37.12 34.75
C GLY E 216 18.94 -38.01 34.15
N GLY E 217 20.19 -37.74 34.54
CA GLY E 217 21.31 -38.52 34.06
C GLY E 217 21.71 -38.24 32.63
N ARG E 218 21.52 -37.01 32.17
CA ARG E 218 21.88 -36.66 30.79
C ARG E 218 22.91 -35.54 30.73
N GLU E 219 23.77 -35.59 29.72
CA GLU E 219 24.83 -34.60 29.55
C GLU E 219 24.89 -34.00 28.16
N PHE E 220 24.77 -32.67 28.09
CA PHE E 220 24.79 -31.98 26.81
C PHE E 220 25.82 -30.85 26.73
N TRP E 221 26.34 -30.46 27.89
CA TRP E 221 27.36 -29.40 27.93
C TRP E 221 28.64 -30.02 27.39
N PRO E 222 29.33 -29.34 26.46
CA PRO E 222 30.57 -29.84 25.87
C PRO E 222 31.69 -30.00 26.90
N GLN E 223 32.24 -31.20 26.97
CA GLN E 223 33.32 -31.52 27.90
C GLN E 223 34.56 -30.63 27.78
N GLU E 224 34.94 -30.26 26.57
CA GLU E 224 36.12 -29.43 26.40
C GLU E 224 35.99 -28.07 27.06
N VAL E 225 34.77 -27.69 27.38
CA VAL E 225 34.52 -26.41 28.03
C VAL E 225 34.42 -26.57 29.55
N TRP E 226 33.57 -27.48 30.01
CA TRP E 226 33.42 -27.67 31.44
C TRP E 226 34.57 -28.36 32.16
N SER E 227 35.35 -29.16 31.42
CA SER E 227 36.48 -29.88 32.03
C SER E 227 37.59 -28.92 32.44
N ARG E 228 37.54 -27.69 31.95
CA ARG E 228 38.54 -26.70 32.30
C ARG E 228 38.20 -26.15 33.68
N TYR E 229 36.94 -26.34 34.08
CA TYR E 229 36.46 -25.86 35.38
C TYR E 229 36.39 -26.94 36.44
N VAL E 230 35.79 -28.09 36.10
CA VAL E 230 35.67 -29.20 37.06
C VAL E 230 35.99 -30.55 36.44
N LYS E 231 36.08 -31.57 37.27
CA LYS E 231 36.40 -32.93 36.83
C LYS E 231 35.23 -33.67 36.19
N LYS E 232 34.02 -33.33 36.62
CA LYS E 232 32.80 -33.95 36.11
C LYS E 232 31.72 -32.90 35.92
N LEU E 233 30.97 -32.97 34.82
CA LEU E 233 29.91 -32.00 34.56
C LEU E 233 28.92 -31.98 35.72
N GLY E 234 28.72 -33.14 36.34
CA GLY E 234 27.79 -33.22 37.45
C GLY E 234 28.23 -32.40 38.65
N ASP E 235 29.48 -31.95 38.64
CA ASP E 235 30.00 -31.17 39.76
C ASP E 235 29.38 -29.79 39.87
N PHE E 236 28.78 -29.32 38.79
CA PHE E 236 28.14 -28.00 38.83
C PHE E 236 26.87 -28.01 39.68
N ALA E 237 26.40 -29.19 40.06
CA ALA E 237 25.22 -29.34 40.87
C ALA E 237 25.59 -29.15 42.33
N LEU E 238 26.87 -29.32 42.63
CA LEU E 238 27.36 -29.22 43.99
C LEU E 238 27.56 -27.76 44.40
N PRO E 239 26.89 -27.33 45.48
CA PRO E 239 26.97 -25.97 45.99
C PRO E 239 28.36 -25.34 46.02
N GLU E 240 29.36 -26.10 46.46
CA GLU E 240 30.71 -25.57 46.54
C GLU E 240 31.28 -25.16 45.17
N ASN E 241 30.74 -25.69 44.08
CA ASN E 241 31.23 -25.37 42.74
C ASN E 241 30.42 -24.29 42.03
N ILE E 242 29.55 -23.62 42.77
CA ILE E 242 28.67 -22.61 42.20
C ILE E 242 29.39 -21.53 41.38
N ASP E 243 30.47 -20.97 41.92
CA ASP E 243 31.19 -19.93 41.19
C ASP E 243 31.78 -20.43 39.88
N LEU E 244 32.36 -21.62 39.89
CA LEU E 244 32.94 -22.20 38.68
C LEU E 244 31.83 -22.52 37.67
N ALA E 245 30.68 -22.96 38.18
CA ALA E 245 29.55 -23.29 37.32
C ALA E 245 29.07 -22.06 36.55
N VAL E 246 29.03 -20.92 37.23
CA VAL E 246 28.59 -19.68 36.59
C VAL E 246 29.58 -19.24 35.52
N GLN E 247 30.88 -19.43 35.79
CA GLN E 247 31.90 -19.04 34.81
C GLN E 247 31.71 -19.86 33.53
N CYS E 248 31.45 -21.15 33.71
CA CYS E 248 31.22 -22.03 32.57
C CYS E 248 29.91 -21.58 31.91
N LEU E 249 28.90 -21.38 32.73
CA LEU E 249 27.60 -20.92 32.24
C LEU E 249 27.81 -19.73 31.30
N ASN E 250 28.58 -18.74 31.76
CA ASN E 250 28.85 -17.54 30.98
C ASN E 250 29.60 -17.81 29.69
N GLU E 251 30.51 -18.79 29.69
CA GLU E 251 31.27 -19.12 28.50
C GLU E 251 30.36 -19.77 27.47
N LEU E 252 29.44 -20.59 27.93
CA LEU E 252 28.52 -21.28 27.03
C LEU E 252 27.51 -20.29 26.43
N ILE E 253 27.04 -19.37 27.26
CA ILE E 253 26.08 -18.37 26.81
C ILE E 253 26.74 -17.54 25.72
N THR E 254 27.98 -17.14 25.98
CA THR E 254 28.75 -16.35 25.03
C THR E 254 28.83 -17.08 23.68
N ASN E 255 28.98 -18.39 23.76
CA ASN E 255 29.04 -19.22 22.56
C ASN E 255 27.72 -19.09 21.80
N ALA E 256 26.62 -19.31 22.51
CA ALA E 256 25.30 -19.22 21.89
C ALA E 256 25.06 -17.87 21.23
N LEU E 257 25.49 -16.79 21.87
CA LEU E 257 25.29 -15.46 21.31
C LEU E 257 25.77 -15.29 19.88
N HIS E 258 26.74 -16.12 19.48
CA HIS E 258 27.29 -16.00 18.13
C HIS E 258 26.31 -16.32 17.01
N HIS E 259 25.21 -16.96 17.36
CA HIS E 259 24.19 -17.29 16.37
C HIS E 259 23.22 -16.14 16.15
N ILE E 260 23.27 -15.14 17.03
CA ILE E 260 22.35 -14.01 16.90
C ILE E 260 22.41 -13.27 15.56
N PRO E 261 23.61 -13.08 15.00
CA PRO E 261 23.66 -12.38 13.71
C PRO E 261 22.87 -13.16 12.65
N ASP E 262 23.00 -14.48 12.66
CA ASP E 262 22.29 -15.30 11.70
C ASP E 262 20.78 -15.27 11.94
N VAL E 263 20.39 -15.16 13.20
CA VAL E 263 18.98 -15.09 13.59
C VAL E 263 18.32 -13.83 13.03
N ILE E 264 19.01 -12.70 13.18
CA ILE E 264 18.52 -11.43 12.68
C ILE E 264 18.42 -11.47 11.16
N THR E 265 19.44 -12.03 10.52
CA THR E 265 19.45 -12.12 9.08
C THR E 265 18.26 -12.95 8.63
N TYR E 266 18.09 -14.12 9.24
CA TYR E 266 16.99 -15.00 8.88
C TYR E 266 15.64 -14.31 9.02
N LEU E 267 15.39 -13.73 10.19
CA LEU E 267 14.12 -13.05 10.46
C LEU E 267 13.86 -11.88 9.50
N SER E 268 14.90 -11.11 9.21
CA SER E 268 14.79 -9.97 8.31
C SER E 268 14.45 -10.32 6.86
N ARG E 269 14.41 -11.61 6.53
CA ARG E 269 14.09 -12.04 5.18
C ARG E 269 12.66 -12.55 5.06
N LEU E 270 12.03 -12.84 6.21
CA LEU E 270 10.67 -13.33 6.20
C LEU E 270 9.73 -12.24 5.72
N ARG E 271 8.64 -12.64 5.07
CA ARG E 271 7.67 -11.69 4.53
C ARG E 271 6.23 -11.99 4.93
N ASN E 272 5.98 -13.17 5.47
CA ASN E 272 4.64 -13.56 5.89
C ASN E 272 4.47 -13.35 7.41
N GLN E 273 3.46 -12.58 7.79
CA GLN E 273 3.21 -12.28 9.20
C GLN E 273 3.10 -13.49 10.11
N SER E 274 2.33 -14.49 9.68
CA SER E 274 2.14 -15.68 10.49
C SER E 274 3.46 -16.43 10.61
N VAL E 275 4.26 -16.41 9.54
CA VAL E 275 5.54 -17.10 9.57
C VAL E 275 6.49 -16.33 10.46
N PHE E 276 6.46 -15.01 10.36
CA PHE E 276 7.33 -14.17 11.16
C PHE E 276 7.07 -14.40 12.66
N ASN E 277 5.80 -14.38 13.05
CA ASN E 277 5.42 -14.58 14.45
C ASN E 277 5.92 -15.92 14.94
N PHE E 278 5.69 -16.94 14.10
CA PHE E 278 6.10 -18.30 14.41
C PHE E 278 7.60 -18.39 14.67
N CYS E 279 8.40 -17.72 13.85
CA CYS E 279 9.84 -17.78 13.97
C CYS E 279 10.44 -16.82 15.00
N ALA E 280 9.91 -15.60 15.06
CA ALA E 280 10.44 -14.59 15.97
C ALA E 280 10.20 -14.81 17.45
N ILE E 281 8.95 -15.13 17.82
CA ILE E 281 8.62 -15.33 19.22
C ILE E 281 9.55 -16.31 19.95
N PRO E 282 9.78 -17.51 19.39
CA PRO E 282 10.68 -18.42 20.13
C PRO E 282 12.10 -17.86 20.26
N GLN E 283 12.62 -17.24 19.20
CA GLN E 283 13.97 -16.67 19.23
C GLN E 283 14.07 -15.58 20.30
N VAL E 284 13.11 -14.66 20.33
CA VAL E 284 13.11 -13.59 21.31
C VAL E 284 12.96 -14.17 22.70
N MET E 285 12.24 -15.29 22.80
CA MET E 285 12.04 -15.98 24.07
C MET E 285 13.36 -16.55 24.52
N ALA E 286 14.12 -17.10 23.57
CA ALA E 286 15.42 -17.69 23.85
C ALA E 286 16.42 -16.61 24.29
N ILE E 287 16.40 -15.47 23.60
CA ILE E 287 17.30 -14.39 23.94
C ILE E 287 17.02 -13.89 25.37
N ALA E 288 15.73 -13.71 25.68
CA ALA E 288 15.34 -13.24 27.01
C ALA E 288 15.83 -14.23 28.05
N THR E 289 15.75 -15.51 27.70
CA THR E 289 16.19 -16.57 28.60
C THR E 289 17.69 -16.49 28.86
N LEU E 290 18.46 -16.26 27.81
CA LEU E 290 19.91 -16.15 27.97
C LEU E 290 20.22 -14.94 28.85
N ALA E 291 19.58 -13.82 28.57
CA ALA E 291 19.80 -12.59 29.33
C ALA E 291 19.51 -12.80 30.81
N ALA E 292 18.53 -13.65 31.11
CA ALA E 292 18.16 -13.93 32.49
C ALA E 292 19.10 -14.94 33.15
N CYS E 293 19.65 -15.85 32.36
CA CYS E 293 20.55 -16.88 32.89
C CYS E 293 21.98 -16.37 33.03
N TYR E 294 22.30 -15.31 32.30
CA TYR E 294 23.65 -14.79 32.33
C TYR E 294 24.17 -14.43 33.72
N ASN E 295 25.29 -15.03 34.09
CA ASN E 295 25.93 -14.81 35.37
C ASN E 295 24.94 -15.03 36.50
N ASN E 296 24.05 -16.01 36.33
CA ASN E 296 23.00 -16.32 37.31
C ASN E 296 23.17 -17.68 38.00
N GLN E 297 23.44 -17.66 39.31
CA GLN E 297 23.63 -18.90 40.07
C GLN E 297 22.37 -19.75 40.10
N GLN E 298 21.22 -19.10 39.94
CA GLN E 298 19.94 -19.79 39.95
C GLN E 298 19.90 -20.95 38.95
N VAL E 299 20.61 -20.80 37.84
CA VAL E 299 20.64 -21.84 36.82
C VAL E 299 21.01 -23.19 37.42
N PHE E 300 21.76 -23.16 38.51
CA PHE E 300 22.20 -24.40 39.14
C PHE E 300 21.45 -24.75 40.43
N LYS E 301 20.40 -23.99 40.74
CA LYS E 301 19.63 -24.22 41.96
C LYS E 301 18.16 -24.49 41.69
N GLY E 302 17.51 -23.59 40.96
CA GLY E 302 16.11 -23.75 40.66
C GLY E 302 15.75 -23.33 39.25
N ALA E 303 14.64 -22.60 39.12
CA ALA E 303 14.18 -22.14 37.82
C ALA E 303 14.49 -20.65 37.67
N VAL E 304 14.82 -20.25 36.45
CA VAL E 304 15.12 -18.85 36.18
C VAL E 304 13.89 -18.16 35.60
N LEU E 305 13.39 -17.17 36.33
CA LEU E 305 12.21 -16.43 35.88
C LEU E 305 12.58 -15.32 34.91
N ILE E 306 12.09 -15.41 33.68
CA ILE E 306 12.37 -14.39 32.67
C ILE E 306 11.89 -13.03 33.19
N ARG E 307 12.87 -12.21 33.58
CA ARG E 307 12.63 -10.87 34.13
C ARG E 307 12.12 -9.83 33.12
N LEU E 308 11.30 -10.26 32.17
CA LEU E 308 10.71 -9.39 31.13
C LEU E 308 11.73 -8.47 30.45
N GLY E 309 11.24 -7.61 29.56
CA GLY E 309 12.11 -6.69 28.84
C GLY E 309 12.29 -5.36 29.56
N GLN E 310 12.36 -4.27 28.80
CA GLN E 310 12.53 -2.93 29.37
C GLN E 310 11.39 -2.00 28.96
N ALA E 311 11.40 -0.77 29.50
CA ALA E 311 10.36 0.23 29.23
C ALA E 311 10.30 0.80 27.82
N VAL E 312 11.35 0.62 27.05
CA VAL E 312 11.40 1.11 25.67
C VAL E 312 10.90 -0.02 24.78
N THR E 313 11.31 -1.24 25.13
CA THR E 313 10.91 -2.43 24.42
C THR E 313 9.62 -2.94 25.08
N LEU E 314 9.09 -2.11 25.98
CA LEU E 314 7.88 -2.44 26.70
C LEU E 314 6.70 -1.96 25.85
N MET E 315 6.99 -1.00 24.98
CA MET E 315 6.01 -0.45 24.07
C MET E 315 6.22 -1.11 22.71
N MET E 316 6.72 -2.35 22.75
CA MET E 316 6.99 -3.10 21.54
C MET E 316 6.79 -4.61 21.76
N ASP E 317 6.11 -5.26 20.83
CA ASP E 317 5.90 -6.70 20.90
C ASP E 317 6.86 -7.27 19.86
N ALA E 318 6.87 -8.58 19.67
CA ALA E 318 7.80 -9.18 18.71
C ALA E 318 7.16 -9.58 17.39
N THR E 319 6.34 -8.70 16.81
CA THR E 319 5.67 -9.03 15.56
C THR E 319 6.09 -8.20 14.33
N ASN E 320 7.11 -7.37 14.48
CA ASN E 320 7.64 -6.62 13.36
C ASN E 320 9.16 -6.60 13.56
N MET E 321 9.90 -6.74 12.45
CA MET E 321 11.35 -6.80 12.49
C MET E 321 12.10 -5.71 13.28
N PRO E 322 11.82 -4.43 12.99
CA PRO E 322 12.53 -3.39 13.73
C PRO E 322 12.35 -3.53 15.24
N ALA E 323 11.14 -3.90 15.66
CA ALA E 323 10.86 -4.06 17.09
C ALA E 323 11.65 -5.25 17.63
N VAL E 324 11.71 -6.32 16.85
CA VAL E 324 12.44 -7.51 17.26
C VAL E 324 13.91 -7.17 17.43
N LYS E 325 14.46 -6.39 16.50
CA LYS E 325 15.85 -5.99 16.59
C LYS E 325 16.06 -5.20 17.88
N ALA E 326 15.18 -4.24 18.11
CA ALA E 326 15.25 -3.39 19.30
C ALA E 326 15.19 -4.22 20.58
N ILE E 327 14.31 -5.21 20.62
CA ILE E 327 14.17 -6.05 21.79
C ILE E 327 15.45 -6.85 22.02
N ILE E 328 16.02 -7.34 20.93
CA ILE E 328 17.25 -8.13 21.00
C ILE E 328 18.41 -7.27 21.51
N TYR E 329 18.53 -6.06 20.99
CA TYR E 329 19.59 -5.16 21.39
C TYR E 329 19.51 -4.79 22.86
N GLN E 330 18.31 -4.65 23.39
CA GLN E 330 18.15 -4.31 24.78
C GLN E 330 18.53 -5.46 25.69
N TYR E 331 18.26 -6.70 25.27
CA TYR E 331 18.63 -7.84 26.09
C TYR E 331 20.15 -8.00 26.07
N MET E 332 20.77 -7.69 24.94
CA MET E 332 22.23 -7.76 24.82
C MET E 332 22.86 -6.80 25.82
N GLU E 333 22.30 -5.60 25.91
CA GLU E 333 22.81 -4.60 26.83
C GLU E 333 22.58 -5.03 28.28
N GLU E 334 21.51 -5.77 28.52
CA GLU E 334 21.22 -6.25 29.87
C GLU E 334 22.36 -7.16 30.29
N ILE E 335 22.84 -7.95 29.34
CA ILE E 335 23.94 -8.88 29.59
C ILE E 335 25.25 -8.10 29.69
N TYR E 336 25.49 -7.23 28.72
CA TYR E 336 26.70 -6.43 28.67
C TYR E 336 27.01 -5.70 29.97
N HIS E 337 26.00 -5.07 30.57
CA HIS E 337 26.22 -4.33 31.80
C HIS E 337 26.46 -5.21 33.02
N ARG E 338 26.22 -6.51 32.89
CA ARG E 338 26.41 -7.43 34.00
C ARG E 338 27.67 -8.27 33.87
N ILE E 339 28.47 -8.02 32.83
CA ILE E 339 29.71 -8.78 32.60
C ILE E 339 30.76 -8.51 33.68
N PRO E 340 31.18 -9.55 34.42
CA PRO E 340 32.19 -9.36 35.46
C PRO E 340 33.59 -9.20 34.82
N ASP E 341 34.33 -8.17 35.25
CA ASP E 341 35.68 -7.92 34.72
C ASP E 341 36.59 -9.14 34.85
N SER E 342 36.46 -9.88 35.95
CA SER E 342 37.32 -11.01 36.19
C SER E 342 36.86 -12.27 35.48
N ASN E 343 35.63 -12.28 34.99
CA ASN E 343 35.08 -13.43 34.28
C ASN E 343 36.02 -13.80 33.15
N PRO E 344 36.43 -15.07 33.08
CA PRO E 344 37.34 -15.53 32.03
C PRO E 344 36.89 -15.28 30.58
N SER E 345 35.59 -15.11 30.36
CA SER E 345 35.08 -14.89 28.99
C SER E 345 34.70 -13.43 28.78
N SER E 346 34.93 -12.62 29.80
CA SER E 346 34.59 -11.21 29.77
C SER E 346 34.86 -10.55 28.42
N SER E 347 36.08 -10.67 27.92
CA SER E 347 36.45 -10.07 26.65
C SER E 347 35.65 -10.65 25.48
N LYS E 348 35.57 -11.97 25.42
CA LYS E 348 34.84 -12.63 24.34
C LYS E 348 33.38 -12.19 24.29
N THR E 349 32.75 -12.10 25.46
CA THR E 349 31.35 -11.69 25.56
C THR E 349 31.15 -10.27 25.06
N ARG E 350 32.04 -9.36 25.45
CA ARG E 350 31.95 -7.97 25.02
C ARG E 350 32.16 -7.90 23.50
N GLN E 351 33.12 -8.68 23.01
CA GLN E 351 33.44 -8.72 21.60
C GLN E 351 32.23 -9.05 20.74
N ILE E 352 31.55 -10.15 21.03
CA ILE E 352 30.39 -10.52 20.23
C ILE E 352 29.21 -9.57 20.39
N ILE E 353 29.04 -9.00 21.58
CA ILE E 353 27.94 -8.06 21.78
C ILE E 353 28.23 -6.82 20.94
N SER E 354 29.50 -6.46 20.86
CA SER E 354 29.91 -5.30 20.07
C SER E 354 29.59 -5.56 18.60
N THR E 355 29.91 -6.76 18.15
CA THR E 355 29.66 -7.16 16.76
C THR E 355 28.18 -7.09 16.45
N ILE E 356 27.35 -7.47 17.41
CA ILE E 356 25.91 -7.42 17.22
C ILE E 356 25.38 -5.98 17.18
N ARG E 357 25.93 -5.11 18.02
CA ARG E 357 25.50 -3.70 18.03
C ARG E 357 25.84 -3.03 16.70
N THR E 358 27.06 -3.30 16.21
CA THR E 358 27.58 -2.71 15.00
C THR E 358 27.04 -3.34 13.71
N GLN E 359 26.52 -4.56 13.84
CA GLN E 359 25.95 -5.33 12.73
C GLN E 359 26.97 -6.33 12.20
N LEU F 26 34.39 -5.18 9.45
CA LEU F 26 33.59 -4.32 10.32
C LEU F 26 34.50 -3.37 11.10
N SER F 27 34.44 -2.09 10.72
CA SER F 27 35.22 -1.01 11.32
C SER F 27 35.30 -1.04 12.85
N SER F 28 36.50 -0.82 13.39
CA SER F 28 36.65 -0.82 14.85
C SER F 28 36.28 0.57 15.37
N SER F 29 36.41 1.58 14.52
CA SER F 29 36.04 2.94 14.91
C SER F 29 34.51 3.00 14.96
N LEU F 30 33.86 2.24 14.08
CA LEU F 30 32.40 2.22 14.05
C LEU F 30 31.90 1.48 15.30
N LYS F 31 32.60 0.40 15.67
CA LYS F 31 32.23 -0.35 16.87
C LYS F 31 32.33 0.59 18.06
N THR F 32 33.40 1.38 18.10
CA THR F 32 33.58 2.32 19.20
C THR F 32 32.41 3.31 19.22
N CYS F 33 31.97 3.75 18.04
CA CYS F 33 30.86 4.70 17.97
C CYS F 33 29.59 4.10 18.57
N TYR F 34 29.37 2.82 18.33
CA TYR F 34 28.19 2.15 18.88
C TYR F 34 28.37 1.89 20.37
N LYS F 35 29.62 1.77 20.81
CA LYS F 35 29.87 1.58 22.23
C LYS F 35 29.47 2.88 22.91
N TYR F 36 29.85 4.00 22.30
CA TYR F 36 29.54 5.32 22.85
C TYR F 36 28.04 5.62 22.78
N LEU F 37 27.40 5.20 21.70
CA LEU F 37 25.96 5.42 21.56
C LEU F 37 25.24 4.80 22.75
N ASN F 38 25.60 3.57 23.07
CA ASN F 38 24.98 2.88 24.20
C ASN F 38 25.30 3.56 25.53
N GLN F 39 26.52 4.06 25.68
CA GLN F 39 26.95 4.73 26.89
C GLN F 39 26.21 6.05 27.10
N THR F 40 26.12 6.83 26.02
CA THR F 40 25.47 8.14 26.07
C THR F 40 23.96 8.14 25.87
N SER F 41 23.40 6.97 25.56
CA SER F 41 21.96 6.88 25.34
C SER F 41 21.29 6.06 26.43
N ARG F 42 20.44 6.73 27.20
CA ARG F 42 19.72 6.09 28.29
C ARG F 42 18.64 5.13 27.79
N SER F 43 17.86 5.56 26.80
CA SER F 43 16.76 4.73 26.31
C SER F 43 16.58 4.49 24.82
N PHE F 44 17.36 5.17 23.96
CA PHE F 44 17.14 4.99 22.52
C PHE F 44 18.20 4.33 21.64
N ALA F 45 19.23 3.74 22.23
CA ALA F 45 20.26 3.08 21.43
C ALA F 45 19.66 1.94 20.61
N ALA F 46 18.78 1.17 21.24
CA ALA F 46 18.13 0.03 20.61
C ALA F 46 17.33 0.42 19.35
N VAL F 47 16.46 1.42 19.47
CA VAL F 47 15.67 1.85 18.32
C VAL F 47 16.54 2.45 17.22
N ILE F 48 17.64 3.10 17.60
CA ILE F 48 18.54 3.67 16.61
C ILE F 48 19.22 2.53 15.86
N GLN F 49 19.65 1.51 16.59
CA GLN F 49 20.31 0.36 16.00
C GLN F 49 19.31 -0.46 15.17
N ALA F 50 18.02 -0.23 15.39
CA ALA F 50 16.99 -0.97 14.65
C ALA F 50 16.63 -0.29 13.32
N LEU F 51 17.15 0.92 13.09
CA LEU F 51 16.87 1.66 11.87
C LEU F 51 17.38 0.94 10.60
N ASP F 52 16.54 0.91 9.56
CA ASP F 52 16.90 0.25 8.30
C ASP F 52 18.07 0.86 7.55
N GLY F 53 18.85 -0.01 6.92
CA GLY F 53 19.98 0.38 6.09
C GLY F 53 20.91 1.50 6.53
N GLU F 54 21.05 2.50 5.67
CA GLU F 54 21.94 3.62 5.91
C GLU F 54 21.53 4.60 6.99
N MET F 55 20.27 4.57 7.41
CA MET F 55 19.82 5.48 8.46
C MET F 55 20.50 5.07 9.76
N ARG F 56 20.76 3.78 9.88
CA ARG F 56 21.39 3.19 11.07
C ARG F 56 22.63 3.97 11.54
N ASN F 57 23.67 3.98 10.72
CA ASN F 57 24.91 4.70 11.05
C ASN F 57 24.72 6.21 11.03
N ALA F 58 23.97 6.73 10.06
CA ALA F 58 23.77 8.16 9.96
C ALA F 58 23.22 8.72 11.27
N VAL F 59 22.16 8.09 11.79
CA VAL F 59 21.55 8.56 13.03
C VAL F 59 22.45 8.31 14.24
N CYS F 60 23.14 7.17 14.26
CA CYS F 60 24.04 6.87 15.37
C CYS F 60 25.09 7.97 15.50
N ILE F 61 25.73 8.31 14.38
CA ILE F 61 26.74 9.34 14.37
C ILE F 61 26.13 10.72 14.57
N PHE F 62 24.94 10.95 14.03
CA PHE F 62 24.29 12.23 14.20
C PHE F 62 24.00 12.46 15.68
N TYR F 63 23.69 11.37 16.38
CA TYR F 63 23.41 11.44 17.80
C TYR F 63 24.70 11.69 18.59
N LEU F 64 25.79 11.04 18.19
CA LEU F 64 27.05 11.21 18.88
C LEU F 64 27.61 12.63 18.76
N VAL F 65 27.53 13.21 17.58
CA VAL F 65 28.04 14.57 17.40
C VAL F 65 27.17 15.58 18.16
N LEU F 66 25.86 15.34 18.18
CA LEU F 66 24.95 16.23 18.89
C LEU F 66 25.25 16.10 20.37
N ARG F 67 25.59 14.88 20.77
CA ARG F 67 25.92 14.56 22.15
C ARG F 67 27.14 15.39 22.55
N ALA F 68 28.14 15.39 21.67
CA ALA F 68 29.36 16.15 21.92
C ALA F 68 29.00 17.63 22.00
N LEU F 69 28.37 18.14 20.96
CA LEU F 69 27.97 19.55 20.90
C LEU F 69 27.22 20.00 22.15
N ASP F 70 26.34 19.16 22.66
CA ASP F 70 25.56 19.51 23.85
C ASP F 70 26.43 19.44 25.10
N THR F 71 27.37 18.51 25.14
CA THR F 71 28.23 18.37 26.30
C THR F 71 29.11 19.61 26.45
N LEU F 72 29.43 20.23 25.32
CA LEU F 72 30.24 21.44 25.34
C LEU F 72 29.47 22.56 26.02
N GLU F 73 28.28 22.85 25.51
CA GLU F 73 27.44 23.89 26.10
C GLU F 73 27.21 23.66 27.58
N ASP F 74 27.01 22.40 27.96
CA ASP F 74 26.76 22.05 29.35
C ASP F 74 27.92 22.38 30.30
N ASP F 75 29.14 22.20 29.84
CA ASP F 75 30.31 22.46 30.67
C ASP F 75 30.43 23.91 31.10
N MET F 76 30.44 24.13 32.41
CA MET F 76 30.54 25.46 32.97
C MET F 76 31.98 25.88 33.24
N THR F 77 32.89 24.91 33.27
CA THR F 77 34.30 25.21 33.51
C THR F 77 34.86 25.93 32.27
N ILE F 78 33.97 26.26 31.34
CA ILE F 78 34.33 26.96 30.11
C ILE F 78 33.80 28.38 30.19
N SER F 79 34.60 29.34 29.76
CA SER F 79 34.18 30.74 29.77
C SER F 79 33.24 31.01 28.61
N VAL F 80 32.40 32.03 28.77
CA VAL F 80 31.45 32.38 27.72
C VAL F 80 32.16 32.80 26.44
N GLU F 81 33.19 33.62 26.56
CA GLU F 81 33.91 34.08 25.37
C GLU F 81 34.73 32.97 24.70
N LYS F 82 34.93 31.86 25.41
CA LYS F 82 35.69 30.76 24.86
C LYS F 82 34.74 29.73 24.24
N LYS F 83 33.58 29.58 24.88
CA LYS F 83 32.57 28.63 24.41
C LYS F 83 31.94 29.06 23.11
N VAL F 84 31.58 30.34 23.01
CA VAL F 84 30.95 30.89 21.81
C VAL F 84 31.64 30.47 20.51
N PRO F 85 32.95 30.73 20.39
CA PRO F 85 33.63 30.33 19.15
C PRO F 85 33.56 28.83 18.90
N LEU F 86 33.62 28.03 19.97
CA LEU F 86 33.54 26.58 19.82
C LEU F 86 32.21 26.19 19.23
N LEU F 87 31.13 26.56 19.92
CA LEU F 87 29.79 26.26 19.47
C LEU F 87 29.59 26.71 18.03
N HIS F 88 30.12 27.89 17.72
CA HIS F 88 30.00 28.45 16.37
C HIS F 88 30.72 27.62 15.32
N ASN F 89 31.82 26.99 15.70
CA ASN F 89 32.61 26.23 14.74
C ASN F 89 32.57 24.71 14.89
N PHE F 90 31.73 24.23 15.79
CA PHE F 90 31.61 22.79 16.02
C PHE F 90 31.42 22.03 14.71
N HIS F 91 30.52 22.53 13.88
CA HIS F 91 30.22 21.92 12.59
C HIS F 91 31.46 21.82 11.70
N SER F 92 32.45 22.67 11.94
CA SER F 92 33.67 22.66 11.14
C SER F 92 34.63 21.57 11.62
N PHE F 93 34.59 21.27 12.91
CA PHE F 93 35.45 20.25 13.49
C PHE F 93 35.23 18.88 12.86
N LEU F 94 34.01 18.63 12.39
CA LEU F 94 33.67 17.36 11.76
C LEU F 94 34.62 17.05 10.61
N TYR F 95 35.21 18.10 10.03
CA TYR F 95 36.13 17.92 8.92
C TYR F 95 37.59 18.12 9.30
N GLN F 96 37.87 18.08 10.60
CA GLN F 96 39.22 18.24 11.14
C GLN F 96 39.56 16.96 11.90
N PRO F 97 40.11 15.96 11.20
CA PRO F 97 40.51 14.65 11.72
C PRO F 97 41.14 14.56 13.12
N ASP F 98 41.99 15.51 13.46
CA ASP F 98 42.66 15.48 14.77
C ASP F 98 42.03 16.31 15.87
N TRP F 99 40.95 17.00 15.55
CA TRP F 99 40.29 17.84 16.56
C TRP F 99 39.72 17.02 17.71
N ARG F 100 39.85 17.55 18.92
CA ARG F 100 39.35 16.89 20.12
C ARG F 100 39.46 17.83 21.34
N PHE F 101 38.52 17.70 22.28
CA PHE F 101 38.50 18.54 23.47
C PHE F 101 38.85 17.71 24.71
N MET F 102 39.91 18.11 25.40
CA MET F 102 40.37 17.39 26.58
C MET F 102 40.14 18.09 27.93
N GLU F 103 39.66 19.33 27.91
CA GLU F 103 39.43 20.05 29.14
C GLU F 103 37.99 20.00 29.66
N SER F 104 37.24 19.00 29.24
CA SER F 104 35.86 18.86 29.69
C SER F 104 35.79 17.79 30.78
N LYS F 105 34.91 18.01 31.77
CA LYS F 105 34.76 17.07 32.87
C LYS F 105 33.32 16.62 33.04
N GLU F 106 32.59 16.51 31.94
CA GLU F 106 31.20 16.08 31.97
C GLU F 106 31.07 14.56 32.01
N LYS F 107 29.83 14.09 32.07
CA LYS F 107 29.53 12.65 32.10
C LYS F 107 29.95 11.95 30.82
N ASP F 108 29.62 12.56 29.69
CA ASP F 108 29.94 11.99 28.38
C ASP F 108 31.08 12.72 27.69
N ARG F 109 32.18 12.91 28.42
CA ARG F 109 33.36 13.62 27.91
C ARG F 109 34.12 12.78 26.88
N GLN F 110 33.94 11.47 26.94
CA GLN F 110 34.62 10.55 26.03
C GLN F 110 34.36 10.85 24.56
N VAL F 111 33.18 11.39 24.25
CA VAL F 111 32.86 11.71 22.87
C VAL F 111 33.63 12.93 22.41
N LEU F 112 34.13 13.70 23.37
CA LEU F 112 34.91 14.89 23.05
C LEU F 112 36.39 14.53 22.97
N GLU F 113 36.85 13.73 23.93
CA GLU F 113 38.25 13.32 23.97
C GLU F 113 38.60 12.39 22.82
N ASP F 114 37.62 11.62 22.35
CA ASP F 114 37.84 10.70 21.25
C ASP F 114 36.98 11.10 20.04
N PHE F 115 36.74 12.40 19.89
CA PHE F 115 35.94 12.90 18.78
C PHE F 115 36.49 12.47 17.41
N PRO F 116 37.83 12.40 17.26
CA PRO F 116 38.39 11.99 15.97
C PRO F 116 37.77 10.68 15.47
N THR F 117 37.47 9.79 16.40
CA THR F 117 36.88 8.51 16.05
C THR F 117 35.48 8.74 15.50
N ILE F 118 34.75 9.67 16.11
CA ILE F 118 33.40 10.02 15.68
C ILE F 118 33.42 10.75 14.33
N SER F 119 34.30 11.73 14.19
CA SER F 119 34.38 12.51 12.95
C SER F 119 34.83 11.64 11.80
N LEU F 120 35.70 10.67 12.09
CA LEU F 120 36.18 9.76 11.05
C LEU F 120 34.99 9.04 10.47
N GLU F 121 34.17 8.45 11.33
CA GLU F 121 32.99 7.74 10.87
C GLU F 121 32.00 8.69 10.22
N PHE F 122 31.94 9.92 10.71
CA PHE F 122 31.05 10.91 10.13
C PHE F 122 31.48 11.14 8.68
N ARG F 123 32.80 11.15 8.47
CA ARG F 123 33.35 11.36 7.14
C ARG F 123 33.21 10.15 6.22
N ASN F 124 32.75 9.03 6.77
CA ASN F 124 32.53 7.84 5.96
C ASN F 124 31.06 7.78 5.50
N LEU F 125 30.23 8.68 6.02
CA LEU F 125 28.82 8.70 5.63
C LEU F 125 28.68 9.30 4.24
N ALA F 126 27.63 8.92 3.53
CA ALA F 126 27.40 9.46 2.20
C ALA F 126 27.35 10.98 2.36
N GLU F 127 27.69 11.71 1.31
CA GLU F 127 27.70 13.16 1.37
C GLU F 127 26.32 13.76 1.65
N LYS F 128 25.27 13.10 1.18
CA LYS F 128 23.91 13.61 1.40
C LYS F 128 23.55 13.65 2.88
N TYR F 129 24.10 12.72 3.65
CA TYR F 129 23.84 12.69 5.09
C TYR F 129 24.72 13.70 5.81
N GLN F 130 25.98 13.79 5.38
CA GLN F 130 26.93 14.72 5.97
C GLN F 130 26.45 16.17 5.90
N THR F 131 25.92 16.55 4.74
CA THR F 131 25.41 17.90 4.53
C THR F 131 24.36 18.23 5.58
N VAL F 132 23.39 17.33 5.72
CA VAL F 132 22.32 17.52 6.67
C VAL F 132 22.87 17.70 8.09
N ILE F 133 23.63 16.71 8.55
CA ILE F 133 24.20 16.75 9.89
C ILE F 133 25.05 18.00 10.14
N ALA F 134 25.94 18.31 9.20
CA ALA F 134 26.79 19.47 9.34
C ALA F 134 25.93 20.74 9.43
N ASP F 135 24.94 20.84 8.56
CA ASP F 135 24.06 22.00 8.54
C ASP F 135 23.37 22.19 9.88
N ILE F 136 22.81 21.11 10.43
CA ILE F 136 22.12 21.23 11.71
C ILE F 136 23.06 21.65 12.84
N CYS F 137 24.24 21.06 12.88
CA CYS F 137 25.22 21.42 13.90
C CYS F 137 25.52 22.91 13.87
N ARG F 138 25.77 23.43 12.67
CA ARG F 138 26.07 24.84 12.50
C ARG F 138 24.96 25.73 13.07
N ARG F 139 23.74 25.55 12.54
CA ARG F 139 22.58 26.32 12.98
C ARG F 139 22.37 26.15 14.47
N MET F 140 22.66 24.95 14.98
CA MET F 140 22.49 24.66 16.39
C MET F 140 23.56 25.38 17.21
N GLY F 141 24.81 25.30 16.76
CA GLY F 141 25.89 25.97 17.46
C GLY F 141 25.57 27.44 17.62
N ILE F 142 25.19 28.07 16.52
CA ILE F 142 24.84 29.49 16.53
C ILE F 142 23.80 29.73 17.60
N GLY F 143 22.66 29.06 17.47
CA GLY F 143 21.57 29.20 18.41
C GLY F 143 21.93 28.98 19.86
N MET F 144 22.76 27.98 20.13
CA MET F 144 23.17 27.68 21.51
C MET F 144 23.96 28.84 22.13
N ALA F 145 24.93 29.34 21.38
CA ALA F 145 25.77 30.45 21.85
C ALA F 145 24.91 31.66 22.17
N GLU F 146 23.85 31.85 21.37
CA GLU F 146 22.93 32.95 21.56
C GLU F 146 22.30 32.98 22.95
N PHE F 147 22.08 31.80 23.55
CA PHE F 147 21.47 31.73 24.88
C PHE F 147 22.44 31.46 26.01
N LEU F 148 23.74 31.70 25.78
CA LEU F 148 24.73 31.46 26.81
C LEU F 148 24.68 32.48 27.94
N ASP F 149 24.31 33.72 27.60
CA ASP F 149 24.25 34.78 28.61
C ASP F 149 22.81 35.16 29.01
N LYS F 150 21.85 34.93 28.12
CA LYS F 150 20.46 35.27 28.41
C LYS F 150 19.66 34.04 28.84
N HIS F 151 18.65 34.29 29.68
CA HIS F 151 17.77 33.22 30.16
C HIS F 151 16.60 33.12 29.20
N VAL F 152 15.63 32.28 29.56
CA VAL F 152 14.43 32.13 28.75
C VAL F 152 13.39 33.06 29.38
N THR F 153 12.92 34.03 28.61
CA THR F 153 11.93 34.97 29.12
C THR F 153 10.53 34.63 28.65
N SER F 154 10.19 35.03 27.42
CA SER F 154 8.87 34.78 26.87
C SER F 154 8.75 33.38 26.29
N GLU F 155 7.52 32.86 26.28
CA GLU F 155 7.27 31.54 25.73
C GLU F 155 7.77 31.56 24.30
N GLN F 156 7.66 32.73 23.68
CA GLN F 156 8.11 32.95 22.32
C GLN F 156 9.58 32.55 22.24
N GLU F 157 10.34 32.95 23.26
CA GLU F 157 11.76 32.64 23.33
C GLU F 157 11.99 31.20 23.78
N TRP F 158 11.05 30.64 24.52
CA TRP F 158 11.16 29.27 24.98
C TRP F 158 11.11 28.38 23.75
N ASP F 159 10.28 28.77 22.78
CA ASP F 159 10.16 28.01 21.55
C ASP F 159 11.42 28.23 20.71
N LYS F 160 12.01 29.41 20.82
CA LYS F 160 13.22 29.72 20.07
C LYS F 160 14.35 28.85 20.62
N TYR F 161 14.42 28.74 21.94
CA TYR F 161 15.47 27.94 22.57
C TYR F 161 15.35 26.47 22.16
N CYS F 162 14.20 25.88 22.49
CA CYS F 162 13.92 24.48 22.18
C CYS F 162 14.14 24.16 20.71
N HIS F 163 13.93 25.16 19.85
CA HIS F 163 14.11 24.99 18.42
C HIS F 163 15.59 24.74 18.12
N TYR F 164 16.47 25.44 18.84
CA TYR F 164 17.90 25.30 18.64
C TYR F 164 18.49 24.01 19.22
N VAL F 165 17.99 23.57 20.35
CA VAL F 165 18.51 22.36 21.00
C VAL F 165 17.76 21.05 20.77
N ALA F 166 16.57 21.12 20.16
CA ALA F 166 15.79 19.91 19.91
C ALA F 166 15.01 20.01 18.60
N GLY F 167 14.37 21.16 18.40
CA GLY F 167 13.61 21.37 17.18
C GLY F 167 14.43 21.07 15.95
N LEU F 168 15.63 21.65 15.88
CA LEU F 168 16.50 21.43 14.74
C LEU F 168 16.88 19.96 14.59
N VAL F 169 16.88 19.22 15.70
CA VAL F 169 17.23 17.80 15.65
C VAL F 169 16.13 17.05 14.90
N GLY F 170 14.90 17.47 15.12
CA GLY F 170 13.78 16.84 14.44
C GLY F 170 13.89 17.06 12.94
N ILE F 171 14.20 18.29 12.55
CA ILE F 171 14.34 18.62 11.13
C ILE F 171 15.48 17.78 10.55
N GLY F 172 16.59 17.72 11.29
CA GLY F 172 17.73 16.96 10.84
C GLY F 172 17.34 15.52 10.57
N LEU F 173 16.81 14.86 11.59
CA LEU F 173 16.38 13.47 11.48
C LEU F 173 15.41 13.30 10.30
N SER F 174 14.49 14.24 10.15
CA SER F 174 13.51 14.17 9.08
C SER F 174 14.16 14.19 7.70
N ARG F 175 15.16 15.05 7.54
CA ARG F 175 15.87 15.17 6.27
C ARG F 175 16.68 13.91 5.99
N LEU F 176 17.20 13.30 7.05
CA LEU F 176 17.96 12.08 6.87
C LEU F 176 17.02 10.97 6.42
N PHE F 177 15.82 10.93 7.00
CA PHE F 177 14.86 9.90 6.61
C PHE F 177 14.60 10.01 5.11
N SER F 178 14.30 11.23 4.66
CA SER F 178 14.03 11.49 3.26
C SER F 178 15.24 11.24 2.37
N ALA F 179 16.38 11.77 2.78
CA ALA F 179 17.60 11.59 2.00
C ALA F 179 17.91 10.12 1.80
N SER F 180 17.62 9.29 2.80
CA SER F 180 17.86 7.85 2.70
C SER F 180 16.82 7.20 1.81
N GLU F 181 15.71 7.90 1.62
CA GLU F 181 14.61 7.44 0.78
C GLU F 181 13.72 6.38 1.39
N PHE F 182 13.94 6.07 2.66
CA PHE F 182 13.11 5.09 3.35
C PHE F 182 11.80 5.78 3.69
N GLU F 183 11.84 7.10 3.69
CA GLU F 183 10.67 7.92 3.95
C GLU F 183 10.49 8.87 2.77
N ASP F 184 9.23 9.19 2.48
CA ASP F 184 8.87 10.09 1.38
C ASP F 184 9.52 11.46 1.55
N PRO F 185 9.90 12.12 0.45
CA PRO F 185 10.52 13.45 0.54
C PRO F 185 9.67 14.47 1.31
N LEU F 186 8.37 14.20 1.42
CA LEU F 186 7.46 15.09 2.14
C LEU F 186 7.78 15.11 3.64
N VAL F 187 8.39 14.03 4.13
CA VAL F 187 8.75 13.97 5.55
C VAL F 187 9.79 15.05 5.85
N GLY F 188 10.90 15.04 5.12
CA GLY F 188 11.94 16.04 5.33
C GLY F 188 11.46 17.44 5.02
N GLU F 189 10.55 17.53 4.05
CA GLU F 189 9.98 18.81 3.61
C GLU F 189 9.25 19.57 4.73
N ASP F 190 8.41 18.87 5.48
CA ASP F 190 7.62 19.47 6.56
C ASP F 190 8.45 19.84 7.79
N THR F 191 9.19 20.94 7.70
CA THR F 191 10.03 21.37 8.81
C THR F 191 9.26 21.82 10.05
N GLU F 192 8.06 22.38 9.87
CA GLU F 192 7.32 22.84 11.03
C GLU F 192 6.86 21.75 11.97
N ARG F 193 6.34 20.64 11.43
CA ARG F 193 5.91 19.57 12.30
C ARG F 193 7.09 18.77 12.82
N ALA F 194 8.22 18.82 12.13
CA ALA F 194 9.41 18.12 12.57
C ALA F 194 9.96 18.92 13.75
N ASN F 195 9.82 20.25 13.64
CA ASN F 195 10.29 21.14 14.70
C ASN F 195 9.47 20.92 15.96
N SER F 196 8.16 20.77 15.79
CA SER F 196 7.27 20.54 16.92
C SER F 196 7.63 19.24 17.65
N MET F 197 7.98 18.21 16.89
CA MET F 197 8.34 16.93 17.49
C MET F 197 9.42 17.22 18.53
N GLY F 198 10.38 18.05 18.15
CA GLY F 198 11.47 18.42 19.04
C GLY F 198 11.04 19.28 20.22
N LEU F 199 10.30 20.34 19.95
CA LEU F 199 9.84 21.21 21.04
C LEU F 199 9.05 20.46 22.10
N PHE F 200 8.28 19.46 21.69
CA PHE F 200 7.49 18.68 22.64
C PHE F 200 8.40 17.90 23.59
N LEU F 201 9.40 17.23 23.06
CA LEU F 201 10.32 16.48 23.91
C LEU F 201 11.11 17.41 24.83
N GLN F 202 11.68 18.46 24.25
CA GLN F 202 12.49 19.42 25.02
C GLN F 202 11.71 20.09 26.14
N LYS F 203 10.50 20.56 25.85
CA LYS F 203 9.71 21.19 26.89
C LYS F 203 9.40 20.17 27.98
N THR F 204 9.06 18.95 27.57
CA THR F 204 8.75 17.88 28.51
C THR F 204 9.89 17.63 29.48
N ASN F 205 11.08 17.37 28.96
CA ASN F 205 12.25 17.11 29.80
C ASN F 205 12.54 18.28 30.73
N ILE F 206 12.41 19.49 30.23
CA ILE F 206 12.67 20.67 31.04
C ILE F 206 11.69 20.69 32.22
N ILE F 207 10.41 20.49 31.90
CA ILE F 207 9.36 20.47 32.92
C ILE F 207 9.68 19.40 33.97
N ARG F 208 10.12 18.24 33.50
CA ARG F 208 10.44 17.13 34.40
C ARG F 208 11.72 17.35 35.20
N ASP F 209 12.69 18.03 34.60
CA ASP F 209 13.96 18.26 35.28
C ASP F 209 14.10 19.59 35.98
N TYR F 210 13.03 20.10 36.56
CA TYR F 210 13.08 21.36 37.28
C TYR F 210 14.12 21.28 38.40
N LEU F 211 14.03 20.19 39.18
CA LEU F 211 14.93 19.97 40.31
C LEU F 211 16.38 19.75 39.91
N GLU F 212 16.64 18.85 38.98
CA GLU F 212 18.01 18.62 38.56
C GLU F 212 18.62 19.90 38.02
N ASP F 213 17.89 20.59 37.16
CA ASP F 213 18.38 21.84 36.61
C ASP F 213 18.56 22.89 37.70
N GLN F 214 18.01 22.61 38.88
CA GLN F 214 18.12 23.51 40.02
C GLN F 214 19.48 23.39 40.70
N GLN F 215 19.85 22.15 41.01
CA GLN F 215 21.12 21.86 41.65
C GLN F 215 22.25 21.93 40.63
N GLY F 216 22.03 22.70 39.57
CA GLY F 216 23.04 22.84 38.55
C GLY F 216 23.24 24.30 38.20
N GLY F 217 22.33 25.15 38.65
CA GLY F 217 22.42 26.57 38.39
C GLY F 217 21.88 26.95 37.03
N ARG F 218 21.19 26.02 36.38
CA ARG F 218 20.63 26.26 35.07
C ARG F 218 19.11 26.49 35.13
N GLU F 219 18.67 27.61 34.55
CA GLU F 219 17.25 27.94 34.52
C GLU F 219 16.72 27.85 33.10
N PHE F 220 15.68 27.03 32.91
CA PHE F 220 15.10 26.84 31.59
C PHE F 220 13.64 27.26 31.47
N TRP F 221 12.89 27.15 32.57
CA TRP F 221 11.48 27.54 32.57
C TRP F 221 11.36 29.00 32.14
N PRO F 222 10.40 29.32 31.24
CA PRO F 222 10.23 30.70 30.77
C PRO F 222 9.98 31.71 31.91
N GLN F 223 10.85 32.70 32.00
CA GLN F 223 10.79 33.73 33.03
C GLN F 223 9.41 34.37 33.19
N GLU F 224 8.83 34.81 32.08
CA GLU F 224 7.51 35.44 32.11
C GLU F 224 6.44 34.58 32.76
N VAL F 225 6.59 33.26 32.66
CA VAL F 225 5.61 32.36 33.24
C VAL F 225 5.77 32.15 34.73
N TRP F 226 6.98 31.76 35.17
CA TRP F 226 7.21 31.53 36.60
C TRP F 226 7.27 32.82 37.42
N SER F 227 7.86 33.87 36.87
CA SER F 227 7.98 35.12 37.59
C SER F 227 6.60 35.59 38.04
N ARG F 228 5.60 35.26 37.23
CA ARG F 228 4.22 35.64 37.52
C ARG F 228 3.63 34.83 38.67
N TYR F 229 4.47 33.99 39.29
CA TYR F 229 4.04 33.16 40.40
C TYR F 229 4.92 33.43 41.62
N VAL F 230 6.21 33.57 41.36
CA VAL F 230 7.20 33.84 42.40
C VAL F 230 8.28 34.74 41.79
N LYS F 231 9.09 35.38 42.63
CA LYS F 231 10.14 36.25 42.12
C LYS F 231 11.43 35.48 41.90
N LYS F 232 11.62 34.42 42.67
CA LYS F 232 12.82 33.59 42.52
C LYS F 232 12.38 32.27 41.90
N LEU F 233 12.84 31.98 40.68
CA LEU F 233 12.48 30.74 40.02
C LEU F 233 12.84 29.55 40.91
N GLY F 234 13.80 29.77 41.81
CA GLY F 234 14.20 28.71 42.70
C GLY F 234 13.21 28.56 43.85
N ASP F 235 12.27 29.49 43.94
CA ASP F 235 11.26 29.47 44.98
C ASP F 235 10.49 28.15 45.00
N PHE F 236 10.12 27.67 43.82
CA PHE F 236 9.37 26.42 43.71
C PHE F 236 10.01 25.25 44.45
N ALA F 237 11.25 25.42 44.86
CA ALA F 237 11.95 24.37 45.59
C ALA F 237 11.60 24.50 47.07
N LEU F 238 10.82 25.53 47.40
CA LEU F 238 10.40 25.81 48.77
C LEU F 238 8.95 25.36 49.00
N PRO F 239 8.73 24.48 49.99
CA PRO F 239 7.43 23.91 50.40
C PRO F 239 6.31 24.94 50.52
N GLU F 240 6.67 26.13 50.97
CA GLU F 240 5.73 27.23 51.17
C GLU F 240 5.13 27.75 49.86
N ASN F 241 5.77 27.41 48.74
CA ASN F 241 5.29 27.87 47.43
C ASN F 241 4.93 26.68 46.55
N ILE F 242 4.57 25.56 47.16
CA ILE F 242 4.23 24.36 46.43
C ILE F 242 3.02 24.59 45.51
N ASP F 243 1.95 25.15 46.06
CA ASP F 243 0.74 25.43 45.29
C ASP F 243 1.01 26.45 44.20
N LEU F 244 1.90 27.41 44.51
CA LEU F 244 2.28 28.44 43.56
C LEU F 244 3.03 27.74 42.44
N ALA F 245 3.76 26.69 42.81
CA ALA F 245 4.56 25.92 41.88
C ALA F 245 3.70 25.08 40.96
N VAL F 246 3.02 24.09 41.53
CA VAL F 246 2.16 23.21 40.76
C VAL F 246 1.34 23.99 39.74
N GLN F 247 0.91 25.20 40.12
CA GLN F 247 0.13 26.02 39.21
C GLN F 247 0.96 26.32 37.96
N CYS F 248 2.17 26.82 38.17
CA CYS F 248 3.06 27.15 37.07
C CYS F 248 3.32 25.89 36.25
N LEU F 249 3.45 24.76 36.95
CA LEU F 249 3.69 23.48 36.30
C LEU F 249 2.58 23.20 35.29
N ASN F 250 1.36 23.06 35.81
CA ASN F 250 0.22 22.78 34.95
C ASN F 250 0.15 23.75 33.79
N GLU F 251 0.53 25.00 34.03
CA GLU F 251 0.49 25.99 32.97
C GLU F 251 1.46 25.64 31.85
N LEU F 252 2.68 25.28 32.20
CA LEU F 252 3.69 24.92 31.21
C LEU F 252 3.28 23.64 30.49
N ILE F 253 2.80 22.66 31.25
CA ILE F 253 2.35 21.40 30.66
C ILE F 253 1.28 21.71 29.62
N THR F 254 0.33 22.56 30.00
CA THR F 254 -0.73 22.96 29.09
C THR F 254 -0.09 23.53 27.82
N ASN F 255 1.01 24.23 28.01
CA ASN F 255 1.74 24.84 26.90
C ASN F 255 2.28 23.76 25.96
N ALA F 256 2.91 22.73 26.53
CA ALA F 256 3.47 21.64 25.75
C ALA F 256 2.40 20.85 25.00
N LEU F 257 1.29 20.58 25.65
CA LEU F 257 0.21 19.82 25.04
C LEU F 257 -0.22 20.38 23.69
N HIS F 258 0.03 21.66 23.44
CA HIS F 258 -0.35 22.25 22.17
C HIS F 258 0.43 21.67 20.99
N HIS F 259 1.47 20.90 21.27
CA HIS F 259 2.27 20.30 20.20
C HIS F 259 1.77 18.93 19.77
N ILE F 260 0.90 18.31 20.57
CA ILE F 260 0.40 16.98 20.23
C ILE F 260 -0.25 16.88 18.85
N PRO F 261 -1.00 17.89 18.42
CA PRO F 261 -1.60 17.76 17.09
C PRO F 261 -0.54 17.62 15.99
N ASP F 262 0.56 18.35 16.14
CA ASP F 262 1.64 18.28 15.16
C ASP F 262 2.37 16.95 15.26
N VAL F 263 2.52 16.43 16.48
CA VAL F 263 3.19 15.15 16.67
C VAL F 263 2.37 14.07 15.98
N ILE F 264 1.06 14.09 16.22
CA ILE F 264 0.17 13.11 15.61
C ILE F 264 0.23 13.20 14.09
N THR F 265 0.20 14.44 13.57
CA THR F 265 0.26 14.65 12.13
C THR F 265 1.59 14.19 11.54
N TYR F 266 2.69 14.48 12.23
CA TYR F 266 4.01 14.08 11.76
C TYR F 266 4.13 12.56 11.68
N LEU F 267 3.76 11.89 12.78
CA LEU F 267 3.84 10.44 12.86
C LEU F 267 2.93 9.76 11.85
N SER F 268 1.81 10.39 11.53
CA SER F 268 0.84 9.83 10.59
C SER F 268 1.36 9.73 9.16
N ARG F 269 2.32 10.60 8.83
CA ARG F 269 2.90 10.62 7.50
C ARG F 269 3.91 9.48 7.27
N LEU F 270 4.63 9.10 8.32
CA LEU F 270 5.65 8.06 8.20
C LEU F 270 5.13 6.77 7.57
N ARG F 271 5.98 6.12 6.79
CA ARG F 271 5.63 4.87 6.10
C ARG F 271 6.61 3.73 6.40
N ASN F 272 7.77 4.05 6.95
CA ASN F 272 8.78 3.04 7.28
C ASN F 272 8.65 2.62 8.74
N GLN F 273 8.55 1.31 8.96
CA GLN F 273 8.39 0.78 10.31
C GLN F 273 9.53 1.11 11.27
N SER F 274 10.78 0.96 10.83
CA SER F 274 11.90 1.23 11.72
C SER F 274 11.93 2.72 12.10
N VAL F 275 11.59 3.58 11.14
CA VAL F 275 11.54 5.02 11.37
C VAL F 275 10.41 5.34 12.34
N PHE F 276 9.28 4.67 12.13
CA PHE F 276 8.11 4.89 12.98
C PHE F 276 8.38 4.56 14.44
N ASN F 277 9.00 3.41 14.70
CA ASN F 277 9.28 3.01 16.08
C ASN F 277 10.23 4.04 16.71
N PHE F 278 11.22 4.45 15.94
CA PHE F 278 12.20 5.42 16.40
C PHE F 278 11.56 6.76 16.77
N CYS F 279 10.63 7.22 15.93
CA CYS F 279 9.96 8.50 16.16
C CYS F 279 8.86 8.46 17.21
N ALA F 280 8.04 7.41 17.18
CA ALA F 280 6.90 7.27 18.08
C ALA F 280 7.21 6.96 19.56
N ILE F 281 8.10 6.00 19.81
CA ILE F 281 8.43 5.62 21.18
C ILE F 281 8.74 6.84 22.05
N PRO F 282 9.69 7.69 21.62
CA PRO F 282 10.06 8.88 22.41
C PRO F 282 8.90 9.82 22.67
N GLN F 283 8.06 10.02 21.65
CA GLN F 283 6.91 10.92 21.80
C GLN F 283 5.92 10.37 22.83
N VAL F 284 5.73 9.06 22.83
CA VAL F 284 4.82 8.43 23.76
C VAL F 284 5.37 8.55 25.18
N MET F 285 6.67 8.31 25.33
CA MET F 285 7.29 8.41 26.64
C MET F 285 7.15 9.85 27.14
N ALA F 286 7.31 10.81 26.24
CA ALA F 286 7.19 12.21 26.62
C ALA F 286 5.77 12.46 27.14
N ILE F 287 4.77 11.98 26.39
CA ILE F 287 3.38 12.17 26.78
C ILE F 287 3.10 11.50 28.12
N ALA F 288 3.62 10.29 28.30
CA ALA F 288 3.41 9.56 29.55
C ALA F 288 4.03 10.33 30.71
N THR F 289 5.10 11.09 30.42
CA THR F 289 5.78 11.87 31.45
C THR F 289 4.95 13.10 31.81
N LEU F 290 4.40 13.77 30.81
CA LEU F 290 3.58 14.94 31.08
C LEU F 290 2.38 14.48 31.90
N ALA F 291 1.87 13.30 31.58
CA ALA F 291 0.72 12.76 32.29
C ALA F 291 1.07 12.59 33.76
N ALA F 292 2.20 11.94 34.02
CA ALA F 292 2.66 11.70 35.38
C ALA F 292 2.98 12.99 36.14
N CYS F 293 3.44 14.00 35.43
CA CYS F 293 3.80 15.27 36.04
C CYS F 293 2.67 16.27 36.25
N TYR F 294 1.53 16.09 35.57
CA TYR F 294 0.45 17.05 35.74
C TYR F 294 -0.08 17.11 37.15
N ASN F 295 -0.17 18.34 37.68
CA ASN F 295 -0.67 18.58 39.04
C ASN F 295 -0.05 17.59 40.01
N ASN F 296 1.28 17.51 40.00
CA ASN F 296 1.99 16.58 40.87
C ASN F 296 3.09 17.31 41.66
N GLN F 297 2.97 17.31 42.98
CA GLN F 297 3.95 17.95 43.83
C GLN F 297 5.33 17.33 43.65
N GLN F 298 5.37 16.01 43.57
CA GLN F 298 6.62 15.28 43.41
C GLN F 298 7.62 15.94 42.46
N VAL F 299 7.12 16.61 41.44
CA VAL F 299 7.99 17.29 40.46
C VAL F 299 9.04 18.18 41.12
N PHE F 300 8.71 18.69 42.30
CA PHE F 300 9.61 19.58 43.03
C PHE F 300 10.32 18.88 44.19
N LYS F 301 10.25 17.55 44.23
CA LYS F 301 10.87 16.80 45.31
C LYS F 301 11.72 15.64 44.80
N GLY F 302 11.82 15.51 43.49
CA GLY F 302 12.62 14.44 42.91
C GLY F 302 11.89 13.70 41.79
N ALA F 303 12.65 13.03 40.92
CA ALA F 303 12.10 12.28 39.80
C ALA F 303 10.73 11.67 40.07
N VAL F 304 9.89 11.64 39.05
CA VAL F 304 8.54 11.09 39.18
C VAL F 304 8.44 9.68 38.58
N LEU F 305 7.45 8.94 39.06
CA LEU F 305 7.20 7.57 38.58
C LEU F 305 6.37 7.65 37.30
N ILE F 306 6.47 6.62 36.47
CA ILE F 306 5.73 6.56 35.22
C ILE F 306 4.66 5.46 35.34
N ARG F 307 3.63 5.80 36.10
CA ARG F 307 2.50 4.90 36.39
C ARG F 307 2.01 4.05 35.22
N LEU F 308 1.11 3.12 35.54
CA LEU F 308 0.53 2.20 34.56
C LEU F 308 -0.58 2.79 33.71
N GLY F 309 -0.85 2.17 32.57
CA GLY F 309 -1.90 2.61 31.68
C GLY F 309 -3.03 1.60 31.81
N GLN F 310 -3.82 1.44 30.76
CA GLN F 310 -4.93 0.49 30.81
C GLN F 310 -4.75 -0.60 29.74
N ALA F 311 -5.54 -1.66 29.86
CA ALA F 311 -5.46 -2.79 28.93
C ALA F 311 -5.58 -2.41 27.46
N VAL F 312 -6.51 -1.51 27.14
CA VAL F 312 -6.71 -1.06 25.76
C VAL F 312 -5.55 -0.22 25.26
N THR F 313 -4.34 -0.68 25.59
CA THR F 313 -3.10 -0.04 25.18
C THR F 313 -1.95 -0.98 25.55
N LEU F 314 -2.01 -1.54 26.76
CA LEU F 314 -0.99 -2.46 27.22
C LEU F 314 -1.27 -3.79 26.52
N MET F 315 -2.14 -3.71 25.51
CA MET F 315 -2.52 -4.84 24.68
C MET F 315 -2.06 -4.49 23.27
N MET F 316 -1.41 -3.34 23.16
CA MET F 316 -0.89 -2.84 21.90
C MET F 316 0.31 -1.91 22.10
N ASP F 317 1.44 -2.28 21.49
CA ASP F 317 2.65 -1.47 21.59
C ASP F 317 2.44 -0.15 20.85
N ALA F 318 3.49 0.66 20.76
CA ALA F 318 3.40 1.93 20.06
C ALA F 318 4.04 1.77 18.69
N THR F 319 3.68 0.71 17.98
CA THR F 319 4.27 0.44 16.68
C THR F 319 3.37 0.61 15.46
N ASN F 320 2.16 1.12 15.67
CA ASN F 320 1.24 1.41 14.57
C ASN F 320 0.49 2.67 14.95
N MET F 321 0.27 3.55 13.99
CA MET F 321 -0.38 4.83 14.25
C MET F 321 -1.68 4.76 15.04
N PRO F 322 -2.62 3.88 14.66
CA PRO F 322 -3.86 3.82 15.42
C PRO F 322 -3.60 3.51 16.89
N ALA F 323 -2.66 2.60 17.15
CA ALA F 323 -2.31 2.24 18.53
C ALA F 323 -1.69 3.47 19.21
N VAL F 324 -0.80 4.16 18.51
CA VAL F 324 -0.19 5.35 19.09
C VAL F 324 -1.26 6.39 19.41
N LYS F 325 -2.25 6.55 18.53
CA LYS F 325 -3.32 7.51 18.78
C LYS F 325 -4.08 7.14 20.05
N ALA F 326 -4.50 5.88 20.14
CA ALA F 326 -5.24 5.41 21.30
C ALA F 326 -4.44 5.65 22.59
N ILE F 327 -3.16 5.32 22.54
CA ILE F 327 -2.29 5.52 23.70
C ILE F 327 -2.27 7.00 24.08
N ILE F 328 -2.10 7.86 23.08
CA ILE F 328 -2.08 9.29 23.34
C ILE F 328 -3.40 9.78 23.90
N TYR F 329 -4.50 9.38 23.27
CA TYR F 329 -5.81 9.79 23.74
C TYR F 329 -6.04 9.35 25.19
N GLN F 330 -5.52 8.18 25.53
CA GLN F 330 -5.68 7.64 26.87
C GLN F 330 -4.97 8.53 27.89
N TYR F 331 -3.74 8.94 27.57
CA TYR F 331 -3.00 9.80 28.47
C TYR F 331 -3.69 11.15 28.59
N MET F 332 -4.28 11.63 27.51
CA MET F 332 -4.98 12.90 27.54
C MET F 332 -6.10 12.84 28.57
N GLU F 333 -6.72 11.68 28.72
CA GLU F 333 -7.79 11.53 29.68
C GLU F 333 -7.26 11.53 31.10
N GLU F 334 -6.11 10.90 31.31
CA GLU F 334 -5.52 10.87 32.64
C GLU F 334 -5.26 12.29 33.14
N ILE F 335 -4.97 13.19 32.20
CA ILE F 335 -4.72 14.59 32.56
C ILE F 335 -6.06 15.25 32.86
N TYR F 336 -6.96 15.16 31.87
CA TYR F 336 -8.29 15.75 31.95
C TYR F 336 -9.07 15.37 33.21
N HIS F 337 -9.04 14.10 33.57
CA HIS F 337 -9.76 13.63 34.75
C HIS F 337 -9.22 14.24 36.04
N ARG F 338 -7.94 14.60 36.03
CA ARG F 338 -7.32 15.17 37.23
C ARG F 338 -7.11 16.68 37.20
N ILE F 339 -7.83 17.38 36.33
CA ILE F 339 -7.69 18.83 36.26
C ILE F 339 -8.45 19.43 37.45
N PRO F 340 -7.77 20.25 38.27
CA PRO F 340 -8.41 20.88 39.42
C PRO F 340 -9.18 22.13 39.00
N ASP F 341 -10.47 22.18 39.32
CA ASP F 341 -11.32 23.31 38.99
C ASP F 341 -10.64 24.63 39.36
N SER F 342 -9.88 24.60 40.45
CA SER F 342 -9.19 25.76 41.00
C SER F 342 -7.88 26.16 40.34
N ASN F 343 -7.49 25.48 39.27
CA ASN F 343 -6.25 25.82 38.57
C ASN F 343 -6.51 26.94 37.58
N PRO F 344 -5.63 27.95 37.56
CA PRO F 344 -5.70 29.13 36.69
C PRO F 344 -5.61 28.85 35.19
N SER F 345 -5.26 27.61 34.83
CA SER F 345 -5.12 27.22 33.43
C SER F 345 -6.13 26.15 33.04
N SER F 346 -6.84 25.60 34.02
CA SER F 346 -7.82 24.54 33.81
C SER F 346 -8.61 24.64 32.50
N SER F 347 -9.19 25.81 32.24
CA SER F 347 -9.98 26.02 31.04
C SER F 347 -9.18 25.77 29.76
N LYS F 348 -7.96 26.32 29.73
CA LYS F 348 -7.08 26.18 28.58
C LYS F 348 -6.65 24.72 28.39
N THR F 349 -6.42 24.03 29.51
CA THR F 349 -6.00 22.64 29.47
C THR F 349 -7.11 21.83 28.81
N ARG F 350 -8.33 21.99 29.31
CA ARG F 350 -9.48 21.29 28.76
C ARG F 350 -9.65 21.67 27.29
N GLN F 351 -9.39 22.93 26.99
CA GLN F 351 -9.51 23.44 25.64
C GLN F 351 -8.59 22.71 24.65
N ILE F 352 -7.32 22.59 24.98
CA ILE F 352 -6.40 21.92 24.08
C ILE F 352 -6.67 20.42 24.01
N ILE F 353 -7.06 19.83 25.14
CA ILE F 353 -7.35 18.41 25.16
C ILE F 353 -8.60 18.14 24.31
N SER F 354 -9.56 19.06 24.39
CA SER F 354 -10.79 18.94 23.62
C SER F 354 -10.46 18.98 22.14
N THR F 355 -9.53 19.86 21.77
CA THR F 355 -9.10 20.02 20.39
C THR F 355 -8.41 18.77 19.87
N ILE F 356 -7.63 18.13 20.75
CA ILE F 356 -6.92 16.92 20.40
C ILE F 356 -7.90 15.77 20.19
N ARG F 357 -8.93 15.71 21.03
CA ARG F 357 -9.96 14.67 20.95
C ARG F 357 -10.83 14.74 19.71
N THR F 358 -11.24 15.95 19.34
CA THR F 358 -12.13 16.17 18.21
C THR F 358 -11.50 16.19 16.82
N GLN F 359 -10.24 16.59 16.72
CA GLN F 359 -9.56 16.63 15.42
C GLN F 359 -9.44 15.25 14.77
#